data_3QQM
#
_entry.id   3QQM
#
_cell.length_a   116.178
_cell.length_b   215.574
_cell.length_c   81.875
_cell.angle_alpha   90.000
_cell.angle_beta   90.000
_cell.angle_gamma   90.000
#
_symmetry.space_group_name_H-M   'P 21 21 2'
#
loop_
_entity.id
_entity.type
_entity.pdbx_description
1 polymer 'Mlr3007 protein'
2 non-polymer 'IODIDE ION'
3 non-polymer 'CHLORIDE ION'
4 non-polymer 1,2-ETHANEDIOL
5 non-polymer DI(HYDROXYETHYL)ETHER
6 water water
#
_entity_poly.entity_id   1
_entity_poly.type   'polypeptide(L)'
_entity_poly.pdbx_seq_one_letter_code
;G(MSE)PAQSPLRDGDTADFELIET(MSE)RWQPGTSFLRFDRHLARLYGSAAELGFACDPQRIAEVLSDALDGARTA
(MSE)RTRLALARNGDATASAQPYEPLAADKVWILRLARTRLDSQNTLLRH(LLP)TSRRQLYTHARSEYLVTQADEVLL
ANERGEICEGTITNVFADFGDGVLATPRLDCGLLPGVLRAELLDEGRAEEAIYSYDDLKSAKALFVGNSLRGLIPAKLV
;
_entity_poly.pdbx_strand_id   A,B,C,D,E,F,G,H
#
# COMPACT_ATOMS: atom_id res chain seq x y z
N PRO A 7 23.62 28.36 -4.51
CA PRO A 7 24.40 29.54 -4.97
C PRO A 7 24.11 30.78 -4.11
N LEU A 8 22.83 31.03 -3.85
CA LEU A 8 22.42 32.11 -2.94
C LEU A 8 22.72 31.66 -1.50
N ARG A 9 22.56 30.36 -1.22
CA ARG A 9 22.81 29.79 0.11
C ARG A 9 24.30 29.51 0.44
N ASP A 10 25.19 29.62 -0.56
CA ASP A 10 26.65 29.38 -0.36
C ASP A 10 27.49 30.55 -0.92
N GLY A 11 27.11 31.78 -0.54
CA GLY A 11 27.81 33.00 -0.99
C GLY A 11 29.05 33.35 -0.15
N ASP A 12 29.31 32.53 0.88
CA ASP A 12 30.47 32.73 1.79
C ASP A 12 31.73 31.91 1.39
N THR A 13 31.54 30.65 0.97
CA THR A 13 32.65 29.77 0.50
C THR A 13 32.91 30.02 -1.00
N ALA A 14 31.82 30.19 -1.76
CA ALA A 14 31.87 30.46 -3.19
C ALA A 14 31.82 31.99 -3.45
N ASP A 15 31.70 32.38 -4.71
CA ASP A 15 31.60 33.77 -5.08
C ASP A 15 30.21 34.23 -4.63
N PHE A 16 29.93 35.52 -4.67
CA PHE A 16 28.61 35.99 -4.23
C PHE A 16 27.78 36.57 -5.39
N GLU A 17 26.51 36.82 -5.12
CA GLU A 17 25.61 37.40 -6.07
C GLU A 17 25.04 38.67 -5.48
N LEU A 18 24.62 39.59 -6.34
CA LEU A 18 23.97 40.82 -5.89
C LEU A 18 22.49 40.50 -5.80
N ILE A 19 21.85 41.06 -4.80
CA ILE A 19 20.45 40.82 -4.52
C ILE A 19 19.63 42.09 -4.30
N GLU A 20 18.38 42.06 -4.75
CA GLU A 20 17.41 43.15 -4.54
C GLU A 20 16.07 42.49 -4.22
N THR A 21 15.45 42.94 -3.12
CA THR A 21 14.19 42.42 -2.68
C THR A 21 13.23 43.60 -2.66
N ARG A 23 8.92 45.14 -3.36
CA ARG A 23 7.50 44.91 -3.30
C ARG A 23 6.89 45.42 -4.59
N TRP A 24 6.31 44.53 -5.36
CA TRP A 24 5.61 44.91 -6.58
C TRP A 24 4.17 45.19 -6.21
N GLN A 25 3.59 46.24 -6.77
CA GLN A 25 2.22 46.59 -6.49
C GLN A 25 1.48 46.80 -7.80
N PRO A 26 0.21 46.36 -7.87
CA PRO A 26 -0.60 46.53 -9.04
C PRO A 26 -0.63 47.98 -9.53
N GLY A 27 -0.40 48.19 -10.82
CA GLY A 27 -0.43 49.52 -11.41
C GLY A 27 0.85 50.32 -11.30
N THR A 28 1.36 50.46 -10.08
CA THR A 28 2.58 51.24 -9.83
C THR A 28 3.89 50.43 -9.86
N SER A 29 3.79 49.12 -10.13
CA SER A 29 4.94 48.24 -10.22
C SER A 29 5.81 48.22 -8.93
N PHE A 30 7.12 48.09 -9.06
CA PHE A 30 7.98 47.96 -7.87
C PHE A 30 8.10 49.23 -7.07
N LEU A 31 7.86 49.12 -5.78
CA LEU A 31 7.98 50.26 -4.91
C LEU A 31 9.49 50.63 -4.86
N ARG A 32 9.78 51.94 -5.03
CA ARG A 32 11.16 52.43 -4.98
C ARG A 32 12.04 51.75 -6.04
N PHE A 33 11.43 51.43 -7.19
CA PHE A 33 12.09 50.72 -8.27
C PHE A 33 13.38 51.37 -8.70
N ASP A 34 13.37 52.67 -8.95
CA ASP A 34 14.58 53.33 -9.40
C ASP A 34 15.69 53.27 -8.34
N ARG A 35 15.35 53.43 -7.08
CA ARG A 35 16.36 53.31 -6.07
C ARG A 35 16.99 51.91 -6.10
N HIS A 36 16.17 50.86 -6.27
CA HIS A 36 16.68 49.48 -6.31
C HIS A 36 17.64 49.24 -7.48
N LEU A 37 17.26 49.69 -8.67
CA LEU A 37 18.08 49.52 -9.84
C LEU A 37 19.37 50.39 -9.73
N ALA A 38 19.24 51.58 -9.17
CA ALA A 38 20.41 52.45 -8.99
C ALA A 38 21.43 51.70 -8.16
N ARG A 39 21.00 51.13 -7.04
CA ARG A 39 21.89 50.37 -6.19
C ARG A 39 22.48 49.16 -6.89
N LEU A 40 21.63 48.32 -7.48
CA LEU A 40 22.07 47.11 -8.18
C LEU A 40 23.04 47.44 -9.32
N TYR A 41 22.70 48.41 -10.15
CA TYR A 41 23.57 48.74 -11.26
C TYR A 41 24.87 49.39 -10.77
N GLY A 42 24.78 50.20 -9.73
CA GLY A 42 25.96 50.85 -9.17
C GLY A 42 26.92 49.80 -8.60
N SER A 43 26.38 48.86 -7.82
CA SER A 43 27.20 47.81 -7.24
C SER A 43 27.81 46.91 -8.31
N ALA A 44 27.03 46.53 -9.32
CA ALA A 44 27.54 45.66 -10.35
C ALA A 44 28.75 46.34 -11.03
N ALA A 45 28.61 47.65 -11.25
CA ALA A 45 29.67 48.42 -11.84
C ALA A 45 30.91 48.48 -10.93
N GLU A 46 30.73 48.72 -9.64
CA GLU A 46 31.88 48.79 -8.73
C GLU A 46 32.56 47.46 -8.45
N LEU A 47 31.78 46.39 -8.46
CA LEU A 47 32.29 45.07 -8.11
C LEU A 47 32.75 44.21 -9.28
N GLY A 48 32.55 44.69 -10.51
CA GLY A 48 32.95 43.95 -11.70
C GLY A 48 31.97 42.93 -12.18
N PHE A 49 30.69 43.12 -11.91
CA PHE A 49 29.67 42.17 -12.38
C PHE A 49 29.17 42.51 -13.79
N ALA A 50 29.07 41.52 -14.67
CA ALA A 50 28.49 41.77 -15.99
C ALA A 50 27.03 42.05 -15.66
N CYS A 51 26.45 43.06 -16.27
CA CYS A 51 25.06 43.43 -16.00
C CYS A 51 24.38 44.01 -17.23
N ASP A 52 23.42 43.28 -17.76
CA ASP A 52 22.70 43.69 -18.97
C ASP A 52 21.27 44.11 -18.56
N PRO A 53 21.01 45.43 -18.52
CA PRO A 53 19.70 45.93 -18.11
C PRO A 53 18.51 45.37 -18.90
N GLN A 54 18.72 45.06 -20.18
CA GLN A 54 17.66 44.53 -21.02
C GLN A 54 17.26 43.15 -20.47
N ARG A 55 18.25 42.40 -20.03
CA ARG A 55 18.04 41.07 -19.45
C ARG A 55 17.36 41.15 -18.06
N ILE A 56 17.74 42.16 -17.28
CA ILE A 56 17.14 42.37 -15.97
C ILE A 56 15.66 42.66 -16.17
N ALA A 57 15.33 43.55 -17.10
CA ALA A 57 13.94 43.88 -17.41
C ALA A 57 13.18 42.64 -17.88
N GLU A 58 13.84 41.76 -18.64
CA GLU A 58 13.21 40.54 -19.13
C GLU A 58 12.83 39.63 -18.00
N VAL A 59 13.76 39.31 -17.10
CA VAL A 59 13.43 38.40 -16.00
C VAL A 59 12.36 38.99 -15.06
N LEU A 60 12.43 40.29 -14.78
CA LEU A 60 11.44 40.93 -13.91
C LEU A 60 10.04 40.89 -14.57
N SER A 61 9.97 41.25 -15.85
CA SER A 61 8.71 41.23 -16.60
C SER A 61 8.11 39.81 -16.59
N ASP A 62 8.91 38.80 -16.88
CA ASP A 62 8.40 37.40 -16.85
C ASP A 62 7.95 36.96 -15.47
N ALA A 63 8.69 37.33 -14.43
CA ALA A 63 8.34 36.95 -13.05
C ALA A 63 7.01 37.56 -12.59
N LEU A 64 6.73 38.77 -13.06
CA LEU A 64 5.51 39.48 -12.67
C LEU A 64 4.37 39.40 -13.68
N ASP A 65 4.56 38.62 -14.73
CA ASP A 65 3.52 38.46 -15.73
C ASP A 65 2.25 37.85 -15.09
N GLY A 66 1.14 38.59 -15.14
CA GLY A 66 -0.15 38.10 -14.63
C GLY A 66 -0.36 38.33 -13.16
N ALA A 67 0.59 38.96 -12.49
CA ALA A 67 0.45 39.21 -11.08
C ALA A 67 -0.79 40.08 -10.83
N ARG A 68 -1.64 39.66 -9.90
CA ARG A 68 -2.89 40.36 -9.61
C ARG A 68 -2.85 41.13 -8.30
N THR A 69 -1.97 40.74 -7.40
CA THR A 69 -1.81 41.40 -6.10
C THR A 69 -0.33 41.63 -5.79
N ALA A 70 -0.07 42.40 -4.72
CA ALA A 70 1.31 42.71 -4.28
C ALA A 70 2.17 41.44 -4.21
N ARG A 72 6.27 39.82 -3.36
CA ARG A 72 7.63 39.98 -2.87
C ARG A 72 8.42 39.46 -4.03
N THR A 73 9.36 40.27 -4.51
CA THR A 73 10.15 39.94 -5.65
C THR A 73 11.62 39.93 -5.32
N ARG A 74 12.30 38.82 -5.60
CA ARG A 74 13.72 38.73 -5.36
C ARG A 74 14.46 38.68 -6.69
N LEU A 75 15.33 39.66 -6.91
CA LEU A 75 16.16 39.76 -8.12
C LEU A 75 17.59 39.44 -7.71
N ALA A 76 18.26 38.56 -8.46
CA ALA A 76 19.65 38.17 -8.16
C ALA A 76 20.52 38.22 -9.41
N LEU A 77 21.76 38.67 -9.23
CA LEU A 77 22.73 38.79 -10.31
C LEU A 77 24.07 38.14 -9.94
N ALA A 78 24.54 37.27 -10.81
CA ALA A 78 25.84 36.61 -10.66
C ALA A 78 26.87 37.40 -11.47
N ARG A 79 28.13 37.30 -11.04
CA ARG A 79 29.24 38.00 -11.68
C ARG A 79 29.32 37.77 -13.20
N ASN A 80 28.91 36.61 -13.67
CA ASN A 80 28.91 36.34 -15.10
C ASN A 80 27.73 36.98 -15.86
N GLY A 81 26.86 37.72 -15.14
CA GLY A 81 25.68 38.35 -15.77
C GLY A 81 24.41 37.51 -15.68
N ASP A 82 24.51 36.25 -15.23
CA ASP A 82 23.33 35.38 -15.06
C ASP A 82 22.43 36.06 -14.05
N ALA A 83 21.13 36.02 -14.31
CA ALA A 83 20.13 36.65 -13.45
C ALA A 83 18.86 35.86 -13.24
N THR A 84 18.25 36.05 -12.08
CA THR A 84 17.01 35.42 -11.75
C THR A 84 16.09 36.40 -11.06
N ALA A 85 14.80 36.15 -11.21
CA ALA A 85 13.76 36.94 -10.56
C ALA A 85 12.68 35.95 -10.10
N SER A 86 12.31 36.06 -8.82
CA SER A 86 11.29 35.24 -8.23
C SER A 86 10.25 36.13 -7.57
N ALA A 87 8.98 35.83 -7.83
CA ALA A 87 7.87 36.56 -7.25
C ALA A 87 6.89 35.63 -6.53
N GLN A 88 6.48 36.03 -5.34
CA GLN A 88 5.51 35.30 -4.55
C GLN A 88 4.65 36.32 -3.84
N PRO A 89 3.41 35.98 -3.48
CA PRO A 89 2.54 36.97 -2.84
C PRO A 89 3.14 37.63 -1.61
N TYR A 90 3.03 38.96 -1.55
CA TYR A 90 3.51 39.72 -0.41
C TYR A 90 2.52 39.52 0.74
N GLU A 91 3.04 39.25 1.93
CA GLU A 91 2.17 39.03 3.11
C GLU A 91 2.41 40.17 4.06
N PRO A 92 1.62 41.22 3.95
CA PRO A 92 1.94 42.32 4.85
C PRO A 92 1.77 42.00 6.32
N LEU A 93 2.47 42.75 7.18
CA LEU A 93 2.33 42.59 8.62
C LEU A 93 1.06 43.33 9.02
N ALA A 94 0.35 42.82 10.03
CA ALA A 94 -0.85 43.52 10.56
C ALA A 94 -0.36 44.89 11.07
N ALA A 95 -1.22 45.91 10.96
CA ALA A 95 -0.86 47.29 11.38
C ALA A 95 -0.46 47.42 12.84
N ASP A 96 -1.06 46.57 13.69
CA ASP A 96 -0.78 46.62 15.13
CA ASP A 96 -0.79 46.58 15.14
C ASP A 96 0.41 45.72 15.54
N LYS A 97 1.07 45.09 14.57
CA LYS A 97 2.19 44.22 14.86
C LYS A 97 3.44 45.01 15.29
N VAL A 98 4.01 44.62 16.43
CA VAL A 98 5.24 45.23 16.92
C VAL A 98 6.30 44.15 17.00
N TRP A 99 7.42 44.35 16.31
CA TRP A 99 8.55 43.42 16.30
C TRP A 99 9.46 43.58 17.51
N ILE A 100 9.80 42.44 18.12
CA ILE A 100 10.68 42.40 19.27
CA ILE A 100 10.68 42.43 19.27
C ILE A 100 12.10 42.31 18.75
N LEU A 101 12.99 43.17 19.27
CA LEU A 101 14.38 43.17 18.86
C LEU A 101 15.27 42.72 19.98
N ARG A 102 16.38 42.07 19.61
CA ARG A 102 17.42 41.64 20.55
C ARG A 102 18.78 41.95 19.91
N LEU A 103 19.81 42.05 20.75
CA LEU A 103 21.16 42.33 20.30
C LEU A 103 21.97 41.06 20.14
N ALA A 104 22.54 40.89 18.96
CA ALA A 104 23.38 39.74 18.71
C ALA A 104 24.75 40.01 19.27
N ARG A 105 25.45 38.94 19.64
CA ARG A 105 26.83 39.04 20.13
CA ARG A 105 26.80 39.06 20.12
C ARG A 105 27.69 39.13 18.87
N THR A 106 27.15 38.65 17.76
CA THR A 106 27.82 38.69 16.47
C THR A 106 28.07 40.16 16.12
N ARG A 107 29.32 40.52 15.92
CA ARG A 107 29.67 41.91 15.58
CA ARG A 107 29.72 41.91 15.58
C ARG A 107 30.12 42.10 14.12
N LEU A 108 29.83 43.27 13.59
CA LEU A 108 30.21 43.65 12.25
C LEU A 108 31.52 44.44 12.36
N ASP A 109 32.29 44.40 11.28
CA ASP A 109 33.54 45.11 11.18
C ASP A 109 33.31 46.35 10.29
N SER A 110 33.46 47.54 10.88
CA SER A 110 33.21 48.77 10.14
C SER A 110 34.08 48.95 8.91
N GLN A 111 35.21 48.24 8.84
CA GLN A 111 36.12 48.34 7.70
C GLN A 111 35.76 47.38 6.55
N ASN A 112 34.78 46.52 6.77
CA ASN A 112 34.36 45.55 5.75
C ASN A 112 33.54 46.33 4.69
N THR A 113 34.17 46.63 3.55
CA THR A 113 33.57 47.41 2.45
C THR A 113 32.42 46.69 1.77
N LEU A 114 32.39 45.36 1.88
CA LEU A 114 31.32 44.58 1.23
C LEU A 114 30.00 44.80 1.93
N LEU A 115 30.01 45.32 3.17
CA LEU A 115 28.73 45.56 3.88
C LEU A 115 27.84 46.60 3.16
N ARG A 116 28.41 47.45 2.31
CA ARG A 116 27.59 48.44 1.62
C ARG A 116 26.95 47.93 0.32
N HIS A 117 27.05 46.63 0.07
CA HIS A 117 26.43 46.01 -1.08
C HIS A 117 25.52 44.89 -0.57
N THR A 119 24.45 41.56 -0.94
CA THR A 119 24.91 40.33 -1.58
C THR A 119 24.51 39.05 -0.83
N SER A 120 24.81 37.91 -1.45
CA SER A 120 24.51 36.61 -0.91
C SER A 120 25.52 36.17 0.13
N ARG A 121 26.56 36.97 0.37
CA ARG A 121 27.58 36.66 1.38
C ARG A 121 27.05 37.09 2.73
N ARG A 122 26.08 36.34 3.25
CA ARG A 122 25.39 36.69 4.48
C ARG A 122 25.76 35.95 5.76
N GLN A 123 26.95 35.37 5.80
CA GLN A 123 27.43 34.64 6.96
C GLN A 123 27.16 35.33 8.31
N LEU A 124 27.59 36.58 8.43
CA LEU A 124 27.44 37.33 9.68
C LEU A 124 25.98 37.48 10.11
N TYR A 125 25.12 37.80 9.15
CA TYR A 125 23.70 38.00 9.43
C TYR A 125 23.00 36.68 9.72
N THR A 126 23.30 35.65 8.94
CA THR A 126 22.73 34.33 9.19
C THR A 126 23.16 33.86 10.60
N HIS A 127 24.39 34.13 10.98
CA HIS A 127 24.87 33.71 12.30
C HIS A 127 24.13 34.49 13.42
N ALA A 128 23.93 35.79 13.20
CA ALA A 128 23.25 36.64 14.17
C ALA A 128 21.84 36.15 14.34
N ARG A 129 21.17 35.89 13.22
CA ARG A 129 19.80 35.38 13.23
C ARG A 129 19.68 34.04 13.98
N SER A 130 20.69 33.18 13.84
CA SER A 130 20.64 31.88 14.49
C SER A 130 20.82 31.96 16.03
N GLU A 131 21.23 33.11 16.55
CA GLU A 131 21.40 33.27 17.98
C GLU A 131 20.09 33.28 18.77
N TYR A 132 18.98 33.64 18.10
CA TYR A 132 17.70 33.75 18.74
C TYR A 132 16.57 33.06 17.98
N LEU A 133 15.60 32.53 18.72
CA LEU A 133 14.42 31.90 18.14
C LEU A 133 13.46 32.99 17.71
N VAL A 134 12.55 32.66 16.78
CA VAL A 134 11.58 33.65 16.28
C VAL A 134 10.78 34.23 17.45
N THR A 135 10.48 33.39 18.46
CA THR A 135 9.72 33.82 19.64
C THR A 135 10.53 34.72 20.60
N GLN A 136 11.85 34.76 20.41
CA GLN A 136 12.73 35.61 21.23
C GLN A 136 13.00 36.95 20.53
N ALA A 137 13.01 36.95 19.20
CA ALA A 137 13.25 38.15 18.42
C ALA A 137 12.72 38.04 16.99
N ASP A 138 11.92 39.00 16.59
CA ASP A 138 11.40 39.05 15.24
C ASP A 138 12.54 39.54 14.35
N GLU A 139 13.43 40.35 14.95
CA GLU A 139 14.62 40.87 14.26
C GLU A 139 15.77 40.99 15.24
N VAL A 140 16.97 40.77 14.73
CA VAL A 140 18.19 40.80 15.51
C VAL A 140 19.07 41.92 15.04
N LEU A 141 19.52 42.76 15.98
CA LEU A 141 20.40 43.85 15.63
C LEU A 141 21.85 43.45 15.85
N LEU A 142 22.73 44.06 15.05
CA LEU A 142 24.17 43.87 15.15
C LEU A 142 24.85 45.22 15.36
N ALA A 143 25.88 45.22 16.20
CA ALA A 143 26.69 46.40 16.47
C ALA A 143 28.08 46.15 15.90
N ASN A 144 28.91 47.19 15.82
CA ASN A 144 30.27 47.07 15.29
C ASN A 144 31.33 47.02 16.40
N GLU A 145 32.62 47.12 16.02
CA GLU A 145 33.73 47.02 17.01
C GLU A 145 33.77 48.13 18.05
N ARG A 146 32.98 49.17 17.84
CA ARG A 146 32.88 50.31 18.77
C ARG A 146 31.53 50.33 19.50
N GLY A 147 30.81 49.20 19.43
CA GLY A 147 29.52 49.04 20.10
C GLY A 147 28.40 49.93 19.60
N GLU A 148 28.54 50.39 18.37
CA GLU A 148 27.56 51.23 17.74
C GLU A 148 26.62 50.35 16.95
N ILE A 149 25.32 50.54 17.15
CA ILE A 149 24.34 49.79 16.45
C ILE A 149 24.46 50.15 15.00
N CYS A 150 24.39 49.13 14.14
CA CYS A 150 24.46 49.36 12.72
C CYS A 150 23.11 49.12 11.99
N GLU A 151 22.58 47.92 12.15
CA GLU A 151 21.38 47.51 11.43
C GLU A 151 20.87 46.17 11.91
N GLY A 152 19.76 45.75 11.33
CA GLY A 152 19.19 44.44 11.59
C GLY A 152 19.71 43.50 10.51
N THR A 153 19.47 42.21 10.68
CA THR A 153 19.88 41.24 9.69
C THR A 153 19.21 41.52 8.30
N ILE A 154 17.99 42.08 8.30
CA ILE A 154 17.31 42.37 7.02
C ILE A 154 16.65 43.74 6.98
N THR A 155 17.04 44.59 7.92
CA THR A 155 16.45 45.91 8.03
C THR A 155 17.46 46.93 8.52
N ASN A 156 17.12 48.20 8.31
CA ASN A 156 17.88 49.32 8.84
C ASN A 156 17.08 49.78 10.07
N VAL A 157 17.75 50.44 11.02
CA VAL A 157 17.16 50.88 12.28
C VAL A 157 16.85 52.35 12.27
N PHE A 158 15.74 52.73 12.89
CA PHE A 158 15.30 54.12 12.93
C PHE A 158 14.76 54.37 14.32
N ALA A 159 15.41 55.32 15.01
CA ALA A 159 15.07 55.64 16.38
C ALA A 159 14.68 57.10 16.55
N ASP A 160 13.54 57.30 17.21
CA ASP A 160 13.01 58.63 17.49
C ASP A 160 13.28 58.93 18.94
N PHE A 161 14.23 59.82 19.20
CA PHE A 161 14.58 60.16 20.60
C PHE A 161 13.68 61.22 21.20
N GLY A 162 12.60 61.55 20.51
CA GLY A 162 11.62 62.52 21.01
C GLY A 162 11.23 63.64 20.07
N ASP A 163 12.14 64.07 19.21
CA ASP A 163 11.89 65.21 18.34
C ASP A 163 11.18 64.88 17.01
N GLY A 164 10.85 63.62 16.78
CA GLY A 164 10.18 63.25 15.55
C GLY A 164 11.10 62.84 14.39
N VAL A 165 12.40 63.05 14.55
CA VAL A 165 13.34 62.68 13.52
C VAL A 165 13.75 61.22 13.71
N LEU A 166 13.80 60.46 12.62
CA LEU A 166 14.19 59.06 12.65
C LEU A 166 15.73 58.95 12.54
N ALA A 167 16.39 58.83 13.68
CA ALA A 167 17.85 58.73 13.74
C ALA A 167 18.22 57.34 13.31
N THR A 168 19.03 57.23 12.28
CA THR A 168 19.45 55.95 11.72
C THR A 168 20.99 55.92 11.68
N PRO A 169 21.59 54.76 11.98
CA PRO A 169 23.04 54.69 12.00
C PRO A 169 23.74 55.22 10.73
N ARG A 170 24.79 56.01 10.96
CA ARG A 170 25.59 56.61 9.90
C ARG A 170 26.27 55.49 9.16
N LEU A 171 26.36 55.64 7.85
CA LEU A 171 26.89 54.62 6.98
C LEU A 171 28.31 54.11 7.34
N ASP A 172 29.21 55.00 7.75
CA ASP A 172 30.56 54.57 8.12
C ASP A 172 30.59 53.60 9.34
N CYS A 173 29.46 53.37 10.01
CA CYS A 173 29.41 52.41 11.12
C CYS A 173 29.55 50.94 10.64
N GLY A 174 29.19 50.69 9.39
CA GLY A 174 29.27 49.36 8.79
C GLY A 174 27.87 48.78 8.67
N LEU A 175 27.23 49.07 7.56
CA LEU A 175 25.86 48.59 7.27
C LEU A 175 25.51 48.80 5.78
N LEU A 176 24.38 48.23 5.39
CA LEU A 176 23.88 48.35 4.05
C LEU A 176 23.11 49.67 3.87
N PRO A 177 23.46 50.47 2.84
CA PRO A 177 22.67 51.65 2.65
C PRO A 177 21.37 51.19 2.04
N GLY A 178 20.39 50.90 2.89
CA GLY A 178 19.09 50.45 2.45
C GLY A 178 18.35 51.47 1.61
N VAL A 179 17.48 50.94 0.75
CA VAL A 179 16.66 51.71 -0.14
C VAL A 179 15.54 52.47 0.61
N LEU A 180 14.88 51.84 1.57
CA LEU A 180 13.90 52.58 2.35
C LEU A 180 14.70 53.66 3.09
N ARG A 181 15.81 53.26 3.68
CA ARG A 181 16.69 54.16 4.42
C ARG A 181 17.04 55.36 3.59
N ALA A 182 17.45 55.12 2.36
CA ALA A 182 17.80 56.20 1.46
C ALA A 182 16.60 57.12 1.21
N GLU A 183 15.42 56.55 1.00
CA GLU A 183 14.27 57.39 0.72
C GLU A 183 13.94 58.30 1.93
N LEU A 184 14.03 57.74 3.13
CA LEU A 184 13.72 58.48 4.32
C LEU A 184 14.75 59.58 4.56
N LEU A 185 16.00 59.32 4.18
CA LEU A 185 17.05 60.32 4.35
C LEU A 185 16.84 61.46 3.39
N ASP A 186 16.54 61.12 2.13
CA ASP A 186 16.32 62.16 1.11
C ASP A 186 15.04 62.99 1.37
N GLU A 187 14.06 62.42 2.08
CA GLU A 187 12.81 63.16 2.38
C GLU A 187 12.98 64.06 3.62
N GLY A 188 14.11 63.93 4.33
CA GLY A 188 14.35 64.72 5.54
C GLY A 188 13.65 64.09 6.76
N ARG A 189 13.14 62.88 6.60
CA ARG A 189 12.46 62.19 7.71
C ARG A 189 13.43 61.45 8.61
N ALA A 190 14.51 60.93 8.02
CA ALA A 190 15.54 60.27 8.79
C ALA A 190 16.83 61.11 8.73
N GLU A 191 17.68 60.94 9.73
CA GLU A 191 18.96 61.63 9.80
C GLU A 191 20.01 60.65 10.29
N GLU A 192 21.23 60.83 9.82
CA GLU A 192 22.30 59.97 10.24
C GLU A 192 22.70 60.26 11.68
N ALA A 193 23.07 59.20 12.38
CA ALA A 193 23.46 59.34 13.77
C ALA A 193 24.23 58.10 14.23
N ILE A 194 24.75 58.16 15.44
CA ILE A 194 25.52 57.08 16.04
C ILE A 194 24.94 56.80 17.43
N TYR A 195 24.70 55.54 17.71
CA TYR A 195 24.18 55.15 19.00
C TYR A 195 24.38 53.67 19.29
N SER A 196 24.38 53.32 20.57
CA SER A 196 24.56 51.98 21.04
C SER A 196 23.23 51.34 21.37
N TYR A 197 23.27 50.07 21.77
CA TYR A 197 22.05 49.37 22.14
C TYR A 197 21.44 50.04 23.34
N ASP A 198 22.29 50.39 24.28
CA ASP A 198 21.83 51.00 25.51
C ASP A 198 21.14 52.37 25.27
N ASP A 199 21.68 53.18 24.35
CA ASP A 199 21.06 54.46 23.99
C ASP A 199 19.64 54.26 23.48
N LEU A 200 19.41 53.19 22.70
CA LEU A 200 18.09 52.88 22.16
C LEU A 200 17.03 52.70 23.22
N LYS A 201 17.43 52.30 24.41
CA LYS A 201 16.48 52.13 25.49
C LYS A 201 15.82 53.48 25.80
N SER A 202 16.44 54.59 25.40
CA SER A 202 15.85 55.92 25.68
C SER A 202 15.05 56.47 24.50
N ALA A 203 14.86 55.65 23.48
CA ALA A 203 14.08 56.09 22.32
C ALA A 203 12.60 56.13 22.66
N LYS A 204 11.92 57.21 22.28
CA LYS A 204 10.50 57.36 22.51
C LYS A 204 9.71 56.48 21.51
N ALA A 205 10.29 56.28 20.33
CA ALA A 205 9.69 55.43 19.30
C ALA A 205 10.84 54.75 18.55
N LEU A 206 10.62 53.52 18.14
CA LEU A 206 11.64 52.76 17.48
C LEU A 206 11.03 51.96 16.37
N PHE A 207 11.77 51.84 15.27
CA PHE A 207 11.35 51.09 14.13
C PHE A 207 12.53 50.41 13.47
N VAL A 208 12.22 49.39 12.68
CA VAL A 208 13.22 48.75 11.82
C VAL A 208 12.49 48.74 10.50
N GLY A 209 13.20 48.78 9.39
CA GLY A 209 12.51 48.77 8.11
C GLY A 209 13.33 48.40 6.92
N ASN A 210 12.64 48.09 5.83
CA ASN A 210 13.25 47.78 4.56
C ASN A 210 12.30 48.19 3.45
N SER A 211 12.79 48.13 2.21
CA SER A 211 11.98 48.54 1.08
C SER A 211 10.73 47.68 0.92
N LEU A 212 10.87 46.39 1.19
CA LEU A 212 9.78 45.48 1.06
C LEU A 212 8.64 45.78 2.00
N ARG A 213 8.94 46.01 3.27
CA ARG A 213 7.87 46.20 4.28
C ARG A 213 7.60 47.59 4.78
N GLY A 214 8.44 48.55 4.46
CA GLY A 214 8.26 49.89 5.00
C GLY A 214 8.71 49.87 6.47
N LEU A 215 8.34 50.89 7.26
CA LEU A 215 8.69 50.92 8.69
C LEU A 215 7.85 49.95 9.51
N ILE A 216 8.53 49.29 10.43
CA ILE A 216 7.93 48.34 11.31
C ILE A 216 8.16 48.80 12.75
N PRO A 217 7.08 49.09 13.48
CA PRO A 217 7.23 49.48 14.87
C PRO A 217 7.97 48.38 15.60
N ALA A 218 8.88 48.74 16.49
CA ALA A 218 9.66 47.72 17.18
C ALA A 218 9.89 48.05 18.65
N LYS A 219 10.25 47.04 19.41
CA LYS A 219 10.47 47.22 20.83
C LYS A 219 11.73 46.48 21.20
N LEU A 220 12.56 47.16 21.95
CA LEU A 220 13.85 46.64 22.35
C LEU A 220 13.75 45.79 23.59
N VAL A 221 14.50 44.70 23.63
CA VAL A 221 14.51 43.81 24.77
C VAL A 221 15.91 43.33 25.08
N ASP B 15 18.89 38.53 -32.94
CA ASP B 15 19.23 37.18 -32.42
C ASP B 15 18.22 36.81 -31.32
N PHE B 16 18.19 35.53 -30.97
CA PHE B 16 17.22 35.03 -30.03
C PHE B 16 17.81 34.13 -28.97
N GLU B 17 16.95 33.74 -28.04
CA GLU B 17 17.27 32.85 -26.93
C GLU B 17 16.50 31.54 -27.03
N LEU B 18 17.00 30.49 -26.36
CA LEU B 18 16.31 29.21 -26.25
C LEU B 18 15.53 29.25 -24.96
N ILE B 19 14.31 28.72 -24.99
CA ILE B 19 13.43 28.76 -23.84
C ILE B 19 12.90 27.41 -23.39
N GLU B 20 12.69 27.30 -22.09
CA GLU B 20 12.08 26.13 -21.47
C GLU B 20 11.15 26.64 -20.37
N THR B 21 9.88 26.25 -20.42
CA THR B 21 8.89 26.64 -19.40
C THR B 21 8.44 25.40 -18.70
N ARG B 23 7.05 23.44 -14.78
CA ARG B 23 6.31 23.52 -13.55
C ARG B 23 7.21 22.93 -12.49
N TRP B 24 7.31 23.58 -11.35
CA TRP B 24 8.07 23.07 -10.24
C TRP B 24 7.03 22.91 -9.14
N GLN B 25 7.08 21.80 -8.43
CA GLN B 25 6.11 21.52 -7.36
C GLN B 25 6.82 21.10 -6.10
N PRO B 26 6.37 21.59 -4.93
CA PRO B 26 7.01 21.13 -3.72
C PRO B 26 6.93 19.61 -3.59
N GLY B 27 8.08 18.98 -3.32
CA GLY B 27 8.18 17.54 -3.12
C GLY B 27 8.53 16.70 -4.35
N THR B 28 8.22 17.20 -5.54
CA THR B 28 8.50 16.44 -6.75
C THR B 28 9.48 17.13 -7.72
N SER B 29 9.93 18.33 -7.36
CA SER B 29 10.84 19.13 -8.19
C SER B 29 10.19 19.45 -9.58
N PHE B 30 10.99 19.54 -10.65
CA PHE B 30 10.43 19.91 -11.96
C PHE B 30 9.74 18.75 -12.66
N LEU B 31 8.55 19.01 -13.15
CA LEU B 31 7.77 18.03 -13.84
C LEU B 31 8.40 17.80 -15.23
N ARG B 32 8.59 16.54 -15.60
CA ARG B 32 9.19 16.20 -16.93
C ARG B 32 10.58 16.84 -17.16
N PHE B 33 11.33 17.01 -16.07
CA PHE B 33 12.64 17.68 -16.07
C PHE B 33 13.64 17.16 -17.12
N ASP B 34 13.89 15.86 -17.15
CA ASP B 34 14.86 15.32 -18.11
C ASP B 34 14.46 15.56 -19.58
N ARG B 35 13.16 15.63 -19.86
CA ARG B 35 12.73 15.88 -21.22
C ARG B 35 13.06 17.32 -21.62
N HIS B 36 12.84 18.27 -20.70
CA HIS B 36 13.14 19.68 -20.98
C HIS B 36 14.61 19.86 -21.19
N LEU B 37 15.38 19.26 -20.31
CA LEU B 37 16.81 19.35 -20.41
C LEU B 37 17.31 18.69 -21.70
N ALA B 38 16.72 17.56 -22.08
CA ALA B 38 17.13 16.90 -23.32
C ALA B 38 16.81 17.79 -24.54
N ARG B 39 15.68 18.48 -24.49
CA ARG B 39 15.32 19.34 -25.61
C ARG B 39 16.24 20.53 -25.65
N LEU B 40 16.46 21.16 -24.49
CA LEU B 40 17.36 22.33 -24.41
C LEU B 40 18.72 21.95 -24.92
N TYR B 41 19.33 20.92 -24.35
CA TYR B 41 20.67 20.51 -24.79
C TYR B 41 20.68 20.18 -26.27
N GLY B 42 19.66 19.44 -26.70
CA GLY B 42 19.56 19.05 -28.09
C GLY B 42 19.53 20.26 -29.00
N SER B 43 18.69 21.23 -28.66
CA SER B 43 18.56 22.46 -29.46
C SER B 43 19.84 23.29 -29.39
N ALA B 44 20.49 23.32 -28.23
CA ALA B 44 21.72 24.09 -28.10
C ALA B 44 22.76 23.54 -29.05
N ALA B 45 22.93 22.22 -29.03
CA ALA B 45 23.90 21.56 -29.91
C ALA B 45 23.61 21.84 -31.40
N GLU B 46 22.34 21.82 -31.81
CA GLU B 46 22.00 22.08 -33.21
C GLU B 46 22.12 23.52 -33.67
N LEU B 47 21.79 24.46 -32.79
CA LEU B 47 21.82 25.87 -33.19
C LEU B 47 23.14 26.57 -32.84
N GLY B 48 24.11 25.83 -32.34
CA GLY B 48 25.40 26.40 -32.02
C GLY B 48 25.43 27.31 -30.81
N PHE B 49 24.60 27.00 -29.81
CA PHE B 49 24.55 27.72 -28.54
C PHE B 49 25.39 26.98 -27.50
N ALA B 50 26.24 27.71 -26.75
CA ALA B 50 27.01 27.11 -25.67
C ALA B 50 25.98 26.74 -24.59
N CYS B 51 26.20 25.64 -23.88
CA CYS B 51 25.27 25.21 -22.85
C CYS B 51 25.97 24.42 -21.74
N ASP B 52 26.11 25.05 -20.58
CA ASP B 52 26.79 24.43 -19.44
C ASP B 52 25.74 23.90 -18.46
N PRO B 53 25.61 22.56 -18.37
CA PRO B 53 24.63 21.91 -17.47
C PRO B 53 24.72 22.35 -15.99
N GLN B 54 25.94 22.62 -15.53
CA GLN B 54 26.14 23.07 -14.14
C GLN B 54 25.62 24.51 -13.98
N ARG B 55 25.85 25.34 -15.00
CA ARG B 55 25.42 26.74 -15.01
C ARG B 55 23.88 26.85 -15.03
N ILE B 56 23.25 26.00 -15.84
CA ILE B 56 21.80 25.95 -15.93
C ILE B 56 21.21 25.58 -14.58
N ALA B 57 21.77 24.54 -13.96
CA ALA B 57 21.28 24.05 -12.66
C ALA B 57 21.45 25.11 -11.56
N GLU B 58 22.51 25.92 -11.66
CA GLU B 58 22.74 26.99 -10.70
C GLU B 58 21.65 28.04 -10.78
N VAL B 59 21.27 28.48 -12.00
CA VAL B 59 20.24 29.52 -12.12
C VAL B 59 18.85 28.98 -11.73
N LEU B 60 18.55 27.75 -12.13
CA LEU B 60 17.28 27.16 -11.77
C LEU B 60 17.17 27.09 -10.25
N SER B 61 18.22 26.63 -9.60
CA SER B 61 18.25 26.53 -8.15
C SER B 61 18.02 27.88 -7.47
N ASP B 62 18.66 28.92 -7.98
CA ASP B 62 18.48 30.26 -7.44
C ASP B 62 17.07 30.79 -7.66
N ALA B 63 16.50 30.50 -8.83
CA ALA B 63 15.16 30.98 -9.16
C ALA B 63 14.13 30.42 -8.20
N LEU B 64 14.30 29.16 -7.82
CA LEU B 64 13.35 28.49 -6.91
C LEU B 64 13.66 28.62 -5.44
N ASP B 65 14.77 29.23 -5.08
CA ASP B 65 15.10 29.35 -3.67
C ASP B 65 13.98 30.05 -2.92
N GLY B 66 13.44 29.39 -1.90
CA GLY B 66 12.38 29.97 -1.09
C GLY B 66 10.96 29.79 -1.63
N ALA B 67 10.80 28.98 -2.68
CA ALA B 67 9.48 28.74 -3.25
C ALA B 67 8.58 28.06 -2.21
N ARG B 68 7.40 28.64 -2.00
CA ARG B 68 6.43 28.13 -1.02
C ARG B 68 5.28 27.38 -1.66
N THR B 69 5.17 27.44 -2.99
CA THR B 69 4.11 26.76 -3.72
C THR B 69 4.65 26.25 -5.04
N ALA B 70 3.78 25.61 -5.83
CA ALA B 70 4.17 25.16 -7.16
C ALA B 70 4.51 26.44 -7.93
N ARG B 72 5.69 28.40 -11.78
CA ARG B 72 5.94 28.38 -13.20
C ARG B 72 7.37 28.91 -13.34
N THR B 73 8.25 28.10 -13.90
CA THR B 73 9.65 28.45 -14.06
C THR B 73 9.99 28.61 -15.52
N ARG B 74 10.58 29.75 -15.87
CA ARG B 74 10.97 29.99 -17.25
C ARG B 74 12.49 30.15 -17.31
N LEU B 75 13.11 29.34 -18.15
CA LEU B 75 14.52 29.31 -18.32
C LEU B 75 14.84 29.80 -19.70
N ALA B 76 15.88 30.63 -19.83
CA ALA B 76 16.32 31.13 -21.12
C ALA B 76 17.85 31.02 -21.25
N LEU B 77 18.31 30.58 -22.42
CA LEU B 77 19.73 30.39 -22.70
C LEU B 77 20.16 31.18 -23.95
N ALA B 78 21.23 31.97 -23.82
CA ALA B 78 21.77 32.76 -24.94
C ALA B 78 22.84 31.98 -25.71
N ARG B 79 23.14 32.44 -26.92
CA ARG B 79 24.14 31.82 -27.78
C ARG B 79 25.51 31.63 -27.10
N ASN B 80 25.92 32.57 -26.26
CA ASN B 80 27.22 32.47 -25.57
C ASN B 80 27.22 31.61 -24.29
N GLY B 81 26.06 31.13 -23.89
CA GLY B 81 25.94 30.32 -22.66
C GLY B 81 25.29 31.04 -21.48
N ASP B 82 25.08 32.35 -21.62
CA ASP B 82 24.43 33.12 -20.57
C ASP B 82 23.04 32.55 -20.28
N ALA B 83 22.66 32.52 -19.01
CA ALA B 83 21.38 31.95 -18.62
C ALA B 83 20.61 32.84 -17.66
N THR B 84 19.30 32.76 -17.76
CA THR B 84 18.39 33.48 -16.85
C THR B 84 17.20 32.59 -16.50
N ALA B 85 16.55 32.87 -15.37
CA ALA B 85 15.36 32.13 -14.95
C ALA B 85 14.46 33.00 -14.10
N SER B 86 13.16 32.90 -14.33
CA SER B 86 12.18 33.62 -13.58
C SER B 86 11.23 32.60 -12.94
N ALA B 87 10.65 32.94 -11.79
CA ALA B 87 9.74 32.05 -11.13
C ALA B 87 8.58 32.80 -10.55
N GLN B 88 7.38 32.28 -10.81
CA GLN B 88 6.16 32.83 -10.25
C GLN B 88 5.24 31.66 -9.81
N PRO B 89 4.26 31.94 -8.93
CA PRO B 89 3.39 30.86 -8.52
C PRO B 89 2.63 30.25 -9.70
N TYR B 90 2.43 28.95 -9.62
CA TYR B 90 1.66 28.21 -10.60
C TYR B 90 0.26 28.03 -10.02
N GLU B 91 -0.73 28.52 -10.74
CA GLU B 91 -2.10 28.41 -10.30
C GLU B 91 -2.82 27.40 -11.18
N PRO B 92 -3.21 26.27 -10.62
CA PRO B 92 -3.92 25.28 -11.42
C PRO B 92 -5.28 25.83 -11.89
N LEU B 93 -5.63 25.57 -13.15
CA LEU B 93 -6.90 26.03 -13.71
C LEU B 93 -8.06 25.49 -12.92
N ALA B 94 -9.15 26.26 -12.85
CA ALA B 94 -10.34 25.78 -12.18
C ALA B 94 -10.76 24.52 -12.93
N ALA B 95 -11.12 23.48 -12.18
CA ALA B 95 -11.53 22.21 -12.79
C ALA B 95 -12.60 22.38 -13.90
N ASP B 96 -13.58 23.28 -13.65
CA ASP B 96 -14.68 23.54 -14.63
C ASP B 96 -14.28 24.40 -15.85
N LYS B 97 -13.05 24.91 -15.87
CA LYS B 97 -12.62 25.73 -16.96
C LYS B 97 -12.35 24.87 -18.21
N VAL B 98 -12.94 25.31 -19.31
CA VAL B 98 -12.79 24.70 -20.61
C VAL B 98 -12.30 25.85 -21.42
N TRP B 99 -11.11 25.70 -22.01
CA TRP B 99 -10.54 26.75 -22.87
C TRP B 99 -11.29 26.85 -24.19
N ILE B 100 -11.59 28.08 -24.60
CA ILE B 100 -12.24 28.33 -25.85
C ILE B 100 -11.13 28.62 -26.85
N LEU B 101 -11.17 27.93 -27.98
CA LEU B 101 -10.16 28.09 -29.02
C LEU B 101 -10.73 28.82 -30.23
N ARG B 102 -9.86 29.55 -30.92
CA ARG B 102 -10.22 30.25 -32.15
C ARG B 102 -9.05 30.12 -33.12
N LEU B 103 -9.36 30.09 -34.41
CA LEU B 103 -8.34 29.99 -35.44
C LEU B 103 -7.87 31.36 -35.87
N ALA B 104 -6.55 31.53 -35.89
CA ALA B 104 -5.93 32.78 -36.33
C ALA B 104 -5.88 32.88 -37.86
N ARG B 105 -5.88 34.11 -38.38
CA ARG B 105 -5.70 34.31 -39.80
C ARG B 105 -4.19 34.17 -40.10
N THR B 106 -3.35 34.46 -39.10
CA THR B 106 -1.91 34.35 -39.23
C THR B 106 -1.53 32.88 -39.44
N ARG B 107 -0.85 32.58 -40.54
CA ARG B 107 -0.45 31.21 -40.85
C ARG B 107 1.01 30.95 -40.60
N LEU B 108 1.37 29.72 -40.23
CA LEU B 108 2.75 29.32 -40.05
C LEU B 108 3.23 28.75 -41.39
N ASP B 109 4.54 28.68 -41.55
CA ASP B 109 5.17 28.17 -42.76
C ASP B 109 5.77 26.81 -42.42
N SER B 110 5.27 25.73 -43.03
CA SER B 110 5.78 24.39 -42.74
C SER B 110 7.27 24.22 -43.01
N GLN B 111 7.85 25.09 -43.84
CA GLN B 111 9.28 25.00 -44.20
C GLN B 111 10.21 25.74 -43.22
N ASN B 112 9.64 26.51 -42.30
CA ASN B 112 10.47 27.23 -41.34
C ASN B 112 10.98 26.23 -40.30
N THR B 113 12.23 25.85 -40.45
CA THR B 113 12.86 24.88 -39.58
C THR B 113 13.02 25.36 -38.15
N LEU B 114 12.92 26.66 -37.92
CA LEU B 114 13.09 27.17 -36.58
C LEU B 114 11.88 26.86 -35.69
N LEU B 115 10.74 26.44 -36.28
CA LEU B 115 9.56 26.09 -35.48
C LEU B 115 9.81 24.89 -34.57
N ARG B 116 10.81 24.08 -34.93
CA ARG B 116 11.19 22.88 -34.15
C ARG B 116 11.87 23.20 -32.82
N HIS B 117 12.19 24.46 -32.61
CA HIS B 117 12.89 24.89 -31.39
C HIS B 117 12.08 25.97 -30.66
N THR B 119 12.12 29.18 -29.02
CA THR B 119 12.98 30.35 -28.90
C THR B 119 12.18 31.61 -28.64
N SER B 120 12.88 32.73 -28.48
CA SER B 120 12.25 34.01 -28.23
C SER B 120 11.78 34.70 -29.51
N ARG B 121 12.03 34.08 -30.67
CA ARG B 121 11.60 34.63 -31.94
C ARG B 121 10.15 34.16 -32.14
N ARG B 122 9.22 34.86 -31.49
CA ARG B 122 7.80 34.51 -31.48
C ARG B 122 6.84 35.51 -32.18
N GLN B 123 7.35 36.28 -33.13
CA GLN B 123 6.52 37.31 -33.77
C GLN B 123 5.17 36.78 -34.31
N LEU B 124 5.22 35.69 -35.00
CA LEU B 124 4.04 35.12 -35.59
C LEU B 124 3.07 34.63 -34.50
N TYR B 125 3.56 34.01 -33.43
CA TYR B 125 2.68 33.59 -32.33
C TYR B 125 2.07 34.80 -31.64
N THR B 126 2.87 35.84 -31.47
CA THR B 126 2.42 37.08 -30.85
C THR B 126 1.37 37.77 -31.72
N HIS B 127 1.56 37.77 -33.04
CA HIS B 127 0.54 38.39 -33.87
CA HIS B 127 0.57 38.34 -33.96
C HIS B 127 -0.73 37.57 -33.76
N ALA B 128 -0.61 36.24 -33.79
CA ALA B 128 -1.81 35.37 -33.67
C ALA B 128 -2.57 35.61 -32.38
N ARG B 129 -1.84 35.75 -31.29
CA ARG B 129 -2.47 35.99 -30.01
C ARG B 129 -3.20 37.34 -29.97
N SER B 130 -2.66 38.35 -30.64
CA SER B 130 -3.27 39.67 -30.61
C SER B 130 -4.58 39.73 -31.43
N GLU B 131 -4.78 38.77 -32.34
CA GLU B 131 -6.00 38.77 -33.15
C GLU B 131 -7.27 38.65 -32.30
N TYR B 132 -7.16 38.06 -31.11
CA TYR B 132 -8.31 37.82 -30.26
C TYR B 132 -8.09 38.23 -28.84
N LEU B 133 -9.12 38.81 -28.22
CA LEU B 133 -9.01 39.14 -26.81
C LEU B 133 -9.14 37.81 -26.06
N VAL B 134 -8.60 37.76 -24.84
CA VAL B 134 -8.70 36.54 -24.01
C VAL B 134 -10.15 36.18 -23.74
N THR B 135 -11.02 37.17 -23.68
CA THR B 135 -12.43 36.89 -23.47
C THR B 135 -13.09 36.25 -24.71
N GLN B 136 -12.43 36.35 -25.86
CA GLN B 136 -12.89 35.72 -27.11
C GLN B 136 -12.25 34.34 -27.28
N ALA B 137 -11.00 34.21 -26.79
CA ALA B 137 -10.25 32.96 -26.94
C ALA B 137 -9.15 32.76 -25.89
N ASP B 138 -9.25 31.68 -25.14
CA ASP B 138 -8.22 31.39 -24.13
C ASP B 138 -6.95 31.03 -24.87
N GLU B 139 -7.07 30.37 -26.02
CA GLU B 139 -5.90 30.01 -26.83
C GLU B 139 -6.22 30.15 -28.31
N VAL B 140 -5.24 30.56 -29.09
CA VAL B 140 -5.41 30.74 -30.52
C VAL B 140 -4.60 29.67 -31.25
N LEU B 141 -5.20 29.06 -32.27
CA LEU B 141 -4.54 28.04 -33.04
C LEU B 141 -4.06 28.57 -34.38
N LEU B 142 -2.98 27.95 -34.88
CA LEU B 142 -2.44 28.32 -36.14
C LEU B 142 -2.39 27.13 -37.10
N ALA B 143 -2.71 27.42 -38.36
CA ALA B 143 -2.70 26.43 -39.45
C ALA B 143 -1.51 26.75 -40.33
N ASN B 144 -1.13 25.86 -41.22
CA ASN B 144 0.00 26.14 -42.09
C ASN B 144 -0.46 26.55 -43.50
N GLU B 145 0.48 26.64 -44.45
CA GLU B 145 0.13 27.06 -45.81
C GLU B 145 -0.71 26.01 -46.56
N ARG B 146 -0.70 24.77 -46.08
CA ARG B 146 -1.50 23.71 -46.73
C ARG B 146 -2.88 23.55 -46.08
N GLY B 147 -3.21 24.39 -45.08
CA GLY B 147 -4.52 24.31 -44.40
C GLY B 147 -4.55 23.33 -43.24
N GLU B 148 -3.40 22.74 -42.92
CA GLU B 148 -3.31 21.78 -41.85
C GLU B 148 -3.20 22.51 -40.50
N ILE B 149 -3.91 22.03 -39.50
CA ILE B 149 -3.82 22.65 -38.18
C ILE B 149 -2.52 22.20 -37.51
N CYS B 150 -1.83 23.15 -36.89
CA CYS B 150 -0.55 22.85 -36.31
C CYS B 150 -0.50 22.82 -34.79
N GLU B 151 -0.75 23.96 -34.15
CA GLU B 151 -0.63 24.06 -32.72
C GLU B 151 -1.26 25.36 -32.19
N GLY B 152 -1.16 25.55 -30.89
CA GLY B 152 -1.64 26.77 -30.21
C GLY B 152 -0.44 27.69 -30.02
N THR B 153 -0.67 28.95 -29.66
CA THR B 153 0.45 29.88 -29.48
C THR B 153 1.40 29.36 -28.42
N ILE B 154 0.88 28.63 -27.43
CA ILE B 154 1.71 28.08 -26.36
C ILE B 154 1.36 26.63 -26.00
N THR B 155 0.64 25.94 -26.87
CA THR B 155 0.24 24.58 -26.62
C THR B 155 0.25 23.77 -27.90
N ASN B 156 0.18 22.45 -27.72
CA ASN B 156 0.04 21.49 -28.80
C ASN B 156 -1.41 21.10 -28.74
N VAL B 157 -1.95 20.66 -29.88
CA VAL B 157 -3.36 20.28 -29.99
CA VAL B 157 -3.37 20.28 -29.97
C VAL B 157 -3.52 18.77 -30.00
N PHE B 158 -4.55 18.29 -29.31
CA PHE B 158 -4.83 16.87 -29.18
C PHE B 158 -6.29 16.60 -29.35
N ALA B 159 -6.63 15.70 -30.26
CA ALA B 159 -8.02 15.39 -30.53
C ALA B 159 -8.31 13.89 -30.49
N ASP B 160 -9.37 13.55 -29.76
CA ASP B 160 -9.84 12.19 -29.67
C ASP B 160 -10.91 12.10 -30.73
N PHE B 161 -10.68 11.30 -31.76
CA PHE B 161 -11.67 11.16 -32.84
C PHE B 161 -12.60 9.96 -32.69
N GLY B 162 -12.71 9.44 -31.48
CA GLY B 162 -13.61 8.33 -31.22
C GLY B 162 -13.02 7.17 -30.47
N ASP B 163 -11.78 6.81 -30.81
CA ASP B 163 -11.12 5.66 -30.20
C ASP B 163 -10.25 5.95 -28.99
N GLY B 164 -10.33 7.12 -28.40
CA GLY B 164 -9.51 7.42 -27.22
C GLY B 164 -8.07 7.84 -27.48
N VAL B 165 -7.52 7.52 -28.65
CA VAL B 165 -6.15 7.92 -29.01
C VAL B 165 -6.11 9.42 -29.25
N LEU B 166 -5.11 10.10 -28.70
CA LEU B 166 -5.01 11.54 -28.89
C LEU B 166 -4.25 11.88 -30.19
N ALA B 167 -5.00 12.17 -31.26
CA ALA B 167 -4.39 12.53 -32.54
C ALA B 167 -3.83 13.95 -32.40
N THR B 168 -2.55 14.10 -32.74
CA THR B 168 -1.88 15.39 -32.63
C THR B 168 -1.12 15.66 -33.95
N PRO B 169 -1.11 16.91 -34.41
CA PRO B 169 -0.46 17.21 -35.68
C PRO B 169 0.99 16.73 -35.82
N ARG B 170 1.26 16.11 -36.96
CA ARG B 170 2.56 15.60 -37.29
C ARG B 170 3.60 16.76 -37.25
N LEU B 171 4.81 16.44 -36.79
CA LEU B 171 5.86 17.43 -36.64
C LEU B 171 6.15 18.18 -37.92
N ASP B 172 6.10 17.50 -39.07
CA ASP B 172 6.43 18.15 -40.33
C ASP B 172 5.35 19.15 -40.81
N CYS B 173 4.24 19.29 -40.09
CA CYS B 173 3.24 20.29 -40.43
C CYS B 173 3.75 21.70 -40.07
N GLY B 174 4.77 21.77 -39.21
CA GLY B 174 5.34 23.05 -38.74
C GLY B 174 4.82 23.36 -37.33
N LEU B 175 5.58 22.98 -36.31
CA LEU B 175 5.18 23.20 -34.91
C LEU B 175 6.26 22.79 -33.95
N LEU B 176 6.13 23.21 -32.69
CA LEU B 176 7.11 22.85 -31.70
C LEU B 176 6.83 21.48 -31.22
N PRO B 177 7.88 20.63 -31.12
CA PRO B 177 7.72 19.31 -30.54
C PRO B 177 7.71 19.48 -29.04
N GLY B 178 6.53 19.73 -28.51
CA GLY B 178 6.34 19.96 -27.07
C GLY B 178 6.80 18.82 -26.19
N VAL B 179 7.14 19.16 -24.93
CA VAL B 179 7.58 18.17 -23.94
C VAL B 179 6.42 17.28 -23.45
N LEU B 180 5.25 17.86 -23.23
CA LEU B 180 4.09 17.06 -22.86
C LEU B 180 3.78 16.23 -24.10
N ARG B 181 3.83 16.88 -25.27
CA ARG B 181 3.56 16.22 -26.52
C ARG B 181 4.43 14.95 -26.65
N ALA B 182 5.72 15.10 -26.41
CA ALA B 182 6.69 14.00 -26.49
C ALA B 182 6.36 12.90 -25.49
N GLU B 183 5.92 13.27 -24.29
CA GLU B 183 5.54 12.25 -23.32
C GLU B 183 4.34 11.45 -23.82
N LEU B 184 3.29 12.15 -24.23
CA LEU B 184 2.05 11.50 -24.69
C LEU B 184 2.33 10.56 -25.89
N LEU B 185 3.21 10.99 -26.81
CA LEU B 185 3.59 10.16 -27.97
C LEU B 185 4.37 8.91 -27.52
N ASP B 186 5.36 9.12 -26.64
CA ASP B 186 6.16 8.03 -26.12
C ASP B 186 5.25 7.04 -25.39
N GLU B 187 4.35 7.57 -24.55
CA GLU B 187 3.45 6.70 -23.78
C GLU B 187 2.43 5.93 -24.62
N GLY B 188 2.20 6.36 -25.87
CA GLY B 188 1.21 5.73 -26.72
C GLY B 188 -0.15 6.35 -26.51
N ARG B 189 -0.26 7.31 -25.61
CA ARG B 189 -1.53 7.99 -25.40
C ARG B 189 -1.91 8.87 -26.61
N ALA B 190 -0.89 9.34 -27.35
CA ALA B 190 -1.09 10.20 -28.52
C ALA B 190 -0.40 9.61 -29.75
N GLU B 191 -0.88 10.01 -30.92
CA GLU B 191 -0.31 9.58 -32.19
C GLU B 191 -0.30 10.73 -33.17
N GLU B 192 0.71 10.76 -34.05
CA GLU B 192 0.82 11.81 -35.05
C GLU B 192 -0.21 11.62 -36.19
N ALA B 193 -0.84 12.72 -36.56
CA ALA B 193 -1.85 12.76 -37.60
C ALA B 193 -1.80 14.09 -38.36
N ILE B 194 -2.64 14.20 -39.36
CA ILE B 194 -2.77 15.38 -40.17
C ILE B 194 -4.25 15.67 -40.28
N TYR B 195 -4.65 16.84 -39.79
CA TYR B 195 -6.05 17.26 -39.83
C TYR B 195 -6.17 18.78 -39.81
N SER B 196 -7.38 19.28 -39.92
CA SER B 196 -7.57 20.71 -39.94
C SER B 196 -8.49 21.20 -38.84
N TYR B 197 -8.58 22.50 -38.75
CA TYR B 197 -9.44 23.16 -37.81
C TYR B 197 -10.88 22.68 -37.99
N ASP B 198 -11.29 22.43 -39.23
CA ASP B 198 -12.66 21.95 -39.53
C ASP B 198 -13.00 20.59 -38.91
N ASP B 199 -11.97 19.83 -38.51
CA ASP B 199 -12.17 18.52 -37.90
C ASP B 199 -12.23 18.60 -36.38
N LEU B 200 -11.92 19.75 -35.79
CA LEU B 200 -11.88 19.83 -34.35
C LEU B 200 -13.22 19.84 -33.59
N LYS B 201 -14.22 20.47 -34.16
CA LYS B 201 -15.46 20.64 -33.44
C LYS B 201 -16.20 19.32 -33.17
N SER B 202 -16.17 18.42 -34.14
CA SER B 202 -16.84 17.14 -34.04
C SER B 202 -16.03 16.07 -33.29
N ALA B 203 -14.87 16.43 -32.76
CA ALA B 203 -14.06 15.46 -32.03
C ALA B 203 -14.82 14.99 -30.81
N LYS B 204 -14.54 13.77 -30.38
CA LYS B 204 -15.21 13.23 -29.21
C LYS B 204 -14.72 13.96 -27.97
N ALA B 205 -13.46 14.38 -27.99
CA ALA B 205 -12.86 15.13 -26.89
C ALA B 205 -11.76 15.95 -27.51
N LEU B 206 -11.59 17.17 -27.03
CA LEU B 206 -10.57 18.06 -27.57
C LEU B 206 -9.76 18.65 -26.44
N PHE B 207 -8.46 18.77 -26.66
CA PHE B 207 -7.58 19.34 -25.66
C PHE B 207 -6.47 20.13 -26.29
N VAL B 208 -5.92 21.07 -25.52
CA VAL B 208 -4.70 21.76 -25.92
C VAL B 208 -3.83 21.53 -24.71
N GLY B 209 -2.52 21.50 -24.88
CA GLY B 209 -1.69 21.23 -23.73
C GLY B 209 -0.25 21.60 -23.82
N ASN B 210 0.36 21.69 -22.65
CA ASN B 210 1.77 22.00 -22.52
C ASN B 210 2.30 21.39 -21.21
N SER B 211 3.62 21.32 -21.10
CA SER B 211 4.27 20.71 -19.96
C SER B 211 3.83 21.38 -18.66
N LEU B 212 3.63 22.70 -18.72
CA LEU B 212 3.26 23.44 -17.52
C LEU B 212 1.91 23.06 -16.96
N ARG B 213 0.89 22.93 -17.82
CA ARG B 213 -0.46 22.64 -17.34
C ARG B 213 -1.00 21.26 -17.62
N GLY B 214 -0.35 20.50 -18.47
CA GLY B 214 -0.84 19.18 -18.82
C GLY B 214 -1.92 19.41 -19.86
N LEU B 215 -2.82 18.44 -19.99
CA LEU B 215 -3.92 18.52 -20.92
C LEU B 215 -5.05 19.42 -20.44
N ILE B 216 -5.45 20.38 -21.27
CA ILE B 216 -6.54 21.29 -20.91
C ILE B 216 -7.75 21.04 -21.81
N PRO B 217 -8.91 20.77 -21.21
CA PRO B 217 -10.12 20.56 -22.03
C PRO B 217 -10.41 21.82 -22.86
N ALA B 218 -10.75 21.63 -24.14
CA ALA B 218 -11.01 22.75 -25.06
C ALA B 218 -12.28 22.57 -25.91
N LYS B 219 -12.81 23.70 -26.38
CA LYS B 219 -14.00 23.74 -27.19
C LYS B 219 -13.90 24.85 -28.25
N LEU B 220 -14.62 24.67 -29.36
CA LEU B 220 -14.69 25.71 -30.40
C LEU B 220 -16.00 26.48 -30.30
N VAL B 221 -15.94 27.75 -30.74
CA VAL B 221 -17.15 28.59 -30.75
C VAL B 221 -18.20 27.86 -31.60
N THR C 13 10.89 12.20 -4.18
CA THR C 13 10.42 12.74 -5.50
C THR C 13 9.03 12.23 -5.93
N ALA C 14 8.62 11.06 -5.40
CA ALA C 14 7.32 10.42 -5.74
C ALA C 14 6.14 11.29 -5.40
N ASP C 15 5.08 11.18 -6.20
CA ASP C 15 3.91 12.03 -5.99
C ASP C 15 3.09 11.51 -4.78
N PHE C 16 2.19 12.35 -4.32
CA PHE C 16 1.38 12.07 -3.16
C PHE C 16 -0.03 12.63 -3.34
N GLU C 17 -0.88 12.38 -2.35
CA GLU C 17 -2.26 12.83 -2.33
C GLU C 17 -2.54 13.72 -1.13
N LEU C 18 -3.53 14.59 -1.26
CA LEU C 18 -3.97 15.42 -0.15
C LEU C 18 -5.10 14.66 0.53
N ILE C 19 -5.08 14.68 1.86
CA ILE C 19 -6.02 13.95 2.67
C ILE C 19 -6.82 14.83 3.63
N GLU C 20 -8.04 14.41 3.93
CA GLU C 20 -8.91 15.03 4.90
C GLU C 20 -9.70 13.88 5.56
N THR C 21 -9.64 13.82 6.90
CA THR C 21 -10.36 12.83 7.67
C THR C 21 -11.38 13.59 8.51
N ARG C 23 -15.51 13.51 10.62
CA ARG C 23 -16.59 12.74 11.24
C ARG C 23 -17.88 13.24 10.61
N TRP C 24 -18.71 12.33 10.11
CA TRP C 24 -20.03 12.67 9.56
C TRP C 24 -21.02 12.19 10.59
N GLN C 25 -21.99 13.03 10.91
CA GLN C 25 -23.04 12.71 11.86
C GLN C 25 -24.40 12.95 11.19
N PRO C 26 -25.39 12.07 11.45
CA PRO C 26 -26.70 12.26 10.84
C PRO C 26 -27.29 13.61 11.17
N GLY C 27 -27.87 14.25 10.16
CA GLY C 27 -28.49 15.56 10.34
C GLY C 27 -27.55 16.75 10.27
N THR C 28 -26.41 16.67 10.99
CA THR C 28 -25.44 17.80 11.07
C THR C 28 -24.31 17.71 10.06
N SER C 29 -24.30 16.62 9.29
CA SER C 29 -23.30 16.39 8.24
C SER C 29 -21.85 16.32 8.77
N PHE C 30 -20.87 16.80 8.00
CA PHE C 30 -19.47 16.73 8.39
C PHE C 30 -19.12 17.77 9.42
N LEU C 31 -18.49 17.36 10.50
CA LEU C 31 -18.13 18.26 11.57
C LEU C 31 -16.97 19.15 11.13
N ARG C 32 -17.09 20.46 11.37
CA ARG C 32 -16.06 21.42 10.94
C ARG C 32 -15.84 21.36 9.40
N PHE C 33 -16.90 21.05 8.67
CA PHE C 33 -16.84 20.86 7.22
C PHE C 33 -16.17 22.00 6.46
N ASP C 34 -16.65 23.22 6.65
CA ASP C 34 -16.05 24.36 5.94
C ASP C 34 -14.52 24.51 6.20
N ARG C 35 -14.04 24.18 7.40
CA ARG C 35 -12.58 24.27 7.67
C ARG C 35 -11.80 23.19 6.90
N HIS C 36 -12.40 22.00 6.76
CA HIS C 36 -11.77 20.91 6.02
C HIS C 36 -11.65 21.31 4.56
N LEU C 37 -12.73 21.85 4.01
CA LEU C 37 -12.73 22.27 2.61
C LEU C 37 -11.74 23.39 2.33
N ALA C 38 -11.67 24.39 3.22
CA ALA C 38 -10.76 25.51 3.01
C ALA C 38 -9.31 25.00 3.03
N ARG C 39 -8.99 24.08 3.93
CA ARG C 39 -7.64 23.53 3.96
C ARG C 39 -7.36 22.73 2.71
N LEU C 40 -8.26 21.82 2.34
CA LEU C 40 -8.05 21.02 1.12
C LEU C 40 -7.85 21.92 -0.12
N TYR C 41 -8.74 22.89 -0.31
CA TYR C 41 -8.64 23.76 -1.47
C TYR C 41 -7.38 24.62 -1.47
N GLY C 42 -7.01 25.14 -0.29
CA GLY C 42 -5.81 25.96 -0.16
C GLY C 42 -4.58 25.09 -0.46
N SER C 43 -4.47 23.95 0.22
CA SER C 43 -3.34 23.08 -0.06
C SER C 43 -3.31 22.72 -1.52
N ALA C 44 -4.45 22.33 -2.10
CA ALA C 44 -4.47 21.98 -3.53
C ALA C 44 -3.85 23.11 -4.41
N ALA C 45 -4.33 24.32 -4.23
CA ALA C 45 -3.83 25.46 -5.03
C ALA C 45 -2.34 25.73 -4.75
N GLU C 46 -1.92 25.64 -3.49
CA GLU C 46 -0.54 25.86 -3.12
C GLU C 46 0.41 24.77 -3.63
N LEU C 47 -0.05 23.52 -3.72
CA LEU C 47 0.83 22.41 -4.13
C LEU C 47 0.81 22.06 -5.62
N GLY C 48 -0.15 22.58 -6.36
CA GLY C 48 -0.25 22.33 -7.78
C GLY C 48 -1.27 21.28 -8.17
N PHE C 49 -2.23 21.02 -7.29
CA PHE C 49 -3.26 20.04 -7.54
C PHE C 49 -4.49 20.60 -8.17
N ALA C 50 -5.03 19.89 -9.15
CA ALA C 50 -6.29 20.25 -9.74
C ALA C 50 -7.31 19.92 -8.64
N CYS C 51 -8.35 20.71 -8.49
CA CYS C 51 -9.36 20.48 -7.45
C CYS C 51 -10.75 21.04 -7.85
N ASP C 52 -11.72 20.14 -8.02
CA ASP C 52 -13.08 20.47 -8.42
C ASP C 52 -14.07 20.26 -7.26
N PRO C 53 -14.70 21.35 -6.77
CA PRO C 53 -15.67 21.17 -5.70
C PRO C 53 -16.81 20.21 -6.07
N GLN C 54 -17.29 20.27 -7.32
CA GLN C 54 -18.37 19.35 -7.78
C GLN C 54 -18.01 17.91 -7.51
N ARG C 55 -16.79 17.62 -7.90
CA ARG C 55 -16.21 16.32 -7.83
C ARG C 55 -15.97 15.88 -6.36
N ILE C 56 -15.61 16.83 -5.49
CA ILE C 56 -15.46 16.54 -4.04
C ILE C 56 -16.85 16.22 -3.45
N ALA C 57 -17.83 17.07 -3.78
CA ALA C 57 -19.22 16.93 -3.31
C ALA C 57 -19.82 15.58 -3.70
N GLU C 58 -19.60 15.16 -4.95
CA GLU C 58 -20.07 13.90 -5.46
C GLU C 58 -19.49 12.69 -4.72
N VAL C 59 -18.17 12.63 -4.52
CA VAL C 59 -17.60 11.47 -3.80
C VAL C 59 -18.08 11.43 -2.35
N LEU C 60 -18.18 12.59 -1.70
CA LEU C 60 -18.65 12.63 -0.34
C LEU C 60 -20.10 12.13 -0.25
N SER C 61 -20.93 12.57 -1.17
CA SER C 61 -22.34 12.19 -1.16
C SER C 61 -22.53 10.68 -1.43
N ASP C 62 -21.74 10.15 -2.36
CA ASP C 62 -21.77 8.75 -2.68
C ASP C 62 -21.26 7.91 -1.53
N ALA C 63 -20.11 8.29 -0.98
CA ALA C 63 -19.53 7.58 0.13
C ALA C 63 -20.50 7.41 1.29
N LEU C 64 -21.22 8.48 1.64
CA LEU C 64 -22.19 8.47 2.78
C LEU C 64 -23.62 7.95 2.49
N ASP C 65 -23.89 7.58 1.24
CA ASP C 65 -25.21 7.05 0.87
C ASP C 65 -25.53 5.77 1.65
N GLY C 66 -26.64 5.78 2.40
CA GLY C 66 -27.05 4.64 3.22
C GLY C 66 -26.37 4.59 4.61
N ALA C 67 -25.67 5.65 4.99
CA ALA C 67 -25.02 5.66 6.30
C ALA C 67 -26.09 5.53 7.40
N ARG C 68 -25.88 4.58 8.32
CA ARG C 68 -26.83 4.32 9.38
C ARG C 68 -26.50 5.07 10.65
N THR C 69 -25.21 5.34 10.82
CA THR C 69 -24.71 5.97 12.00
C THR C 69 -23.72 7.03 11.62
N ALA C 70 -23.08 7.64 12.61
CA ALA C 70 -22.03 8.60 12.37
C ALA C 70 -20.94 7.78 11.67
N ARG C 72 -16.81 7.78 9.94
CA ARG C 72 -15.50 8.32 9.75
C ARG C 72 -15.36 8.35 8.23
N THR C 73 -15.11 9.54 7.70
CA THR C 73 -14.99 9.74 6.28
C THR C 73 -13.58 10.20 5.96
N ARG C 74 -12.93 9.52 5.02
CA ARG C 74 -11.58 9.89 4.59
C ARG C 74 -11.65 10.27 3.13
N LEU C 75 -11.24 11.50 2.87
CA LEU C 75 -11.28 12.10 1.58
C LEU C 75 -9.87 12.19 1.04
N ALA C 76 -9.66 11.78 -0.21
CA ALA C 76 -8.31 11.86 -0.80
C ALA C 76 -8.37 12.49 -2.22
N LEU C 77 -7.37 13.29 -2.53
CA LEU C 77 -7.29 13.98 -3.80
C LEU C 77 -5.91 13.81 -4.43
N ALA C 78 -5.89 13.37 -5.68
CA ALA C 78 -4.67 13.21 -6.42
C ALA C 78 -4.40 14.49 -7.20
N ARG C 79 -3.20 14.58 -7.77
CA ARG C 79 -2.78 15.75 -8.50
C ARG C 79 -3.64 16.10 -9.71
N ASN C 80 -4.10 15.10 -10.45
CA ASN C 80 -4.97 15.36 -11.63
C ASN C 80 -6.42 15.74 -11.29
N GLY C 81 -6.75 15.74 -10.00
CA GLY C 81 -8.12 16.10 -9.58
C GLY C 81 -8.98 14.91 -9.25
N ASP C 82 -8.49 13.70 -9.54
CA ASP C 82 -9.21 12.48 -9.21
C ASP C 82 -9.42 12.46 -7.68
N ALA C 83 -10.61 12.12 -7.24
CA ALA C 83 -10.91 12.09 -5.81
C ALA C 83 -11.48 10.77 -5.34
N THR C 84 -11.23 10.46 -4.06
CA THR C 84 -11.74 9.26 -3.41
C THR C 84 -12.25 9.58 -2.00
N ALA C 85 -13.20 8.77 -1.55
CA ALA C 85 -13.77 8.91 -0.23
C ALA C 85 -14.14 7.55 0.30
N SER C 86 -13.83 7.31 1.57
CA SER C 86 -14.19 6.06 2.20
C SER C 86 -15.02 6.38 3.42
N ALA C 87 -15.91 5.47 3.80
CA ALA C 87 -16.70 5.65 4.99
C ALA C 87 -16.85 4.32 5.73
N GLN C 88 -16.81 4.43 7.06
CA GLN C 88 -16.99 3.31 7.97
C GLN C 88 -17.62 3.88 9.24
N PRO C 89 -18.24 3.02 10.05
CA PRO C 89 -18.87 3.54 11.27
C PRO C 89 -17.88 4.26 12.18
N TYR C 90 -18.36 5.31 12.85
CA TYR C 90 -17.53 6.06 13.79
C TYR C 90 -17.89 5.62 15.19
N GLU C 91 -16.92 5.09 15.92
CA GLU C 91 -17.12 4.61 17.29
C GLU C 91 -16.48 5.57 18.26
N PRO C 92 -17.31 6.37 18.95
CA PRO C 92 -16.73 7.33 19.90
C PRO C 92 -16.03 6.64 21.08
N LEU C 93 -14.91 7.20 21.50
CA LEU C 93 -14.18 6.64 22.61
C LEU C 93 -15.04 6.70 23.85
N ALA C 94 -14.84 5.75 24.76
CA ALA C 94 -15.58 5.79 26.03
C ALA C 94 -15.21 7.08 26.76
N ALA C 95 -16.19 7.68 27.45
CA ALA C 95 -15.96 8.92 28.20
C ALA C 95 -14.79 8.81 29.20
N ASP C 96 -14.51 7.62 29.74
CA ASP C 96 -13.39 7.44 30.71
C ASP C 96 -12.06 6.92 30.08
N LYS C 97 -12.00 6.79 28.76
CA LYS C 97 -10.79 6.34 28.11
C LYS C 97 -9.79 7.48 28.14
N VAL C 98 -8.56 7.13 28.47
CA VAL C 98 -7.48 8.08 28.50
C VAL C 98 -6.37 7.46 27.66
N TRP C 99 -5.86 8.20 26.69
CA TRP C 99 -4.80 7.70 25.82
C TRP C 99 -3.44 7.83 26.48
N ILE C 100 -2.61 6.80 26.31
CA ILE C 100 -1.26 6.84 26.84
C ILE C 100 -0.37 7.31 25.69
N LEU C 101 0.46 8.32 25.95
CA LEU C 101 1.36 8.86 24.91
C LEU C 101 2.85 8.51 25.19
N ARG C 102 3.65 8.41 24.15
CA ARG C 102 5.07 8.18 24.28
C ARG C 102 5.80 9.03 23.24
N LEU C 103 7.06 9.30 23.50
CA LEU C 103 7.88 10.10 22.63
C LEU C 103 8.66 9.23 21.66
N ALA C 104 8.50 9.49 20.36
CA ALA C 104 9.27 8.77 19.36
C ALA C 104 10.69 9.33 19.37
N ARG C 105 11.65 8.49 18.99
CA ARG C 105 13.02 8.93 18.85
C ARG C 105 13.09 9.63 17.51
N THR C 106 12.19 9.21 16.61
CA THR C 106 12.10 9.79 15.28
C THR C 106 11.73 11.27 15.40
N ARG C 107 12.58 12.14 14.89
CA ARG C 107 12.37 13.57 14.97
C ARG C 107 11.92 14.15 13.66
N LEU C 108 11.18 15.26 13.74
CA LEU C 108 10.74 16.02 12.56
C LEU C 108 11.71 17.17 12.32
N ASP C 109 11.63 17.73 11.12
CA ASP C 109 12.45 18.84 10.71
C ASP C 109 11.59 20.11 10.63
N SER C 110 11.80 21.08 11.51
CA SER C 110 10.99 22.31 11.46
C SER C 110 11.03 23.04 10.12
N GLN C 111 12.00 22.72 9.29
CA GLN C 111 12.15 23.40 8.00
C GLN C 111 11.43 22.68 6.87
N ASN C 112 10.84 21.53 7.15
CA ASN C 112 10.10 20.79 6.14
C ASN C 112 8.72 21.43 6.03
N THR C 113 8.50 22.19 4.99
CA THR C 113 7.22 22.87 4.83
C THR C 113 6.11 21.97 4.32
N LEU C 114 6.43 20.74 3.97
CA LEU C 114 5.41 19.84 3.51
C LEU C 114 4.57 19.35 4.71
N LEU C 115 5.08 19.58 5.92
CA LEU C 115 4.38 19.19 7.16
C LEU C 115 3.08 19.97 7.38
N ARG C 116 3.00 21.16 6.80
CA ARG C 116 1.85 22.03 6.90
C ARG C 116 0.68 21.55 6.06
N HIS C 117 0.89 20.51 5.29
CA HIS C 117 -0.15 19.97 4.45
C HIS C 117 -0.40 18.52 4.85
N THR C 119 -0.71 15.17 3.74
CA THR C 119 -0.47 14.34 2.57
C THR C 119 -0.22 12.88 2.90
N SER C 120 -0.13 12.05 1.84
CA SER C 120 0.10 10.62 1.98
C SER C 120 1.57 10.30 2.18
N ARG C 121 2.42 11.32 2.12
CA ARG C 121 3.85 11.15 2.34
C ARG C 121 4.08 11.20 3.84
N ARG C 122 3.84 10.06 4.48
CA ARG C 122 3.89 9.92 5.93
C ARG C 122 4.98 9.00 6.51
N GLN C 123 6.03 8.69 5.74
CA GLN C 123 7.06 7.79 6.22
C GLN C 123 7.55 8.14 7.63
N LEU C 124 7.66 9.41 7.91
CA LEU C 124 8.18 9.78 9.18
C LEU C 124 7.16 9.48 10.30
N TYR C 125 5.88 9.74 10.05
CA TYR C 125 4.86 9.45 11.04
C TYR C 125 4.72 7.91 11.22
N THR C 126 4.82 7.19 10.11
CA THR C 126 4.70 5.75 10.13
C THR C 126 5.87 5.12 10.88
N HIS C 127 7.07 5.68 10.75
CA HIS C 127 8.18 5.13 11.49
C HIS C 127 7.98 5.41 12.98
N ALA C 128 7.60 6.64 13.35
CA ALA C 128 7.31 6.97 14.75
C ALA C 128 6.29 6.00 15.39
N ARG C 129 5.21 5.71 14.68
CA ARG C 129 4.16 4.79 15.16
C ARG C 129 4.67 3.37 15.38
N SER C 130 5.56 2.90 14.51
CA SER C 130 6.09 1.55 14.62
C SER C 130 7.06 1.37 15.82
N GLU C 131 7.53 2.47 16.41
CA GLU C 131 8.45 2.37 17.56
C GLU C 131 7.75 1.83 18.80
N TYR C 132 6.44 1.99 18.86
CA TYR C 132 5.66 1.51 20.00
C TYR C 132 4.43 0.68 19.64
N LEU C 133 4.21 -0.39 20.38
CA LEU C 133 3.02 -1.20 20.22
C LEU C 133 1.88 -0.36 20.76
N VAL C 134 0.66 -0.61 20.27
CA VAL C 134 -0.52 0.13 20.76
C VAL C 134 -0.66 -0.05 22.29
N THR C 135 -0.44 -1.25 22.77
CA THR C 135 -0.52 -1.49 24.20
C THR C 135 0.50 -0.65 25.00
N GLN C 136 1.56 -0.17 24.35
CA GLN C 136 2.56 0.71 24.99
C GLN C 136 2.21 2.20 24.79
N ALA C 137 1.53 2.53 23.70
CA ALA C 137 1.18 3.90 23.43
C ALA C 137 0.02 4.02 22.47
N ASP C 138 -1.07 4.65 22.91
CA ASP C 138 -2.24 4.87 22.06
C ASP C 138 -1.89 5.88 20.99
N GLU C 139 -0.93 6.76 21.29
CA GLU C 139 -0.49 7.74 20.33
C GLU C 139 0.97 8.09 20.61
N VAL C 140 1.74 8.23 19.56
CA VAL C 140 3.16 8.56 19.67
C VAL C 140 3.38 10.00 19.23
N LEU C 141 4.12 10.75 20.05
CA LEU C 141 4.42 12.14 19.78
C LEU C 141 5.79 12.32 19.13
N LEU C 142 5.91 13.36 18.30
CA LEU C 142 7.17 13.67 17.68
C LEU C 142 7.62 15.09 18.06
N ALA C 143 8.92 15.24 18.29
CA ALA C 143 9.58 16.50 18.60
C ALA C 143 10.43 16.91 17.40
N ASN C 144 10.84 18.17 17.33
CA ASN C 144 11.67 18.61 16.24
C ASN C 144 13.18 18.60 16.61
N GLU C 145 14.04 19.11 15.73
CA GLU C 145 15.50 19.10 15.96
C GLU C 145 15.94 19.98 17.15
N ARG C 146 15.07 20.87 17.60
CA ARG C 146 15.38 21.74 18.75
C ARG C 146 14.84 21.15 20.03
N GLY C 147 14.21 19.97 19.94
CA GLY C 147 13.65 19.34 21.13
C GLY C 147 12.28 19.87 21.52
N GLU C 148 11.70 20.71 20.67
CA GLU C 148 10.38 21.24 20.91
C GLU C 148 9.35 20.17 20.53
N ILE C 149 8.40 19.87 21.41
CA ILE C 149 7.39 18.85 21.08
C ILE C 149 6.47 19.46 20.02
N CYS C 150 6.07 18.65 19.03
CA CYS C 150 5.26 19.16 17.92
C CYS C 150 3.85 18.64 17.81
N GLU C 151 3.70 17.33 17.65
CA GLU C 151 2.38 16.73 17.45
C GLU C 151 2.46 15.23 17.58
N GLY C 152 1.30 14.61 17.48
CA GLY C 152 1.17 13.17 17.47
C GLY C 152 1.13 12.75 16.01
N THR C 153 1.22 11.44 15.75
CA THR C 153 1.18 10.94 14.39
C THR C 153 -0.12 11.31 13.65
N ILE C 154 -1.22 11.39 14.39
CA ILE C 154 -2.54 11.68 13.82
C ILE C 154 -3.35 12.72 14.64
N THR C 155 -2.67 13.50 15.48
CA THR C 155 -3.32 14.46 16.34
C THR C 155 -2.41 15.61 16.63
N ASN C 156 -3.01 16.67 17.18
CA ASN C 156 -2.28 17.81 17.65
C ASN C 156 -2.27 17.66 19.16
N VAL C 157 -1.38 18.39 19.83
CA VAL C 157 -1.23 18.30 21.27
C VAL C 157 -1.71 19.58 21.96
N PHE C 158 -2.33 19.40 23.12
CA PHE C 158 -2.90 20.47 23.91
C PHE C 158 -2.62 20.22 25.40
N ALA C 159 -2.02 21.22 26.05
CA ALA C 159 -1.68 21.09 27.45
C ALA C 159 -2.22 22.26 28.27
N ASP C 160 -2.93 21.92 29.34
CA ASP C 160 -3.42 22.89 30.27
C ASP C 160 -2.34 22.98 31.34
N PHE C 161 -1.64 24.10 31.39
CA PHE C 161 -0.58 24.28 32.38
C PHE C 161 -1.05 24.91 33.69
N GLY C 162 -2.36 25.02 33.88
CA GLY C 162 -2.88 25.56 35.11
C GLY C 162 -3.97 26.59 34.96
N ASP C 163 -3.96 27.38 33.89
CA ASP C 163 -4.97 28.42 33.70
C ASP C 163 -6.18 28.01 32.82
N GLY C 164 -6.23 26.79 32.35
CA GLY C 164 -7.35 26.36 31.54
C GLY C 164 -7.19 26.61 30.04
N VAL C 165 -6.16 27.34 29.64
CA VAL C 165 -5.93 27.56 28.22
C VAL C 165 -5.17 26.34 27.67
N LEU C 166 -5.61 25.83 26.53
CA LEU C 166 -4.97 24.67 25.95
C LEU C 166 -3.77 25.15 25.15
N ALA C 167 -2.58 25.03 25.74
CA ALA C 167 -1.36 25.45 25.07
C ALA C 167 -1.04 24.41 24.00
N THR C 168 -0.83 24.85 22.78
CA THR C 168 -0.57 23.95 21.67
C THR C 168 0.65 24.46 20.92
N PRO C 169 1.52 23.56 20.47
CA PRO C 169 2.75 24.03 19.80
C PRO C 169 2.53 24.89 18.56
N ARG C 170 3.40 25.89 18.40
CA ARG C 170 3.39 26.81 17.26
C ARG C 170 3.56 26.06 15.96
N LEU C 171 2.92 26.58 14.92
CA LEU C 171 2.98 25.99 13.62
C LEU C 171 4.42 25.84 13.12
N ASP C 172 5.24 26.88 13.35
CA ASP C 172 6.62 26.84 12.87
C ASP C 172 7.53 25.92 13.68
N CYS C 173 6.97 25.13 14.58
CA CYS C 173 7.75 24.11 15.25
C CYS C 173 7.85 22.94 14.28
N GLY C 174 6.90 22.88 13.34
CA GLY C 174 6.87 21.81 12.33
C GLY C 174 5.77 20.83 12.69
N LEU C 175 4.58 21.06 12.11
CA LEU C 175 3.41 20.24 12.38
C LEU C 175 2.27 20.57 11.44
N LEU C 176 1.24 19.72 11.45
CA LEU C 176 0.09 19.96 10.62
C LEU C 176 -0.87 20.89 11.32
N PRO C 177 -1.29 22.01 10.66
CA PRO C 177 -2.28 22.86 11.26
C PRO C 177 -3.63 22.15 11.20
N GLY C 178 -3.92 21.31 12.18
CA GLY C 178 -5.17 20.56 12.22
C GLY C 178 -6.42 21.43 12.23
N VAL C 179 -7.54 20.83 11.83
CA VAL C 179 -8.82 21.51 11.76
C VAL C 179 -9.41 21.69 13.17
N LEU C 180 -9.23 20.70 14.05
CA LEU C 180 -9.69 20.87 15.45
C LEU C 180 -8.83 21.99 16.03
N ARG C 181 -7.51 21.81 15.93
CA ARG C 181 -6.56 22.81 16.41
C ARG C 181 -6.96 24.22 15.99
N ALA C 182 -7.29 24.41 14.70
CA ALA C 182 -7.69 25.72 14.16
C ALA C 182 -8.93 26.26 14.83
N GLU C 183 -9.92 25.41 15.05
CA GLU C 183 -11.15 25.84 15.69
C GLU C 183 -10.88 26.31 17.12
N LEU C 184 -10.07 25.55 17.85
CA LEU C 184 -9.76 25.85 19.26
C LEU C 184 -8.99 27.18 19.36
N LEU C 185 -8.07 27.39 18.42
CA LEU C 185 -7.30 28.64 18.38
C LEU C 185 -8.25 29.81 18.08
N ASP C 186 -9.14 29.65 17.09
CA ASP C 186 -10.09 30.73 16.73
C ASP C 186 -11.04 31.07 17.88
N GLU C 187 -11.47 30.04 18.60
CA GLU C 187 -12.39 30.23 19.73
C GLU C 187 -11.71 30.78 20.98
N GLY C 188 -10.37 30.85 20.97
CA GLY C 188 -9.62 31.34 22.13
C GLY C 188 -9.40 30.27 23.20
N ARG C 189 -9.90 29.05 22.97
CA ARG C 189 -9.74 27.95 23.90
C ARG C 189 -8.31 27.45 23.91
N ALA C 190 -7.62 27.64 22.79
CA ALA C 190 -6.23 27.25 22.66
C ALA C 190 -5.36 28.45 22.31
N GLU C 191 -4.06 28.32 22.55
CA GLU C 191 -3.06 29.36 22.22
C GLU C 191 -1.78 28.71 21.78
N GLU C 192 -1.10 29.33 20.82
CA GLU C 192 0.16 28.81 20.38
C GLU C 192 1.22 29.00 21.47
N ALA C 193 2.10 28.00 21.61
CA ALA C 193 3.17 28.04 22.59
C ALA C 193 4.32 27.13 22.18
N ILE C 194 5.39 27.14 22.98
CA ILE C 194 6.56 26.30 22.78
C ILE C 194 6.89 25.55 24.07
N TYR C 195 6.97 24.23 23.98
CA TYR C 195 7.30 23.40 25.12
C TYR C 195 7.85 22.06 24.68
N SER C 196 8.22 21.23 25.64
CA SER C 196 8.81 19.96 25.32
C SER C 196 8.10 18.83 25.99
N TYR C 197 8.51 17.63 25.62
CA TYR C 197 7.99 16.42 26.16
C TYR C 197 8.13 16.45 27.66
N ASP C 198 9.28 16.93 28.13
CA ASP C 198 9.56 17.05 29.56
C ASP C 198 8.50 17.81 30.37
N ASP C 199 7.79 18.73 29.72
CA ASP C 199 6.74 19.55 30.36
C ASP C 199 5.33 18.92 30.38
N LEU C 200 5.10 17.90 29.56
CA LEU C 200 3.74 17.33 29.44
C LEU C 200 3.23 16.61 30.64
N LYS C 201 4.11 15.80 31.22
CA LYS C 201 3.81 14.99 32.37
C LYS C 201 3.18 15.75 33.51
N SER C 202 3.79 16.91 33.81
CA SER C 202 3.36 17.77 34.91
CA SER C 202 3.36 17.76 34.92
C SER C 202 2.15 18.62 34.61
N ALA C 203 1.67 18.57 33.37
CA ALA C 203 0.51 19.36 32.99
C ALA C 203 -0.69 19.03 33.89
N LYS C 204 -1.49 20.04 34.17
CA LYS C 204 -2.68 19.87 34.98
C LYS C 204 -3.71 18.97 34.24
N ALA C 205 -3.78 19.13 32.93
CA ALA C 205 -4.65 18.31 32.07
C ALA C 205 -3.93 18.22 30.74
N LEU C 206 -4.01 17.07 30.09
CA LEU C 206 -3.32 16.89 28.83
C LEU C 206 -4.25 16.26 27.80
N PHE C 207 -4.20 16.77 26.58
CA PHE C 207 -5.02 16.23 25.50
C PHE C 207 -4.33 16.14 24.19
N VAL C 208 -4.72 15.13 23.39
CA VAL C 208 -4.29 15.02 22.00
C VAL C 208 -5.63 15.06 21.29
N GLY C 209 -5.69 15.62 20.11
CA GLY C 209 -6.92 15.73 19.39
C GLY C 209 -6.84 15.91 17.89
N ASN C 210 -7.96 15.56 17.24
CA ASN C 210 -8.14 15.72 15.82
C ASN C 210 -9.62 15.98 15.53
N SER C 211 -9.90 16.54 14.36
CA SER C 211 -11.26 16.89 13.98
C SER C 211 -12.21 15.69 14.07
N LEU C 212 -11.71 14.49 13.79
CA LEU C 212 -12.54 13.28 13.86
C LEU C 212 -13.06 12.96 15.28
N ARG C 213 -12.16 12.94 16.27
CA ARG C 213 -12.51 12.58 17.65
C ARG C 213 -12.65 13.68 18.65
N GLY C 214 -12.19 14.87 18.30
CA GLY C 214 -12.24 15.98 19.23
C GLY C 214 -11.07 15.81 20.18
N LEU C 215 -11.16 16.45 21.33
CA LEU C 215 -10.14 16.35 22.36
C LEU C 215 -10.23 15.01 23.05
N ILE C 216 -9.08 14.35 23.17
CA ILE C 216 -8.99 13.04 23.80
C ILE C 216 -8.13 13.15 25.02
N PRO C 217 -8.66 12.84 26.20
CA PRO C 217 -7.79 12.93 27.39
C PRO C 217 -6.56 12.03 27.27
N ALA C 218 -5.40 12.57 27.66
CA ALA C 218 -4.14 11.83 27.57
C ALA C 218 -3.32 11.89 28.85
N LYS C 219 -2.37 10.96 28.94
CA LYS C 219 -1.46 10.85 30.08
C LYS C 219 -0.13 10.26 29.62
N LEU C 220 0.93 10.58 30.34
CA LEU C 220 2.25 10.04 30.04
C LEU C 220 2.72 8.91 30.95
N VAL C 221 3.65 8.14 30.38
CA VAL C 221 4.36 7.04 31.07
C VAL C 221 5.80 7.02 30.46
N GLY D 11 -28.65 8.55 -11.56
CA GLY D 11 -28.06 7.40 -12.34
C GLY D 11 -28.77 7.15 -13.69
N ASP D 12 -30.06 7.46 -13.75
CA ASP D 12 -30.88 7.28 -14.96
C ASP D 12 -30.86 8.48 -15.93
N THR D 13 -30.85 9.70 -15.38
CA THR D 13 -30.76 10.92 -16.21
C THR D 13 -29.26 11.22 -16.47
N ALA D 14 -28.51 11.38 -15.37
CA ALA D 14 -27.09 11.67 -15.45
C ALA D 14 -26.32 10.41 -15.89
N ASP D 15 -25.00 10.50 -15.85
CA ASP D 15 -24.17 9.38 -16.21
C ASP D 15 -24.32 8.41 -15.04
N PHE D 16 -23.93 7.16 -15.26
CA PHE D 16 -24.03 6.15 -14.24
C PHE D 16 -22.66 5.82 -13.68
N GLU D 17 -22.67 5.12 -12.56
CA GLU D 17 -21.46 4.67 -11.91
C GLU D 17 -21.47 3.16 -11.85
N LEU D 18 -20.27 2.56 -11.81
CA LEU D 18 -20.13 1.11 -11.66
C LEU D 18 -20.12 0.78 -10.16
N ILE D 19 -20.78 -0.31 -9.79
CA ILE D 19 -20.92 -0.72 -8.38
C ILE D 19 -20.58 -2.22 -8.14
N GLU D 20 -20.04 -2.50 -6.96
CA GLU D 20 -19.76 -3.87 -6.51
C GLU D 20 -20.14 -3.86 -5.04
N THR D 21 -20.99 -4.82 -4.65
CA THR D 21 -21.41 -4.98 -3.26
C THR D 21 -20.88 -6.33 -2.76
N ARG D 23 -19.10 -8.88 0.69
CA ARG D 23 -19.05 -9.21 2.10
C ARG D 23 -17.62 -9.38 2.54
N TRP D 24 -17.18 -8.48 3.43
CA TRP D 24 -15.86 -8.56 4.02
C TRP D 24 -15.97 -9.40 5.26
N GLN D 25 -15.01 -10.30 5.45
CA GLN D 25 -15.00 -11.19 6.60
C GLN D 25 -13.65 -11.15 7.26
N PRO D 26 -13.62 -11.17 8.60
CA PRO D 26 -12.34 -11.13 9.30
C PRO D 26 -11.38 -12.23 8.87
N GLY D 27 -10.14 -11.85 8.63
CA GLY D 27 -9.11 -12.76 8.23
C GLY D 27 -9.07 -13.13 6.74
N THR D 28 -10.22 -13.48 6.18
CA THR D 28 -10.31 -13.90 4.76
C THR D 28 -10.56 -12.73 3.77
N SER D 29 -10.92 -11.57 4.30
CA SER D 29 -11.17 -10.39 3.50
C SER D 29 -12.48 -10.55 2.67
N PHE D 30 -12.55 -9.92 1.51
CA PHE D 30 -13.79 -9.96 0.70
C PHE D 30 -14.09 -11.32 0.07
N LEU D 31 -15.30 -11.78 0.28
CA LEU D 31 -15.75 -13.04 -0.24
C LEU D 31 -15.84 -12.91 -1.78
N ARG D 32 -15.18 -13.81 -2.49
CA ARG D 32 -15.14 -13.78 -3.96
C ARG D 32 -14.48 -12.49 -4.51
N PHE D 33 -13.59 -11.92 -3.70
CA PHE D 33 -12.91 -10.68 -4.04
C PHE D 33 -12.41 -10.65 -5.48
N ASP D 34 -11.67 -11.67 -5.91
CA ASP D 34 -11.14 -11.62 -7.29
C ASP D 34 -12.24 -11.52 -8.37
N ARG D 35 -13.39 -12.17 -8.17
CA ARG D 35 -14.47 -12.06 -9.17
C ARG D 35 -15.05 -10.66 -9.21
N HIS D 36 -15.21 -10.02 -8.04
CA HIS D 36 -15.74 -8.66 -8.01
C HIS D 36 -14.80 -7.71 -8.71
N LEU D 37 -13.51 -7.85 -8.46
CA LEU D 37 -12.58 -6.96 -9.09
C LEU D 37 -12.48 -7.27 -10.58
N ALA D 38 -12.54 -8.54 -10.97
CA ALA D 38 -12.47 -8.87 -12.39
C ALA D 38 -13.65 -8.22 -13.11
N ARG D 39 -14.84 -8.22 -12.48
CA ARG D 39 -16.00 -7.61 -13.13
C ARG D 39 -15.93 -6.08 -13.17
N LEU D 40 -15.55 -5.47 -12.05
CA LEU D 40 -15.43 -4.02 -12.00
C LEU D 40 -14.42 -3.51 -13.02
N TYR D 41 -13.23 -4.12 -13.00
CA TYR D 41 -12.18 -3.69 -13.90
C TYR D 41 -12.53 -3.93 -15.36
N GLY D 42 -13.11 -5.10 -15.66
CA GLY D 42 -13.52 -5.44 -17.02
C GLY D 42 -14.60 -4.47 -17.51
N SER D 43 -15.59 -4.18 -16.67
CA SER D 43 -16.63 -3.24 -17.05
C SER D 43 -16.07 -1.87 -17.28
N ALA D 44 -15.18 -1.43 -16.39
CA ALA D 44 -14.59 -0.10 -16.52
C ALA D 44 -13.84 0.01 -17.86
N ALA D 45 -13.06 -1.01 -18.20
CA ALA D 45 -12.33 -0.99 -19.46
C ALA D 45 -13.28 -0.99 -20.66
N GLU D 46 -14.31 -1.82 -20.60
CA GLU D 46 -15.22 -1.94 -21.71
C GLU D 46 -16.08 -0.69 -21.91
N LEU D 47 -16.50 -0.06 -20.82
CA LEU D 47 -17.36 1.14 -20.89
C LEU D 47 -16.58 2.47 -20.97
N GLY D 48 -15.25 2.39 -21.02
CA GLY D 48 -14.41 3.59 -21.09
C GLY D 48 -14.27 4.43 -19.81
N PHE D 49 -14.41 3.78 -18.66
CA PHE D 49 -14.25 4.42 -17.35
C PHE D 49 -12.81 4.45 -16.95
N ALA D 50 -12.31 5.62 -16.54
CA ALA D 50 -10.94 5.67 -16.05
C ALA D 50 -10.96 4.80 -14.81
N CYS D 51 -9.84 4.14 -14.51
CA CYS D 51 -9.79 3.26 -13.35
C CYS D 51 -8.37 3.07 -12.90
N ASP D 52 -8.08 3.46 -11.66
CA ASP D 52 -6.74 3.30 -11.11
C ASP D 52 -6.79 2.23 -10.00
N PRO D 53 -6.35 1.00 -10.29
CA PRO D 53 -6.41 -0.06 -9.26
C PRO D 53 -5.78 0.27 -7.92
N GLN D 54 -4.65 0.97 -7.91
CA GLN D 54 -4.02 1.33 -6.63
C GLN D 54 -4.96 2.23 -5.80
N ARG D 55 -5.76 3.01 -6.49
CA ARG D 55 -6.71 3.93 -5.86
C ARG D 55 -7.86 3.13 -5.25
N ILE D 56 -8.32 2.12 -6.00
CA ILE D 56 -9.39 1.26 -5.56
C ILE D 56 -8.92 0.48 -4.31
N ALA D 57 -7.68 0.01 -4.32
CA ALA D 57 -7.16 -0.74 -3.18
C ALA D 57 -7.04 0.14 -1.96
N GLU D 58 -6.63 1.39 -2.17
CA GLU D 58 -6.47 2.30 -1.06
CA GLU D 58 -6.48 2.34 -1.07
C GLU D 58 -7.81 2.65 -0.42
N VAL D 59 -8.82 2.92 -1.24
CA VAL D 59 -10.11 3.27 -0.71
C VAL D 59 -10.76 2.08 0.03
N LEU D 60 -10.59 0.86 -0.49
CA LEU D 60 -11.12 -0.34 0.20
C LEU D 60 -10.32 -0.60 1.49
N SER D 61 -9.03 -0.37 1.44
CA SER D 61 -8.21 -0.57 2.62
C SER D 61 -8.65 0.35 3.80
N ASP D 62 -8.86 1.64 3.52
CA ASP D 62 -9.26 2.59 4.57
CA ASP D 62 -9.26 2.57 4.59
C ASP D 62 -10.69 2.30 5.10
N ALA D 63 -11.59 1.94 4.20
CA ALA D 63 -12.97 1.65 4.62
C ALA D 63 -13.02 0.46 5.58
N LEU D 64 -12.18 -0.56 5.35
CA LEU D 64 -12.16 -1.72 6.23
C LEU D 64 -11.13 -1.65 7.37
N ASP D 65 -10.39 -0.54 7.49
CA ASP D 65 -9.39 -0.43 8.55
C ASP D 65 -10.10 -0.46 9.89
N GLY D 66 -9.68 -1.39 10.76
CA GLY D 66 -10.28 -1.53 12.08
C GLY D 66 -11.50 -2.45 12.15
N ALA D 67 -12.05 -2.87 11.00
CA ALA D 67 -13.24 -3.70 11.02
C ALA D 67 -12.96 -4.95 11.85
N ARG D 68 -13.89 -5.24 12.77
CA ARG D 68 -13.80 -6.39 13.67
C ARG D 68 -14.76 -7.52 13.28
N THR D 69 -15.90 -7.16 12.69
CA THR D 69 -16.93 -8.14 12.28
C THR D 69 -17.15 -8.05 10.77
N ALA D 70 -17.93 -8.99 10.23
CA ALA D 70 -18.25 -9.02 8.82
C ALA D 70 -18.88 -7.67 8.40
N ARG D 72 -20.72 -5.28 5.17
CA ARG D 72 -21.25 -5.11 3.84
C ARG D 72 -20.41 -3.97 3.23
N THR D 73 -19.85 -4.18 2.04
CA THR D 73 -19.03 -3.15 1.45
C THR D 73 -19.52 -2.69 0.04
N ARG D 74 -19.82 -1.41 -0.10
CA ARG D 74 -20.21 -0.87 -1.38
C ARG D 74 -19.03 -0.12 -2.01
N LEU D 75 -18.57 -0.60 -3.17
CA LEU D 75 -17.49 0.02 -3.94
C LEU D 75 -18.14 0.61 -5.20
N ALA D 76 -17.81 1.87 -5.49
CA ALA D 76 -18.40 2.59 -6.64
C ALA D 76 -17.32 3.38 -7.42
N LEU D 77 -17.44 3.33 -8.73
CA LEU D 77 -16.51 3.99 -9.61
C LEU D 77 -17.25 4.84 -10.62
N ALA D 78 -16.83 6.09 -10.77
CA ALA D 78 -17.43 7.00 -11.72
C ALA D 78 -16.57 6.96 -12.98
N ARG D 79 -17.12 7.41 -14.09
CA ARG D 79 -16.40 7.44 -15.36
C ARG D 79 -15.09 8.24 -15.30
N ASN D 80 -15.07 9.33 -14.54
CA ASN D 80 -13.86 10.16 -14.42
C ASN D 80 -12.77 9.56 -13.51
N GLY D 81 -12.98 8.37 -12.99
CA GLY D 81 -11.98 7.70 -12.12
C GLY D 81 -12.22 7.87 -10.62
N ASP D 82 -13.08 8.80 -10.25
CA ASP D 82 -13.43 8.97 -8.82
C ASP D 82 -13.96 7.63 -8.29
N ALA D 83 -13.61 7.31 -7.04
CA ALA D 83 -14.07 6.06 -6.43
C ALA D 83 -14.45 6.25 -4.95
N THR D 84 -15.43 5.47 -4.49
CA THR D 84 -15.84 5.49 -3.09
C THR D 84 -15.98 4.09 -2.54
N ALA D 85 -15.88 3.98 -1.23
CA ALA D 85 -16.07 2.69 -0.56
C ALA D 85 -16.70 2.93 0.80
N SER D 86 -17.82 2.27 1.04
CA SER D 86 -18.54 2.35 2.31
C SER D 86 -18.71 0.96 2.92
N ALA D 87 -18.39 0.85 4.20
CA ALA D 87 -18.49 -0.42 4.89
C ALA D 87 -19.26 -0.23 6.17
N GLN D 88 -20.26 -1.09 6.39
CA GLN D 88 -21.03 -1.10 7.60
C GLN D 88 -21.31 -2.58 7.96
N PRO D 89 -21.61 -2.85 9.23
CA PRO D 89 -21.83 -4.24 9.66
C PRO D 89 -22.79 -5.02 8.82
N TYR D 90 -22.36 -6.21 8.42
CA TYR D 90 -23.18 -7.12 7.65
C TYR D 90 -24.20 -7.71 8.62
N GLU D 91 -25.46 -7.69 8.20
CA GLU D 91 -26.57 -8.22 8.97
C GLU D 91 -27.10 -9.45 8.25
N PRO D 92 -26.58 -10.63 8.60
CA PRO D 92 -26.99 -11.84 7.89
C PRO D 92 -28.41 -12.29 8.21
N LEU D 93 -29.05 -12.94 7.24
CA LEU D 93 -30.40 -13.48 7.45
C LEU D 93 -30.31 -14.71 8.37
N ALA D 94 -31.34 -14.99 9.18
CA ALA D 94 -31.35 -16.23 10.01
C ALA D 94 -31.32 -17.43 9.04
N ALA D 95 -30.63 -18.51 9.41
CA ALA D 95 -30.51 -19.69 8.53
C ALA D 95 -31.86 -20.29 8.07
N ASP D 96 -32.94 -20.01 8.80
CA ASP D 96 -34.27 -20.54 8.45
C ASP D 96 -35.18 -19.50 7.74
N LYS D 97 -34.64 -18.32 7.41
CA LYS D 97 -35.42 -17.30 6.72
C LYS D 97 -35.66 -17.74 5.28
N VAL D 98 -36.90 -17.60 4.82
CA VAL D 98 -37.28 -17.96 3.45
C VAL D 98 -37.85 -16.72 2.77
N TRP D 99 -37.16 -16.21 1.77
CA TRP D 99 -37.64 -15.03 1.04
C TRP D 99 -38.81 -15.31 0.11
N ILE D 100 -39.83 -14.45 0.17
CA ILE D 100 -40.99 -14.59 -0.70
C ILE D 100 -40.76 -13.79 -1.95
N LEU D 101 -40.98 -14.46 -3.08
CA LEU D 101 -40.76 -13.86 -4.40
C LEU D 101 -42.03 -13.55 -5.09
N ARG D 102 -42.07 -12.42 -5.78
CA ARG D 102 -43.23 -12.03 -6.56
C ARG D 102 -42.69 -11.52 -7.90
N LEU D 103 -43.53 -11.64 -8.92
CA LEU D 103 -43.19 -11.23 -10.27
C LEU D 103 -43.65 -9.80 -10.54
N ALA D 104 -42.72 -8.98 -11.05
CA ALA D 104 -43.04 -7.60 -11.38
C ALA D 104 -43.76 -7.52 -12.74
N ARG D 105 -44.63 -6.53 -12.88
CA ARG D 105 -45.26 -6.24 -14.16
C ARG D 105 -44.13 -5.67 -15.07
N THR D 106 -43.28 -4.84 -14.48
CA THR D 106 -42.15 -4.24 -15.16
C THR D 106 -41.24 -5.33 -15.76
N ARG D 107 -40.93 -5.20 -17.05
CA ARG D 107 -40.10 -6.16 -17.76
C ARG D 107 -38.79 -5.55 -18.22
N LEU D 108 -37.77 -6.39 -18.32
CA LEU D 108 -36.48 -5.98 -18.84
C LEU D 108 -36.47 -6.19 -20.34
N ASP D 109 -35.53 -5.53 -21.00
CA ASP D 109 -35.32 -5.61 -22.44
C ASP D 109 -34.08 -6.45 -22.63
N SER D 110 -34.24 -7.63 -23.23
CA SER D 110 -33.13 -8.54 -23.44
C SER D 110 -32.04 -7.92 -24.32
N GLN D 111 -32.40 -6.93 -25.13
CA GLN D 111 -31.47 -6.26 -26.03
C GLN D 111 -30.67 -5.12 -25.37
N ASN D 112 -30.93 -4.84 -24.12
CA ASN D 112 -30.22 -3.79 -23.40
C ASN D 112 -28.87 -4.33 -22.91
N THR D 113 -27.81 -3.91 -23.59
CA THR D 113 -26.46 -4.37 -23.27
C THR D 113 -25.94 -3.88 -21.92
N LEU D 114 -26.51 -2.82 -21.38
CA LEU D 114 -26.02 -2.32 -20.10
C LEU D 114 -26.38 -3.27 -18.93
N LEU D 115 -27.35 -4.16 -19.14
CA LEU D 115 -27.74 -5.14 -18.11
C LEU D 115 -26.58 -6.04 -17.66
N ARG D 116 -25.59 -6.22 -18.52
CA ARG D 116 -24.43 -7.04 -18.22
C ARG D 116 -23.46 -6.39 -17.27
N HIS D 117 -23.72 -5.15 -16.90
CA HIS D 117 -22.86 -4.42 -16.00
C HIS D 117 -23.64 -3.98 -14.79
N THR D 119 -24.48 -1.28 -12.59
CA THR D 119 -24.39 0.17 -12.56
C THR D 119 -25.46 0.81 -11.69
N SER D 120 -25.38 2.13 -11.56
CA SER D 120 -26.35 2.89 -10.79
C SER D 120 -27.55 3.26 -11.65
N ARG D 121 -27.56 2.88 -12.93
CA ARG D 121 -28.75 3.16 -13.80
C ARG D 121 -29.72 2.00 -13.55
N ARG D 122 -30.57 2.17 -12.57
CA ARG D 122 -31.45 1.11 -12.13
C ARG D 122 -32.94 1.37 -12.22
N GLN D 123 -33.33 2.34 -13.05
CA GLN D 123 -34.76 2.73 -13.20
C GLN D 123 -35.76 1.56 -13.18
N LEU D 124 -35.56 0.55 -14.03
CA LEU D 124 -36.53 -0.55 -14.06
C LEU D 124 -36.51 -1.40 -12.79
N TYR D 125 -35.34 -1.60 -12.22
CA TYR D 125 -35.25 -2.38 -11.00
C TYR D 125 -35.98 -1.64 -9.88
N THR D 126 -35.78 -0.35 -9.81
CA THR D 126 -36.44 0.47 -8.79
C THR D 126 -37.95 0.40 -8.94
N HIS D 127 -38.42 0.47 -10.18
CA HIS D 127 -39.83 0.44 -10.47
C HIS D 127 -40.40 -0.91 -10.03
N ALA D 128 -39.69 -1.96 -10.39
CA ALA D 128 -40.09 -3.30 -10.03
C ALA D 128 -40.19 -3.46 -8.51
N ARG D 129 -39.20 -2.96 -7.80
CA ARG D 129 -39.17 -3.06 -6.36
C ARG D 129 -40.35 -2.28 -5.75
N SER D 130 -40.71 -1.16 -6.34
CA SER D 130 -41.82 -0.34 -5.80
C SER D 130 -43.19 -0.96 -6.02
N GLU D 131 -43.28 -1.96 -6.89
CA GLU D 131 -44.57 -2.63 -7.14
C GLU D 131 -45.05 -3.45 -5.92
N TYR D 132 -44.15 -3.78 -5.00
CA TYR D 132 -44.51 -4.57 -3.85
C TYR D 132 -43.89 -4.09 -2.57
N LEU D 133 -44.68 -4.17 -1.51
CA LEU D 133 -44.20 -3.86 -0.17
C LEU D 133 -43.39 -5.08 0.26
N VAL D 134 -42.40 -4.85 1.11
CA VAL D 134 -41.55 -5.92 1.60
C VAL D 134 -42.40 -7.02 2.22
N THR D 135 -43.51 -6.63 2.86
CA THR D 135 -44.40 -7.61 3.47
C THR D 135 -45.09 -8.51 2.42
N GLN D 136 -45.11 -8.08 1.15
CA GLN D 136 -45.65 -8.89 0.05
C GLN D 136 -44.54 -9.66 -0.63
N ALA D 137 -43.34 -9.09 -0.66
CA ALA D 137 -42.26 -9.73 -1.35
C ALA D 137 -40.91 -9.30 -0.83
N ASP D 138 -40.12 -10.27 -0.40
CA ASP D 138 -38.78 -10.00 0.08
C ASP D 138 -37.87 -9.62 -1.10
N GLU D 139 -38.18 -10.18 -2.26
CA GLU D 139 -37.48 -9.89 -3.50
C GLU D 139 -38.49 -9.98 -4.63
N VAL D 140 -38.29 -9.14 -5.64
CA VAL D 140 -39.16 -9.10 -6.78
C VAL D 140 -38.39 -9.54 -8.03
N LEU D 141 -39.05 -10.36 -8.83
CA LEU D 141 -38.43 -10.87 -10.02
C LEU D 141 -38.88 -10.14 -11.23
N LEU D 142 -37.98 -10.01 -12.19
CA LEU D 142 -38.31 -9.38 -13.46
C LEU D 142 -38.15 -10.38 -14.59
N ALA D 143 -39.10 -10.38 -15.52
CA ALA D 143 -39.05 -11.24 -16.69
C ALA D 143 -38.73 -10.33 -17.88
N ASN D 144 -38.35 -10.92 -19.01
CA ASN D 144 -38.02 -10.12 -20.20
C ASN D 144 -39.22 -10.01 -21.14
N GLU D 145 -39.02 -9.46 -22.35
CA GLU D 145 -40.12 -9.29 -23.29
C GLU D 145 -40.68 -10.62 -23.80
N ARG D 146 -39.98 -11.73 -23.51
CA ARG D 146 -40.46 -13.06 -23.90
C ARG D 146 -41.00 -13.84 -22.67
N GLY D 147 -41.24 -13.12 -21.58
CA GLY D 147 -41.81 -13.71 -20.34
C GLY D 147 -40.88 -14.69 -19.65
N GLU D 148 -39.59 -14.55 -19.94
CA GLU D 148 -38.60 -15.43 -19.37
C GLU D 148 -38.07 -14.72 -18.15
N ILE D 149 -37.98 -15.46 -17.06
CA ILE D 149 -37.47 -14.89 -15.81
C ILE D 149 -36.02 -14.58 -16.01
N CYS D 150 -35.63 -13.36 -15.65
CA CYS D 150 -34.25 -12.96 -15.78
C CYS D 150 -33.49 -13.00 -14.46
N GLU D 151 -34.03 -12.30 -13.47
CA GLU D 151 -33.33 -12.17 -12.19
C GLU D 151 -34.18 -11.42 -11.20
N GLY D 152 -33.65 -11.24 -9.99
CA GLY D 152 -34.34 -10.46 -8.97
C GLY D 152 -33.80 -9.07 -9.09
N THR D 153 -34.35 -8.12 -8.35
CA THR D 153 -33.85 -6.74 -8.37
C THR D 153 -32.41 -6.65 -7.86
N ILE D 154 -32.03 -7.53 -6.93
CA ILE D 154 -30.67 -7.52 -6.37
C ILE D 154 -30.07 -8.91 -6.24
N THR D 155 -30.62 -9.85 -6.98
CA THR D 155 -30.18 -11.22 -6.92
C THR D 155 -30.38 -11.95 -8.25
N ASN D 156 -29.68 -13.07 -8.40
CA ASN D 156 -29.89 -13.98 -9.51
C ASN D 156 -30.78 -15.13 -8.96
N VAL D 157 -31.47 -15.83 -9.86
CA VAL D 157 -32.40 -16.88 -9.54
C VAL D 157 -31.78 -18.24 -9.81
N PHE D 158 -32.08 -19.20 -8.93
CA PHE D 158 -31.56 -20.55 -9.01
C PHE D 158 -32.70 -21.52 -8.69
N ALA D 159 -33.02 -22.36 -9.66
CA ALA D 159 -34.12 -23.29 -9.50
C ALA D 159 -33.70 -24.74 -9.74
N ASP D 160 -33.97 -25.58 -8.74
CA ASP D 160 -33.68 -27.00 -8.78
C ASP D 160 -34.95 -27.74 -9.18
N PHE D 161 -34.98 -28.24 -10.42
CA PHE D 161 -36.15 -29.01 -10.91
C PHE D 161 -36.14 -30.47 -10.49
N GLY D 162 -35.25 -30.84 -9.57
CA GLY D 162 -35.25 -32.21 -9.06
C GLY D 162 -33.97 -33.00 -9.17
N ASP D 163 -33.10 -32.60 -10.08
CA ASP D 163 -31.84 -33.30 -10.31
C ASP D 163 -30.67 -32.71 -9.51
N GLY D 164 -30.93 -31.70 -8.69
CA GLY D 164 -29.88 -31.13 -7.87
C GLY D 164 -29.00 -30.11 -8.55
N VAL D 165 -29.37 -29.72 -9.75
CA VAL D 165 -28.64 -28.72 -10.47
C VAL D 165 -29.39 -27.41 -10.30
N LEU D 166 -28.66 -26.35 -10.02
CA LEU D 166 -29.24 -25.04 -9.87
C LEU D 166 -29.39 -24.38 -11.24
N ALA D 167 -30.60 -24.50 -11.80
CA ALA D 167 -30.91 -23.94 -13.12
C ALA D 167 -31.08 -22.41 -12.97
N THR D 168 -30.24 -21.67 -13.69
CA THR D 168 -30.24 -20.22 -13.62
C THR D 168 -30.43 -19.63 -15.04
N PRO D 169 -31.22 -18.54 -15.15
CA PRO D 169 -31.49 -17.90 -16.45
C PRO D 169 -30.22 -17.61 -17.24
N ARG D 170 -30.27 -17.99 -18.52
CA ARG D 170 -29.18 -17.83 -19.43
C ARG D 170 -28.96 -16.34 -19.63
N LEU D 171 -27.69 -15.97 -19.71
CA LEU D 171 -27.29 -14.59 -19.80
C LEU D 171 -28.00 -13.79 -20.86
N ASP D 172 -28.28 -14.39 -22.02
CA ASP D 172 -28.93 -13.65 -23.12
C ASP D 172 -30.40 -13.31 -22.84
N CYS D 173 -30.95 -13.78 -21.73
CA CYS D 173 -32.31 -13.40 -21.36
C CYS D 173 -32.35 -11.91 -20.97
N GLY D 174 -31.21 -11.37 -20.53
CA GLY D 174 -31.10 -9.98 -20.12
C GLY D 174 -31.08 -9.87 -18.60
N LEU D 175 -29.88 -9.89 -18.02
CA LEU D 175 -29.68 -9.84 -16.57
C LEU D 175 -28.20 -9.61 -16.23
N LEU D 176 -27.90 -9.43 -14.95
CA LEU D 176 -26.53 -9.22 -14.54
C LEU D 176 -25.81 -10.56 -14.34
N PRO D 177 -24.60 -10.71 -14.88
CA PRO D 177 -23.83 -11.92 -14.62
C PRO D 177 -23.24 -11.79 -13.22
N GLY D 178 -24.04 -12.16 -12.22
CA GLY D 178 -23.61 -12.09 -10.82
C GLY D 178 -22.32 -12.81 -10.50
N VAL D 179 -21.65 -12.34 -9.44
CA VAL D 179 -20.41 -12.93 -8.97
C VAL D 179 -20.73 -14.29 -8.31
N LEU D 180 -21.79 -14.33 -7.51
CA LEU D 180 -22.20 -15.61 -6.91
C LEU D 180 -22.58 -16.59 -8.05
N ARG D 181 -23.40 -16.11 -8.98
CA ARG D 181 -23.83 -16.89 -10.15
C ARG D 181 -22.63 -17.45 -10.90
N ALA D 182 -21.63 -16.60 -11.08
CA ALA D 182 -20.43 -16.97 -11.79
C ALA D 182 -19.69 -18.10 -11.07
N GLU D 183 -19.56 -17.98 -9.76
CA GLU D 183 -18.89 -18.99 -8.97
C GLU D 183 -19.67 -20.33 -9.02
N LEU D 184 -20.99 -20.27 -8.90
CA LEU D 184 -21.77 -21.48 -8.94
C LEU D 184 -21.69 -22.15 -10.34
N LEU D 185 -21.66 -21.34 -11.42
CA LEU D 185 -21.56 -21.90 -12.76
C LEU D 185 -20.20 -22.58 -12.95
N ASP D 186 -19.12 -21.91 -12.52
CA ASP D 186 -17.76 -22.47 -12.64
C ASP D 186 -17.59 -23.73 -11.82
N GLU D 187 -18.27 -23.79 -10.66
CA GLU D 187 -18.20 -24.98 -9.82
C GLU D 187 -19.01 -26.14 -10.36
N GLY D 188 -19.81 -25.88 -11.39
CA GLY D 188 -20.69 -26.89 -11.97
C GLY D 188 -21.96 -27.13 -11.16
N ARG D 189 -22.24 -26.26 -10.20
CA ARG D 189 -23.41 -26.41 -9.36
C ARG D 189 -24.66 -25.79 -10.01
N ALA D 190 -24.45 -24.75 -10.79
CA ALA D 190 -25.52 -24.11 -11.51
C ALA D 190 -25.33 -24.40 -12.98
N GLU D 191 -26.43 -24.30 -13.73
CA GLU D 191 -26.42 -24.45 -15.17
C GLU D 191 -27.33 -23.41 -15.75
N GLU D 192 -27.02 -22.95 -16.94
CA GLU D 192 -27.87 -21.99 -17.58
C GLU D 192 -29.13 -22.70 -18.12
N ALA D 193 -30.27 -22.01 -18.00
CA ALA D 193 -31.54 -22.51 -18.47
C ALA D 193 -32.45 -21.33 -18.79
N ILE D 194 -33.64 -21.63 -19.30
CA ILE D 194 -34.63 -20.65 -19.65
C ILE D 194 -35.97 -21.11 -19.07
N TYR D 195 -36.65 -20.21 -18.37
CA TYR D 195 -37.93 -20.54 -17.76
C TYR D 195 -38.73 -19.32 -17.35
N SER D 196 -40.03 -19.54 -17.28
CA SER D 196 -40.98 -18.51 -16.91
C SER D 196 -41.34 -18.61 -15.44
N TYR D 197 -42.17 -17.67 -14.98
CA TYR D 197 -42.63 -17.67 -13.61
C TYR D 197 -43.49 -18.91 -13.38
N ASP D 198 -44.37 -19.24 -14.33
CA ASP D 198 -45.20 -20.43 -14.23
C ASP D 198 -44.34 -21.68 -14.09
N ASP D 199 -43.33 -21.82 -14.93
CA ASP D 199 -42.41 -22.96 -14.84
C ASP D 199 -41.84 -23.12 -13.42
N LEU D 200 -41.47 -22.00 -12.79
CA LEU D 200 -40.91 -22.03 -11.43
C LEU D 200 -41.82 -22.69 -10.40
N LYS D 201 -43.12 -22.75 -10.65
CA LYS D 201 -44.03 -23.43 -9.74
C LYS D 201 -43.63 -24.91 -9.61
N SER D 202 -43.00 -25.45 -10.65
CA SER D 202 -42.57 -26.87 -10.64
C SER D 202 -41.24 -27.14 -9.96
N ALA D 203 -40.51 -26.11 -9.57
CA ALA D 203 -39.22 -26.33 -8.95
C ALA D 203 -39.36 -27.07 -7.61
N LYS D 204 -38.44 -28.00 -7.35
CA LYS D 204 -38.43 -28.74 -6.10
C LYS D 204 -37.78 -27.90 -5.01
N ALA D 205 -36.82 -27.09 -5.41
CA ALA D 205 -36.11 -26.20 -4.51
C ALA D 205 -35.87 -24.90 -5.27
N LEU D 206 -36.05 -23.78 -4.59
CA LEU D 206 -35.88 -22.47 -5.18
C LEU D 206 -35.02 -21.58 -4.28
N PHE D 207 -34.17 -20.75 -4.90
CA PHE D 207 -33.30 -19.82 -4.18
C PHE D 207 -33.06 -18.61 -5.04
N VAL D 208 -32.74 -17.49 -4.37
CA VAL D 208 -32.26 -16.32 -5.05
C VAL D 208 -30.97 -16.12 -4.29
N GLY D 209 -30.01 -15.45 -4.89
CA GLY D 209 -28.78 -15.20 -4.22
C GLY D 209 -27.92 -14.13 -4.85
N ASN D 210 -26.99 -13.65 -4.05
CA ASN D 210 -26.02 -12.68 -4.50
C ASN D 210 -24.73 -12.91 -3.70
N SER D 211 -23.67 -12.24 -4.09
CA SER D 211 -22.37 -12.41 -3.48
C SER D 211 -22.36 -11.99 -2.02
N LEU D 212 -23.16 -11.00 -1.68
CA LEU D 212 -23.22 -10.51 -0.31
C LEU D 212 -23.79 -11.55 0.63
N ARG D 213 -24.97 -12.08 0.28
CA ARG D 213 -25.71 -13.03 1.14
C ARG D 213 -25.58 -14.52 0.85
N GLY D 214 -25.01 -14.88 -0.28
CA GLY D 214 -24.91 -16.27 -0.66
C GLY D 214 -26.29 -16.67 -1.16
N LEU D 215 -26.56 -17.96 -1.17
CA LEU D 215 -27.85 -18.48 -1.54
C LEU D 215 -28.87 -18.29 -0.42
N ILE D 216 -30.10 -17.91 -0.80
CA ILE D 216 -31.22 -17.68 0.10
C ILE D 216 -32.44 -18.54 -0.35
N PRO D 217 -32.91 -19.44 0.51
CA PRO D 217 -34.07 -20.23 0.15
C PRO D 217 -35.24 -19.32 -0.14
N ALA D 218 -36.02 -19.65 -1.15
CA ALA D 218 -37.11 -18.81 -1.56
C ALA D 218 -38.35 -19.60 -1.80
N LYS D 219 -39.49 -18.91 -1.73
CA LYS D 219 -40.80 -19.51 -1.94
C LYS D 219 -41.52 -18.60 -2.94
N LEU D 220 -42.19 -19.23 -3.88
CA LEU D 220 -42.85 -18.52 -4.95
C LEU D 220 -44.32 -18.38 -4.74
N VAL D 221 -44.86 -17.19 -4.92
CA VAL D 221 -46.30 -16.97 -4.82
C VAL D 221 -46.87 -16.59 -6.19
N ASP E 15 2.16 -28.71 -12.59
CA ASP E 15 1.18 -27.62 -12.38
C ASP E 15 1.76 -26.37 -13.02
N PHE E 16 0.91 -25.36 -13.21
CA PHE E 16 1.29 -24.14 -13.89
C PHE E 16 0.98 -22.90 -13.08
N GLU E 17 1.48 -21.76 -13.57
CA GLU E 17 1.26 -20.46 -12.97
C GLU E 17 0.48 -19.57 -13.93
N LEU E 18 -0.19 -18.54 -13.41
CA LEU E 18 -0.87 -17.58 -14.26
C LEU E 18 0.15 -16.48 -14.50
N ILE E 19 0.18 -15.95 -15.74
CA ILE E 19 1.13 -14.94 -16.17
C ILE E 19 0.49 -13.66 -16.77
N GLU E 20 1.16 -12.53 -16.59
CA GLU E 20 0.73 -11.24 -17.16
C GLU E 20 2.00 -10.49 -17.53
N THR E 21 2.09 -10.00 -18.76
CA THR E 21 3.26 -9.23 -19.25
C THR E 21 2.79 -7.85 -19.62
N ARG E 23 3.54 -3.31 -19.86
CA ARG E 23 4.48 -2.25 -20.08
C ARG E 23 4.29 -1.28 -18.97
N TRP E 24 5.35 -0.98 -18.22
CA TRP E 24 5.27 0.05 -17.19
C TRP E 24 5.93 1.26 -17.75
N GLN E 25 5.29 2.40 -17.55
CA GLN E 25 5.82 3.66 -18.00
C GLN E 25 5.74 4.64 -16.86
N PRO E 26 6.76 5.47 -16.69
CA PRO E 26 6.64 6.47 -15.66
C PRO E 26 5.51 7.36 -16.11
N GLY E 27 4.67 7.82 -15.21
CA GLY E 27 3.57 8.72 -15.65
C GLY E 27 2.24 8.04 -16.00
N THR E 28 2.27 6.86 -16.61
CA THR E 28 1.03 6.13 -16.87
C THR E 28 0.95 4.85 -16.02
N SER E 29 2.04 4.50 -15.34
CA SER E 29 2.15 3.23 -14.62
C SER E 29 1.95 2.11 -15.67
N PHE E 30 1.34 0.98 -15.30
CA PHE E 30 1.12 -0.10 -16.27
C PHE E 30 0.01 0.23 -17.29
N LEU E 31 0.31 0.11 -18.59
CA LEU E 31 -0.70 0.33 -19.63
C LEU E 31 -1.74 -0.78 -19.55
N ARG E 32 -3.01 -0.40 -19.66
CA ARG E 32 -4.12 -1.35 -19.65
C ARG E 32 -4.16 -2.18 -18.36
N PHE E 33 -3.72 -1.57 -17.27
CA PHE E 33 -3.62 -2.25 -16.00
C PHE E 33 -4.94 -2.91 -15.58
N ASP E 34 -6.05 -2.15 -15.68
CA ASP E 34 -7.35 -2.68 -15.28
C ASP E 34 -7.72 -3.94 -16.07
N ARG E 35 -7.32 -4.01 -17.34
CA ARG E 35 -7.59 -5.19 -18.17
C ARG E 35 -6.68 -6.38 -17.83
N HIS E 36 -5.42 -6.12 -17.47
CA HIS E 36 -4.52 -7.22 -17.10
C HIS E 36 -5.00 -7.84 -15.78
N LEU E 37 -5.35 -6.97 -14.83
CA LEU E 37 -5.86 -7.45 -13.57
C LEU E 37 -7.21 -8.16 -13.76
N ALA E 38 -8.08 -7.67 -14.66
CA ALA E 38 -9.39 -8.34 -14.88
C ALA E 38 -9.15 -9.77 -15.35
N ARG E 39 -8.22 -9.94 -16.29
CA ARG E 39 -7.88 -11.27 -16.79
C ARG E 39 -7.27 -12.13 -15.68
N LEU E 40 -6.25 -11.61 -15.00
CA LEU E 40 -5.58 -12.38 -13.95
C LEU E 40 -6.53 -12.78 -12.82
N TYR E 41 -7.31 -11.83 -12.32
CA TYR E 41 -8.20 -12.16 -11.23
C TYR E 41 -9.29 -13.11 -11.68
N GLY E 42 -9.83 -12.90 -12.88
CA GLY E 42 -10.86 -13.76 -13.44
C GLY E 42 -10.30 -15.17 -13.62
N SER E 43 -9.10 -15.28 -14.18
CA SER E 43 -8.51 -16.60 -14.39
C SER E 43 -8.26 -17.27 -13.05
N ALA E 44 -7.80 -16.48 -12.07
CA ALA E 44 -7.54 -17.04 -10.75
C ALA E 44 -8.81 -17.65 -10.15
N ALA E 45 -9.94 -16.96 -10.31
CA ALA E 45 -11.22 -17.46 -9.76
C ALA E 45 -11.72 -18.71 -10.51
N GLU E 46 -11.63 -18.72 -11.83
CA GLU E 46 -12.09 -19.89 -12.61
C GLU E 46 -11.23 -21.12 -12.41
N LEU E 47 -9.92 -20.92 -12.29
CA LEU E 47 -8.98 -22.03 -12.16
C LEU E 47 -8.72 -22.45 -10.70
N GLY E 48 -9.21 -21.69 -9.72
CA GLY E 48 -9.05 -22.06 -8.32
C GLY E 48 -7.72 -21.68 -7.67
N PHE E 49 -7.11 -20.61 -8.16
CA PHE E 49 -5.86 -20.09 -7.65
C PHE E 49 -6.12 -19.08 -6.55
N ALA E 50 -5.36 -19.18 -5.46
CA ALA E 50 -5.47 -18.21 -4.39
C ALA E 50 -4.95 -16.93 -5.00
N CYS E 51 -5.54 -15.80 -4.64
CA CYS E 51 -5.17 -14.53 -5.26
C CYS E 51 -5.44 -13.38 -4.32
N ASP E 52 -4.38 -12.85 -3.73
CA ASP E 52 -4.51 -11.74 -2.81
C ASP E 52 -4.00 -10.54 -3.59
N PRO E 53 -4.92 -9.65 -3.98
CA PRO E 53 -4.56 -8.45 -4.71
C PRO E 53 -3.46 -7.65 -4.03
N GLN E 54 -3.51 -7.52 -2.71
CA GLN E 54 -2.49 -6.78 -1.98
C GLN E 54 -1.12 -7.41 -2.19
N ARG E 55 -1.08 -8.72 -2.18
CA ARG E 55 0.15 -9.45 -2.37
C ARG E 55 0.71 -9.19 -3.81
N ILE E 56 -0.17 -9.13 -4.80
CA ILE E 56 0.24 -8.85 -6.19
C ILE E 56 0.82 -7.44 -6.27
N ALA E 57 0.12 -6.48 -5.66
CA ALA E 57 0.54 -5.07 -5.64
C ALA E 57 1.95 -4.91 -5.06
N GLU E 58 2.22 -5.51 -3.92
CA GLU E 58 3.55 -5.38 -3.33
C GLU E 58 4.64 -5.96 -4.23
N VAL E 59 4.39 -7.12 -4.82
CA VAL E 59 5.40 -7.73 -5.71
C VAL E 59 5.64 -6.85 -6.92
N LEU E 60 4.59 -6.26 -7.50
CA LEU E 60 4.81 -5.38 -8.65
C LEU E 60 5.60 -4.15 -8.23
N SER E 61 5.21 -3.56 -7.10
CA SER E 61 5.86 -2.37 -6.55
C SER E 61 7.36 -2.60 -6.30
N ASP E 62 7.70 -3.77 -5.76
CA ASP E 62 9.09 -4.13 -5.50
C ASP E 62 9.88 -4.33 -6.77
N ALA E 63 9.27 -4.96 -7.77
CA ALA E 63 9.97 -5.18 -9.02
C ALA E 63 10.31 -3.86 -9.67
N LEU E 64 9.38 -2.91 -9.64
CA LEU E 64 9.60 -1.61 -10.29
C LEU E 64 10.42 -0.58 -9.48
N ASP E 65 10.73 -0.85 -8.22
CA ASP E 65 11.52 0.12 -7.45
C ASP E 65 12.86 0.36 -8.16
N GLY E 66 13.19 1.63 -8.42
CA GLY E 66 14.43 1.99 -9.11
C GLY E 66 14.35 2.03 -10.64
N ALA E 67 13.16 1.79 -11.19
CA ALA E 67 12.99 1.85 -12.65
C ALA E 67 13.36 3.24 -13.17
N ARG E 68 14.30 3.28 -14.11
CA ARG E 68 14.79 4.53 -14.69
C ARG E 68 14.13 4.87 -16.01
N THR E 69 13.45 3.88 -16.61
CA THR E 69 12.78 4.03 -17.89
C THR E 69 11.55 3.15 -17.90
N ALA E 70 10.84 3.13 -19.04
CA ALA E 70 9.71 2.24 -19.22
C ALA E 70 10.27 0.85 -18.98
N ARG E 72 9.56 -3.63 -19.04
CA ARG E 72 8.76 -4.79 -19.36
C ARG E 72 8.62 -5.52 -18.01
N THR E 73 7.37 -5.71 -17.57
CA THR E 73 7.07 -6.33 -16.29
C THR E 73 6.36 -7.67 -16.46
N ARG E 74 6.86 -8.69 -15.80
CA ARG E 74 6.26 -10.00 -15.88
C ARG E 74 5.86 -10.49 -14.51
N LEU E 75 4.59 -10.86 -14.41
CA LEU E 75 3.99 -11.28 -13.16
C LEU E 75 3.56 -12.72 -13.25
N ALA E 76 3.79 -13.48 -12.17
CA ALA E 76 3.43 -14.88 -12.11
C ALA E 76 2.73 -15.19 -10.76
N LEU E 77 1.62 -15.94 -10.85
CA LEU E 77 0.83 -16.29 -9.69
C LEU E 77 0.71 -17.80 -9.62
N ALA E 78 1.10 -18.37 -8.48
CA ALA E 78 1.02 -19.81 -8.26
C ALA E 78 -0.32 -20.16 -7.63
N ARG E 79 -0.71 -21.42 -7.74
CA ARG E 79 -2.01 -21.88 -7.22
C ARG E 79 -2.20 -21.61 -5.72
N ASN E 80 -1.12 -21.66 -4.95
CA ASN E 80 -1.21 -21.40 -3.51
C ASN E 80 -1.22 -19.90 -3.21
N GLY E 81 -1.10 -19.07 -4.26
CA GLY E 81 -1.11 -17.61 -4.11
C GLY E 81 0.27 -16.98 -4.09
N ASP E 82 1.33 -17.79 -4.15
CA ASP E 82 2.70 -17.26 -4.17
C ASP E 82 2.90 -16.45 -5.46
N ALA E 83 3.45 -15.26 -5.33
CA ALA E 83 3.66 -14.40 -6.46
C ALA E 83 5.15 -14.04 -6.68
N THR E 84 5.49 -13.79 -7.96
CA THR E 84 6.82 -13.36 -8.41
C THR E 84 6.65 -12.28 -9.49
N ALA E 85 7.62 -11.38 -9.58
CA ALA E 85 7.59 -10.31 -10.58
C ALA E 85 9.01 -9.99 -11.06
N SER E 86 9.16 -9.72 -12.36
CA SER E 86 10.50 -9.38 -12.92
C SER E 86 10.36 -8.13 -13.76
N ALA E 87 11.45 -7.38 -13.89
CA ALA E 87 11.40 -6.16 -14.64
C ALA E 87 12.73 -5.89 -15.32
N GLN E 88 12.66 -5.46 -16.58
CA GLN E 88 13.83 -5.11 -17.39
C GLN E 88 13.43 -3.93 -18.28
N PRO E 89 14.40 -3.19 -18.81
CA PRO E 89 13.97 -2.07 -19.63
C PRO E 89 13.15 -2.44 -20.88
N TYR E 90 12.15 -1.62 -21.16
CA TYR E 90 11.34 -1.76 -22.33
C TYR E 90 12.05 -1.02 -23.46
N GLU E 91 12.25 -1.71 -24.57
CA GLU E 91 12.89 -1.14 -25.75
C GLU E 91 11.88 -1.15 -26.86
N PRO E 92 11.35 0.03 -27.19
CA PRO E 92 10.35 0.10 -28.25
C PRO E 92 10.92 -0.20 -29.64
N LEU E 93 10.09 -0.81 -30.49
CA LEU E 93 10.48 -1.11 -31.87
C LEU E 93 10.59 0.17 -32.66
N ALA E 94 11.51 0.23 -33.62
CA ALA E 94 11.59 1.43 -34.46
C ALA E 94 10.24 1.58 -35.18
N ALA E 95 9.84 2.81 -35.44
CA ALA E 95 8.54 3.04 -36.11
C ALA E 95 8.46 2.38 -37.52
N ASP E 96 9.58 2.30 -38.22
CA ASP E 96 9.60 1.70 -39.58
C ASP E 96 9.80 0.15 -39.57
N LYS E 97 9.90 -0.44 -38.39
CA LYS E 97 10.14 -1.87 -38.29
C LYS E 97 8.90 -2.65 -38.63
N VAL E 98 9.04 -3.63 -39.52
CA VAL E 98 7.96 -4.50 -39.92
C VAL E 98 8.37 -5.95 -39.56
N TRP E 99 7.59 -6.58 -38.69
CA TRP E 99 7.81 -7.98 -38.28
C TRP E 99 7.44 -8.95 -39.42
N ILE E 100 8.26 -9.99 -39.57
CA ILE E 100 8.05 -11.03 -40.55
C ILE E 100 7.42 -12.20 -39.83
N LEU E 101 6.27 -12.66 -40.34
CA LEU E 101 5.51 -13.77 -39.76
C LEU E 101 5.58 -15.04 -40.61
N ARG E 102 5.62 -16.19 -39.94
CA ARG E 102 5.61 -17.46 -40.63
C ARG E 102 4.64 -18.39 -39.89
N LEU E 103 4.05 -19.33 -40.63
CA LEU E 103 3.11 -20.30 -40.10
C LEU E 103 3.84 -21.51 -39.56
N ALA E 104 3.63 -21.82 -38.29
CA ALA E 104 4.22 -22.99 -37.69
C ALA E 104 3.44 -24.25 -38.16
N ARG E 105 4.14 -25.39 -38.18
CA ARG E 105 3.53 -26.68 -38.48
C ARG E 105 2.71 -27.11 -37.25
N THR E 106 3.23 -26.84 -36.06
CA THR E 106 2.55 -27.14 -34.79
C THR E 106 1.17 -26.49 -34.72
N ARG E 107 0.14 -27.30 -34.58
CA ARG E 107 -1.24 -26.81 -34.50
C ARG E 107 -1.78 -26.72 -33.07
N LEU E 108 -2.71 -25.78 -32.84
CA LEU E 108 -3.38 -25.67 -31.57
C LEU E 108 -4.61 -26.56 -31.65
N ASP E 109 -5.17 -26.91 -30.49
CA ASP E 109 -6.38 -27.72 -30.37
C ASP E 109 -7.47 -26.75 -29.92
N SER E 110 -8.47 -26.51 -30.78
CA SER E 110 -9.54 -25.56 -30.43
C SER E 110 -10.35 -25.97 -29.21
N GLN E 111 -10.26 -27.24 -28.79
CA GLN E 111 -11.04 -27.71 -27.65
C GLN E 111 -10.30 -27.62 -26.30
N ASN E 112 -9.05 -27.16 -26.36
CA ASN E 112 -8.24 -26.98 -25.17
C ASN E 112 -8.72 -25.71 -24.48
N THR E 113 -9.44 -25.86 -23.39
CA THR E 113 -9.99 -24.71 -22.68
C THR E 113 -8.94 -23.87 -22.00
N LEU E 114 -7.74 -24.41 -21.78
CA LEU E 114 -6.70 -23.65 -21.09
C LEU E 114 -6.10 -22.51 -21.95
N LEU E 115 -6.34 -22.57 -23.26
CA LEU E 115 -5.84 -21.54 -24.18
C LEU E 115 -6.39 -20.14 -23.83
N ARG E 116 -7.57 -20.10 -23.21
CA ARG E 116 -8.21 -18.85 -22.75
C ARG E 116 -7.47 -18.17 -21.60
N HIS E 117 -6.52 -18.85 -21.00
CA HIS E 117 -5.75 -18.30 -19.89
C HIS E 117 -4.27 -18.19 -20.23
N THR E 119 -0.91 -18.85 -19.17
CA THR E 119 -0.20 -19.64 -18.16
C THR E 119 1.22 -19.99 -18.57
N SER E 120 1.94 -20.61 -17.63
CA SER E 120 3.31 -21.08 -17.89
C SER E 120 3.35 -22.40 -18.69
N ARG E 121 2.19 -23.00 -18.96
CA ARG E 121 2.10 -24.24 -19.74
C ARG E 121 2.08 -23.85 -21.21
N ARG E 122 3.29 -23.74 -21.79
CA ARG E 122 3.44 -23.25 -23.17
C ARG E 122 4.16 -24.17 -24.13
N GLN E 123 4.19 -25.47 -23.87
CA GLN E 123 4.94 -26.39 -24.73
C GLN E 123 4.66 -26.20 -26.24
N LEU E 124 3.38 -26.07 -26.65
CA LEU E 124 3.10 -25.93 -28.09
C LEU E 124 3.62 -24.62 -28.64
N TYR E 125 3.52 -23.54 -27.87
CA TYR E 125 4.05 -22.25 -28.31
C TYR E 125 5.56 -22.34 -28.39
N THR E 126 6.16 -22.99 -27.40
CA THR E 126 7.60 -23.15 -27.38
C THR E 126 8.05 -23.92 -28.59
N HIS E 127 7.32 -24.98 -28.88
CA HIS E 127 7.64 -25.80 -30.03
C HIS E 127 7.47 -24.96 -31.32
N ALA E 128 6.36 -24.25 -31.43
CA ALA E 128 6.11 -23.38 -32.58
C ALA E 128 7.21 -22.33 -32.78
N ARG E 129 7.61 -21.69 -31.70
CA ARG E 129 8.67 -20.68 -31.77
C ARG E 129 10.01 -21.28 -32.22
N SER E 130 10.25 -22.55 -31.88
CA SER E 130 11.50 -23.19 -32.20
C SER E 130 11.61 -23.66 -33.64
N GLU E 131 10.48 -23.70 -34.37
CA GLU E 131 10.50 -24.12 -35.76
C GLU E 131 11.21 -23.08 -36.62
N TYR E 132 11.27 -21.83 -36.15
CA TYR E 132 11.92 -20.76 -36.95
C TYR E 132 12.91 -19.95 -36.16
N LEU E 133 14.01 -19.58 -36.83
CA LEU E 133 14.98 -18.69 -36.26
C LEU E 133 14.40 -17.29 -36.38
N VAL E 134 14.80 -16.42 -35.47
CA VAL E 134 14.33 -15.05 -35.49
C VAL E 134 14.61 -14.38 -36.85
N THR E 135 15.75 -14.67 -37.45
CA THR E 135 16.07 -14.08 -38.76
C THR E 135 15.08 -14.56 -39.87
N GLN E 136 14.37 -15.65 -39.62
CA GLN E 136 13.34 -16.18 -40.53
C GLN E 136 11.97 -15.63 -40.18
N ALA E 137 11.72 -15.47 -38.88
CA ALA E 137 10.43 -15.03 -38.42
C ALA E 137 10.53 -14.26 -37.10
N ASP E 138 9.99 -13.05 -37.11
CA ASP E 138 9.99 -12.24 -35.91
C ASP E 138 8.93 -12.77 -34.98
N GLU E 139 7.89 -13.35 -35.55
CA GLU E 139 6.81 -13.96 -34.78
C GLU E 139 6.28 -15.11 -35.62
N VAL E 140 5.84 -16.16 -34.93
CA VAL E 140 5.35 -17.37 -35.54
C VAL E 140 3.88 -17.55 -35.20
N LEU E 141 3.08 -17.80 -36.23
CA LEU E 141 1.63 -17.97 -36.07
C LEU E 141 1.25 -19.41 -35.97
N LEU E 142 0.17 -19.67 -35.24
CA LEU E 142 -0.33 -21.03 -35.10
C LEU E 142 -1.76 -21.09 -35.61
N ALA E 143 -2.12 -22.22 -36.20
CA ALA E 143 -3.47 -22.46 -36.68
C ALA E 143 -4.01 -23.63 -35.85
N ASN E 144 -5.31 -23.89 -35.98
CA ASN E 144 -5.93 -24.98 -35.25
C ASN E 144 -6.19 -26.18 -36.18
N GLU E 145 -6.80 -27.24 -35.63
CA GLU E 145 -7.11 -28.45 -36.40
C GLU E 145 -8.06 -28.20 -37.58
N ARG E 146 -8.72 -27.03 -37.63
CA ARG E 146 -9.61 -26.71 -38.77
C ARG E 146 -8.94 -25.82 -39.83
N GLY E 147 -7.64 -25.59 -39.69
CA GLY E 147 -6.88 -24.75 -40.63
C GLY E 147 -7.13 -23.25 -40.46
N GLU E 148 -7.73 -22.89 -39.34
CA GLU E 148 -8.04 -21.50 -39.06
C GLU E 148 -6.89 -20.86 -38.30
N ILE E 149 -6.51 -19.65 -38.69
CA ILE E 149 -5.43 -18.90 -38.02
C ILE E 149 -5.89 -18.51 -36.64
N CYS E 150 -5.07 -18.75 -35.62
CA CYS E 150 -5.44 -18.41 -34.27
C CYS E 150 -4.75 -17.22 -33.68
N GLU E 151 -3.43 -17.26 -33.63
CA GLU E 151 -2.64 -16.21 -33.00
C GLU E 151 -1.16 -16.45 -33.14
N GLY E 152 -0.35 -15.54 -32.59
CA GLY E 152 1.08 -15.69 -32.59
C GLY E 152 1.43 -16.27 -31.24
N THR E 153 2.70 -16.63 -31.06
CA THR E 153 3.16 -17.24 -29.80
C THR E 153 3.03 -16.26 -28.60
N ILE E 154 3.11 -14.97 -28.88
CA ILE E 154 3.00 -13.96 -27.83
C ILE E 154 2.17 -12.73 -28.29
N THR E 155 1.40 -12.90 -29.36
CA THR E 155 0.60 -11.84 -29.92
C THR E 155 -0.68 -12.37 -30.51
N ASN E 156 -1.62 -11.45 -30.74
CA ASN E 156 -2.83 -11.76 -31.44
C ASN E 156 -2.65 -11.15 -32.83
N VAL E 157 -3.42 -11.60 -33.80
CA VAL E 157 -3.32 -11.15 -35.20
C VAL E 157 -4.52 -10.30 -35.62
N PHE E 158 -4.25 -9.23 -36.37
CA PHE E 158 -5.25 -8.29 -36.84
C PHE E 158 -5.05 -8.03 -38.33
N ALA E 159 -6.02 -8.38 -39.14
CA ALA E 159 -5.88 -8.19 -40.57
C ALA E 159 -6.86 -7.20 -41.15
N ASP E 160 -6.40 -6.42 -42.11
CA ASP E 160 -7.26 -5.50 -42.82
C ASP E 160 -7.57 -6.15 -44.15
N PHE E 161 -8.82 -6.60 -44.32
CA PHE E 161 -9.26 -7.22 -45.57
C PHE E 161 -10.08 -6.25 -46.43
N GLY E 162 -10.01 -4.96 -46.13
CA GLY E 162 -10.76 -3.97 -46.90
C GLY E 162 -12.14 -3.68 -46.32
N ASP E 163 -12.48 -4.31 -45.20
CA ASP E 163 -13.79 -4.10 -44.57
C ASP E 163 -13.88 -2.89 -43.61
N GLY E 164 -12.83 -2.08 -43.53
CA GLY E 164 -12.88 -0.88 -42.66
C GLY E 164 -12.84 -1.17 -41.17
N VAL E 165 -12.29 -2.32 -40.85
CA VAL E 165 -12.12 -2.76 -39.50
C VAL E 165 -11.07 -3.87 -39.54
N LEU E 166 -10.36 -4.03 -38.43
CA LEU E 166 -9.35 -5.08 -38.32
C LEU E 166 -9.99 -6.42 -37.95
N ALA E 167 -9.71 -7.45 -38.72
CA ALA E 167 -10.25 -8.80 -38.47
C ALA E 167 -9.28 -9.59 -37.60
N THR E 168 -9.77 -10.08 -36.46
CA THR E 168 -8.95 -10.84 -35.52
C THR E 168 -9.64 -12.17 -35.26
N PRO E 169 -8.89 -13.26 -35.21
CA PRO E 169 -9.59 -14.54 -35.05
C PRO E 169 -10.56 -14.63 -33.85
N ARG E 170 -11.70 -15.27 -34.09
CA ARG E 170 -12.71 -15.45 -33.08
C ARG E 170 -12.18 -16.30 -31.92
N LEU E 171 -12.56 -15.91 -30.71
CA LEU E 171 -12.07 -16.58 -29.51
C LEU E 171 -12.16 -18.11 -29.55
N ASP E 172 -13.28 -18.66 -30.03
CA ASP E 172 -13.42 -20.13 -30.04
C ASP E 172 -12.53 -20.85 -31.07
N CYS E 173 -11.67 -20.12 -31.79
CA CYS E 173 -10.72 -20.80 -32.69
C CYS E 173 -9.65 -21.48 -31.80
N GLY E 174 -9.45 -20.94 -30.59
CA GLY E 174 -8.49 -21.47 -29.62
C GLY E 174 -7.28 -20.55 -29.60
N LEU E 175 -7.32 -19.56 -28.71
CA LEU E 175 -6.29 -18.58 -28.59
C LEU E 175 -6.46 -17.78 -27.29
N LEU E 176 -5.46 -16.98 -26.98
CA LEU E 176 -5.54 -16.20 -25.77
C LEU E 176 -6.31 -14.89 -26.02
N PRO E 177 -7.31 -14.58 -25.17
CA PRO E 177 -8.00 -13.32 -25.31
C PRO E 177 -7.04 -12.23 -24.79
N GLY E 178 -6.21 -11.72 -25.66
CA GLY E 178 -5.22 -10.71 -25.29
C GLY E 178 -5.85 -9.42 -24.81
N VAL E 179 -5.11 -8.73 -23.95
CA VAL E 179 -5.53 -7.47 -23.39
C VAL E 179 -5.59 -6.37 -24.46
N LEU E 180 -4.60 -6.33 -25.37
CA LEU E 180 -4.62 -5.35 -26.46
C LEU E 180 -5.78 -5.76 -27.36
N ARG E 181 -5.90 -7.06 -27.62
CA ARG E 181 -6.99 -7.56 -28.44
C ARG E 181 -8.31 -7.06 -27.85
N ALA E 182 -8.45 -7.17 -26.53
CA ALA E 182 -9.68 -6.75 -25.86
C ALA E 182 -9.96 -5.26 -26.03
N GLU E 183 -8.93 -4.43 -25.92
CA GLU E 183 -9.09 -2.98 -26.12
C GLU E 183 -9.56 -2.66 -27.57
N LEU E 184 -8.96 -3.32 -28.56
CA LEU E 184 -9.30 -3.08 -29.96
C LEU E 184 -10.73 -3.50 -30.26
N LEU E 185 -11.15 -4.63 -29.69
CA LEU E 185 -12.51 -5.10 -29.85
C LEU E 185 -13.48 -4.09 -29.20
N ASP E 186 -13.18 -3.68 -27.96
CA ASP E 186 -14.05 -2.73 -27.22
C ASP E 186 -14.15 -1.36 -27.89
N GLU E 187 -13.05 -0.89 -28.50
CA GLU E 187 -13.06 0.40 -29.20
C GLU E 187 -13.69 0.30 -30.60
N GLY E 188 -14.07 -0.89 -31.02
CA GLY E 188 -14.65 -1.09 -32.34
C GLY E 188 -13.64 -0.99 -33.50
N ARG E 189 -12.34 -1.12 -33.19
CA ARG E 189 -11.29 -1.06 -34.22
C ARG E 189 -11.02 -2.45 -34.78
N ALA E 190 -11.38 -3.50 -34.02
CA ALA E 190 -11.22 -4.88 -34.47
C ALA E 190 -12.53 -5.64 -34.30
N GLU E 191 -12.69 -6.72 -35.08
CA GLU E 191 -13.86 -7.62 -35.04
C GLU E 191 -13.39 -9.04 -35.00
N GLU E 192 -14.19 -9.91 -34.42
CA GLU E 192 -13.86 -11.31 -34.44
C GLU E 192 -14.18 -11.84 -35.85
N ALA E 193 -13.36 -12.75 -36.34
CA ALA E 193 -13.52 -13.32 -37.65
C ALA E 193 -12.89 -14.70 -37.70
N ILE E 194 -13.08 -15.39 -38.82
CA ILE E 194 -12.48 -16.69 -39.03
C ILE E 194 -11.75 -16.64 -40.36
N TYR E 195 -10.46 -16.95 -40.35
CA TYR E 195 -9.71 -16.98 -41.60
C TYR E 195 -8.49 -17.91 -41.56
N SER E 196 -8.04 -18.30 -42.74
CA SER E 196 -6.93 -19.23 -42.90
C SER E 196 -5.69 -18.51 -43.36
N TYR E 197 -4.60 -19.27 -43.49
CA TYR E 197 -3.30 -18.73 -43.95
C TYR E 197 -3.46 -18.15 -45.34
N ASP E 198 -4.08 -18.93 -46.24
CA ASP E 198 -4.32 -18.49 -47.61
C ASP E 198 -5.14 -17.21 -47.62
N ASP E 199 -6.17 -17.12 -46.78
CA ASP E 199 -6.96 -15.89 -46.73
C ASP E 199 -6.04 -14.72 -46.32
N LEU E 200 -5.19 -14.98 -45.33
CA LEU E 200 -4.34 -13.94 -44.76
C LEU E 200 -3.31 -13.38 -45.79
N LYS E 201 -2.96 -14.18 -46.79
CA LYS E 201 -2.02 -13.75 -47.83
C LYS E 201 -2.62 -12.66 -48.70
N SER E 202 -3.95 -12.62 -48.81
CA SER E 202 -4.64 -11.61 -49.60
C SER E 202 -5.07 -10.35 -48.75
N ALA E 203 -4.60 -10.24 -47.52
CA ALA E 203 -4.93 -9.07 -46.68
C ALA E 203 -4.25 -7.84 -47.29
N LYS E 204 -4.89 -6.68 -47.29
CA LYS E 204 -4.23 -5.51 -47.87
C LYS E 204 -3.19 -4.94 -46.92
N ALA E 205 -3.31 -5.30 -45.64
CA ALA E 205 -2.38 -4.88 -44.60
C ALA E 205 -2.50 -5.85 -43.41
N LEU E 206 -1.43 -6.02 -42.67
CA LEU E 206 -1.45 -6.95 -41.55
C LEU E 206 -0.64 -6.48 -40.34
N PHE E 207 -1.09 -6.88 -39.16
CA PHE E 207 -0.42 -6.54 -37.93
C PHE E 207 -0.55 -7.69 -36.90
N VAL E 208 0.39 -7.70 -35.96
CA VAL E 208 0.30 -8.56 -34.83
C VAL E 208 0.47 -7.62 -33.61
N GLY E 209 -0.13 -7.98 -32.48
CA GLY E 209 0.00 -7.13 -31.31
C GLY E 209 -0.19 -7.79 -29.97
N ASN E 210 0.26 -7.06 -28.94
CA ASN E 210 0.13 -7.49 -27.57
C ASN E 210 0.16 -6.25 -26.74
N SER E 211 -0.26 -6.35 -25.50
CA SER E 211 -0.31 -5.20 -24.61
C SER E 211 1.03 -4.48 -24.42
N LEU E 212 2.13 -5.22 -24.44
CA LEU E 212 3.43 -4.63 -24.21
C LEU E 212 3.85 -3.67 -25.35
N ARG E 213 3.71 -4.12 -26.59
CA ARG E 213 4.16 -3.35 -27.77
C ARG E 213 3.10 -2.67 -28.61
N GLY E 214 1.83 -2.94 -28.35
CA GLY E 214 0.79 -2.32 -29.18
C GLY E 214 0.82 -3.02 -30.51
N LEU E 215 0.26 -2.40 -31.54
CA LEU E 215 0.22 -3.01 -32.88
C LEU E 215 1.56 -2.87 -33.61
N ILE E 216 2.01 -3.95 -34.22
CA ILE E 216 3.25 -4.00 -34.95
C ILE E 216 2.96 -4.36 -36.41
N PRO E 217 3.27 -3.45 -37.36
CA PRO E 217 3.08 -3.75 -38.79
C PRO E 217 3.79 -5.06 -39.10
N ALA E 218 3.13 -5.96 -39.83
CA ALA E 218 3.72 -7.28 -40.13
C ALA E 218 3.52 -7.75 -41.57
N LYS E 219 4.41 -8.62 -42.04
CA LYS E 219 4.36 -9.21 -43.40
C LYS E 219 4.37 -10.71 -43.24
N LEU E 220 3.44 -11.36 -43.90
CA LEU E 220 3.34 -12.80 -43.83
C LEU E 220 3.98 -13.41 -45.07
N VAL E 221 4.91 -14.33 -44.86
CA VAL E 221 5.55 -15.03 -45.94
C VAL E 221 4.92 -16.42 -45.99
N PRO F 7 7.19 -1.33 -0.02
CA PRO F 7 7.57 -2.50 0.77
C PRO F 7 9.08 -2.59 0.88
N LEU F 8 9.75 -2.71 -0.26
CA LEU F 8 11.19 -2.76 -0.30
C LEU F 8 11.74 -1.37 0.06
N ARG F 9 10.95 -0.33 -0.22
CA ARG F 9 11.34 1.05 0.09
C ARG F 9 11.04 1.44 1.55
N ASP F 10 10.31 0.60 2.28
CA ASP F 10 9.96 0.89 3.67
C ASP F 10 10.27 -0.30 4.60
N GLY F 11 11.52 -0.79 4.53
CA GLY F 11 11.97 -1.94 5.35
C GLY F 11 12.29 -1.66 6.82
N ASP F 12 12.23 -0.38 7.23
CA ASP F 12 12.50 0.01 8.64
C ASP F 12 11.24 -0.07 9.52
N THR F 13 10.08 0.00 8.87
CA THR F 13 8.80 -0.06 9.55
C THR F 13 8.21 -1.45 9.36
N ALA F 14 7.84 -1.75 8.11
CA ALA F 14 7.29 -3.04 7.76
C ALA F 14 8.37 -4.12 7.91
N ASP F 15 8.00 -5.35 7.58
CA ASP F 15 8.94 -6.47 7.63
C ASP F 15 10.00 -6.22 6.53
N PHE F 16 11.21 -6.70 6.74
CA PHE F 16 12.27 -6.50 5.77
C PHE F 16 12.32 -7.64 4.72
N GLU F 17 13.07 -7.41 3.63
CA GLU F 17 13.25 -8.40 2.58
C GLU F 17 14.74 -8.65 2.44
N LEU F 18 15.12 -9.84 1.96
CA LEU F 18 16.53 -10.17 1.71
C LEU F 18 16.88 -9.66 0.31
N ILE F 19 18.08 -9.12 0.15
CA ILE F 19 18.51 -8.52 -1.11
C ILE F 19 19.88 -9.01 -1.56
N GLU F 20 20.02 -9.18 -2.88
CA GLU F 20 21.26 -9.57 -3.54
C GLU F 20 21.38 -8.72 -4.79
N THR F 21 22.46 -7.95 -4.87
CA THR F 21 22.73 -7.07 -6.01
C THR F 21 23.94 -7.60 -6.72
N ARG F 23 26.09 -8.39 -10.68
CA ARG F 23 26.41 -7.92 -12.00
C ARG F 23 26.26 -9.12 -12.90
N TRP F 24 25.37 -9.00 -13.87
CA TRP F 24 25.19 -10.04 -14.85
C TRP F 24 26.05 -9.60 -16.02
N GLN F 25 26.74 -10.56 -16.63
CA GLN F 25 27.59 -10.32 -17.81
C GLN F 25 27.25 -11.34 -18.87
N PRO F 26 27.25 -10.93 -20.16
CA PRO F 26 26.91 -11.86 -21.24
C PRO F 26 27.82 -13.07 -21.25
N GLY F 27 27.24 -14.25 -21.46
CA GLY F 27 28.03 -15.47 -21.50
C GLY F 27 28.34 -16.07 -20.15
N THR F 28 28.93 -15.30 -19.25
CA THR F 28 29.30 -15.82 -17.92
C THR F 28 28.19 -15.73 -16.87
N SER F 29 27.13 -15.00 -17.18
CA SER F 29 26.00 -14.84 -16.24
C SER F 29 26.38 -13.97 -15.01
N PHE F 30 25.77 -14.21 -13.86
CA PHE F 30 26.07 -13.37 -12.67
C PHE F 30 27.45 -13.61 -12.11
N LEU F 31 28.17 -12.53 -11.87
CA LEU F 31 29.51 -12.60 -11.30
C LEU F 31 29.39 -13.04 -9.85
N ARG F 32 30.17 -14.06 -9.47
CA ARG F 32 30.15 -14.63 -8.09
C ARG F 32 28.76 -15.19 -7.68
N PHE F 33 28.01 -15.61 -8.70
CA PHE F 33 26.66 -16.11 -8.51
C PHE F 33 26.57 -17.13 -7.38
N ASP F 34 27.46 -18.11 -7.38
CA ASP F 34 27.44 -19.12 -6.33
C ASP F 34 27.49 -18.50 -4.92
N ARG F 35 28.30 -17.47 -4.73
CA ARG F 35 28.40 -16.85 -3.40
C ARG F 35 27.14 -16.07 -3.03
N HIS F 36 26.49 -15.41 -4.00
CA HIS F 36 25.26 -14.66 -3.74
C HIS F 36 24.13 -15.58 -3.29
N LEU F 37 24.03 -16.76 -3.90
CA LEU F 37 22.95 -17.69 -3.54
C LEU F 37 23.18 -18.32 -2.18
N ALA F 38 24.40 -18.79 -1.95
CA ALA F 38 24.74 -19.39 -0.68
C ALA F 38 24.38 -18.40 0.43
N ARG F 39 24.69 -17.12 0.22
CA ARG F 39 24.35 -16.10 1.22
C ARG F 39 22.84 -15.94 1.31
N LEU F 40 22.18 -15.80 0.17
CA LEU F 40 20.74 -15.64 0.17
C LEU F 40 20.06 -16.84 0.86
N TYR F 41 20.38 -18.04 0.42
CA TYR F 41 19.76 -19.23 1.02
C TYR F 41 20.14 -19.35 2.51
N GLY F 42 21.40 -19.10 2.85
CA GLY F 42 21.85 -19.16 4.26
C GLY F 42 21.09 -18.19 5.15
N SER F 43 20.91 -16.96 4.67
CA SER F 43 20.18 -15.94 5.41
C SER F 43 18.69 -16.27 5.50
N ALA F 44 18.12 -16.80 4.42
CA ALA F 44 16.71 -17.16 4.43
C ALA F 44 16.44 -18.26 5.45
N ALA F 45 17.31 -19.26 5.47
CA ALA F 45 17.17 -20.38 6.40
C ALA F 45 17.29 -19.94 7.88
N GLU F 46 18.23 -19.05 8.20
CA GLU F 46 18.43 -18.58 9.60
C GLU F 46 17.34 -17.62 10.06
N LEU F 47 16.85 -16.78 9.16
CA LEU F 47 15.82 -15.78 9.50
C LEU F 47 14.38 -16.23 9.29
N GLY F 48 14.17 -17.47 8.87
CA GLY F 48 12.82 -17.98 8.67
C GLY F 48 12.13 -17.57 7.36
N PHE F 49 12.89 -17.24 6.31
CA PHE F 49 12.29 -16.87 5.01
C PHE F 49 12.03 -18.09 4.13
N ALA F 50 10.86 -18.16 3.50
CA ALA F 50 10.58 -19.26 2.58
C ALA F 50 11.44 -18.98 1.35
N CYS F 51 12.05 -20.01 0.78
CA CYS F 51 12.92 -19.79 -0.37
C CYS F 51 12.90 -21.01 -1.29
N ASP F 52 12.27 -20.85 -2.46
CA ASP F 52 12.22 -21.91 -3.46
C ASP F 52 13.25 -21.59 -4.52
N PRO F 53 14.37 -22.34 -4.56
CA PRO F 53 15.45 -22.08 -5.52
C PRO F 53 15.03 -22.07 -6.98
N GLN F 54 14.12 -22.96 -7.34
CA GLN F 54 13.66 -23.06 -8.73
C GLN F 54 12.88 -21.81 -9.11
N ARG F 55 12.26 -21.19 -8.13
CA ARG F 55 11.52 -19.98 -8.34
C ARG F 55 12.48 -18.78 -8.52
N ILE F 56 13.59 -18.79 -7.77
CA ILE F 56 14.58 -17.72 -7.87
C ILE F 56 15.21 -17.78 -9.25
N ALA F 57 15.38 -19.02 -9.71
CA ALA F 57 15.97 -19.29 -10.99
C ALA F 57 15.13 -18.71 -12.11
N GLU F 58 13.81 -18.87 -12.05
CA GLU F 58 12.97 -18.35 -13.12
C GLU F 58 12.83 -16.83 -13.10
N VAL F 59 12.77 -16.19 -11.91
CA VAL F 59 12.64 -14.73 -11.90
C VAL F 59 13.94 -14.10 -12.47
N LEU F 60 15.09 -14.66 -12.09
CA LEU F 60 16.38 -14.18 -12.62
C LEU F 60 16.42 -14.35 -14.13
N SER F 61 16.07 -15.53 -14.59
CA SER F 61 16.03 -15.81 -16.02
C SER F 61 15.09 -14.85 -16.78
N ASP F 62 13.90 -14.59 -16.27
CA ASP F 62 12.99 -13.68 -16.98
C ASP F 62 13.48 -12.24 -16.99
N ALA F 63 14.10 -11.78 -15.90
CA ALA F 63 14.63 -10.42 -15.82
C ALA F 63 15.78 -10.19 -16.83
N LEU F 64 16.66 -11.17 -16.98
CA LEU F 64 17.78 -11.06 -17.90
C LEU F 64 17.51 -11.57 -19.32
N ASP F 65 16.27 -11.94 -19.63
CA ASP F 65 15.95 -12.47 -20.94
C ASP F 65 16.15 -11.40 -22.02
N GLY F 66 16.99 -11.70 -23.01
CA GLY F 66 17.29 -10.75 -24.09
C GLY F 66 18.39 -9.73 -23.76
N ALA F 67 18.94 -9.77 -22.55
CA ALA F 67 19.99 -8.80 -22.18
C ALA F 67 21.16 -8.97 -23.15
N ARG F 68 21.72 -7.83 -23.59
CA ARG F 68 22.83 -7.81 -24.55
C ARG F 68 24.12 -7.24 -23.98
N THR F 69 24.05 -6.57 -22.82
CA THR F 69 25.20 -5.98 -22.19
C THR F 69 25.11 -6.23 -20.67
N ALA F 70 26.19 -5.93 -19.96
CA ALA F 70 26.23 -6.11 -18.52
C ALA F 70 25.01 -5.45 -17.85
N ARG F 72 23.00 -4.55 -13.99
CA ARG F 72 22.94 -4.53 -12.55
C ARG F 72 21.64 -5.29 -12.29
N THR F 73 21.68 -6.30 -11.45
CA THR F 73 20.51 -7.10 -11.17
C THR F 73 20.18 -7.14 -9.66
N ARG F 74 18.96 -6.70 -9.29
CA ARG F 74 18.53 -6.73 -7.90
C ARG F 74 17.49 -7.81 -7.68
N LEU F 75 17.84 -8.77 -6.84
CA LEU F 75 16.96 -9.87 -6.44
C LEU F 75 16.45 -9.61 -5.03
N ALA F 76 15.15 -9.74 -4.82
CA ALA F 76 14.57 -9.48 -3.49
C ALA F 76 13.71 -10.65 -3.09
N LEU F 77 13.81 -11.06 -1.84
CA LEU F 77 13.02 -12.16 -1.32
C LEU F 77 12.27 -11.71 -0.10
N ALA F 78 10.96 -11.97 -0.07
CA ALA F 78 10.13 -11.61 1.08
C ALA F 78 9.95 -12.86 1.94
N ARG F 79 9.61 -12.66 3.21
CA ARG F 79 9.44 -13.75 4.18
C ARG F 79 8.53 -14.90 3.69
N ASN F 80 7.44 -14.55 3.01
CA ASN F 80 6.50 -15.55 2.49
C ASN F 80 6.96 -16.30 1.23
N GLY F 81 8.17 -16.00 0.75
CA GLY F 81 8.71 -16.67 -0.44
C GLY F 81 8.57 -15.90 -1.75
N ASP F 82 7.77 -14.83 -1.74
CA ASP F 82 7.57 -14.00 -2.92
C ASP F 82 8.93 -13.45 -3.36
N ALA F 83 9.12 -13.25 -4.66
CA ALA F 83 10.43 -12.77 -5.14
C ALA F 83 10.34 -11.89 -6.35
N THR F 84 11.33 -11.00 -6.48
CA THR F 84 11.39 -10.08 -7.61
C THR F 84 12.80 -9.92 -8.13
N ALA F 85 12.92 -9.68 -9.42
CA ALA F 85 14.22 -9.43 -10.06
C ALA F 85 14.06 -8.26 -11.01
N SER F 86 14.98 -7.32 -10.91
CA SER F 86 15.01 -6.13 -11.74
C SER F 86 16.38 -6.00 -12.34
N ALA F 87 16.43 -5.84 -13.65
CA ALA F 87 17.71 -5.72 -14.34
C ALA F 87 17.75 -4.45 -15.17
N GLN F 88 18.77 -3.62 -14.98
CA GLN F 88 18.96 -2.39 -15.80
C GLN F 88 20.42 -2.30 -16.18
N PRO F 89 20.73 -1.57 -17.23
CA PRO F 89 22.13 -1.52 -17.65
C PRO F 89 23.14 -1.17 -16.54
N TYR F 90 24.24 -1.91 -16.53
CA TYR F 90 25.34 -1.66 -15.59
C TYR F 90 26.14 -0.48 -16.12
N GLU F 91 26.38 0.48 -15.25
CA GLU F 91 27.12 1.69 -15.60
C GLU F 91 28.47 1.62 -14.88
N PRO F 92 29.48 1.01 -15.51
CA PRO F 92 30.78 0.89 -14.85
C PRO F 92 31.45 2.23 -14.64
N LEU F 93 32.21 2.35 -13.55
CA LEU F 93 32.96 3.56 -13.28
C LEU F 93 34.14 3.56 -14.22
N ALA F 94 34.65 4.74 -14.58
CA ALA F 94 35.84 4.78 -15.44
C ALA F 94 37.00 4.13 -14.64
N ALA F 95 37.90 3.43 -15.35
CA ALA F 95 39.05 2.76 -14.70
C ALA F 95 39.95 3.71 -13.88
N ASP F 96 40.00 4.98 -14.26
CA ASP F 96 40.81 5.97 -13.54
C ASP F 96 40.04 6.71 -12.43
N LYS F 97 38.78 6.32 -12.16
CA LYS F 97 37.95 7.00 -11.15
C LYS F 97 38.34 6.60 -9.75
N VAL F 98 38.58 7.60 -8.90
CA VAL F 98 38.93 7.38 -7.50
C VAL F 98 37.80 7.97 -6.64
N TRP F 99 37.24 7.15 -5.75
CA TRP F 99 36.14 7.59 -4.85
C TRP F 99 36.62 8.32 -3.60
N ILE F 100 35.92 9.38 -3.24
CA ILE F 100 36.26 10.10 -2.03
C ILE F 100 35.39 9.53 -0.89
N LEU F 101 36.07 9.13 0.18
CA LEU F 101 35.40 8.56 1.33
C LEU F 101 35.43 9.53 2.48
N ARG F 102 34.32 9.56 3.22
CA ARG F 102 34.18 10.37 4.42
C ARG F 102 33.52 9.52 5.48
N LEU F 103 33.88 9.80 6.72
CA LEU F 103 33.37 9.08 7.83
C LEU F 103 32.11 9.76 8.35
N ALA F 104 31.06 8.98 8.51
CA ALA F 104 29.81 9.50 9.05
C ALA F 104 29.92 9.62 10.58
N ARG F 105 29.11 10.53 11.15
CA ARG F 105 29.02 10.69 12.61
C ARG F 105 28.18 9.52 13.14
N THR F 106 27.21 9.08 12.32
CA THR F 106 26.33 7.96 12.64
C THR F 106 27.16 6.70 12.84
N ARG F 107 27.01 6.08 14.02
CA ARG F 107 27.75 4.86 14.38
C ARG F 107 26.89 3.60 14.32
N LEU F 108 27.52 2.48 14.03
CA LEU F 108 26.82 1.20 14.00
C LEU F 108 26.93 0.54 15.36
N ASP F 109 26.04 -0.42 15.62
CA ASP F 109 26.04 -1.19 16.86
C ASP F 109 26.59 -2.57 16.51
N SER F 110 27.78 -2.89 17.03
CA SER F 110 28.41 -4.19 16.75
C SER F 110 27.56 -5.35 17.24
N GLN F 111 26.70 -5.07 18.22
CA GLN F 111 25.85 -6.10 18.78
C GLN F 111 24.62 -6.38 17.92
N ASN F 112 24.43 -5.61 16.85
CA ASN F 112 23.26 -5.81 15.95
C ASN F 112 23.55 -6.96 15.00
N THR F 113 22.90 -8.10 15.25
CA THR F 113 23.10 -9.32 14.45
C THR F 113 22.52 -9.27 13.04
N LEU F 114 21.62 -8.33 12.77
CA LEU F 114 21.03 -8.22 11.43
C LEU F 114 22.04 -7.62 10.43
N LEU F 115 23.12 -7.07 10.95
CA LEU F 115 24.14 -6.50 10.08
C LEU F 115 24.75 -7.58 9.18
N ARG F 116 24.78 -8.82 9.66
CA ARG F 116 25.32 -9.95 8.88
C ARG F 116 24.46 -10.32 7.67
N HIS F 117 23.28 -9.72 7.53
CA HIS F 117 22.39 -10.06 6.41
C HIS F 117 22.08 -8.85 5.58
N THR F 119 19.70 -6.83 3.93
CA THR F 119 18.25 -6.61 3.95
C THR F 119 17.85 -5.19 3.63
N SER F 120 16.54 -4.99 3.50
CA SER F 120 15.95 -3.69 3.24
C SER F 120 15.84 -2.82 4.49
N ARG F 121 16.24 -3.35 5.64
CA ARG F 121 16.22 -2.57 6.87
C ARG F 121 17.55 -1.82 6.93
N ARG F 122 17.57 -0.66 6.26
CA ARG F 122 18.78 0.17 6.11
C ARG F 122 18.77 1.58 6.75
N GLN F 123 18.00 1.75 7.81
CA GLN F 123 17.88 3.02 8.52
C GLN F 123 19.26 3.74 8.73
N LEU F 124 20.15 3.10 9.49
CA LEU F 124 21.45 3.71 9.79
C LEU F 124 22.25 4.10 8.52
N TYR F 125 22.26 3.21 7.52
CA TYR F 125 23.01 3.45 6.28
C TYR F 125 22.46 4.65 5.54
N THR F 126 21.14 4.71 5.45
CA THR F 126 20.48 5.83 4.77
C THR F 126 20.80 7.13 5.49
N HIS F 127 20.81 7.08 6.82
CA HIS F 127 21.11 8.25 7.62
C HIS F 127 22.58 8.67 7.34
N ALA F 128 23.51 7.71 7.38
CA ALA F 128 24.93 8.01 7.11
C ALA F 128 25.11 8.66 5.72
N ARG F 129 24.49 8.08 4.70
CA ARG F 129 24.58 8.61 3.34
C ARG F 129 24.13 10.04 3.29
N SER F 130 23.04 10.35 4.01
CA SER F 130 22.47 11.72 3.99
C SER F 130 23.33 12.81 4.68
N GLU F 131 24.37 12.41 5.41
CA GLU F 131 25.22 13.40 6.08
C GLU F 131 26.08 14.19 5.11
N TYR F 132 26.32 13.64 3.93
CA TYR F 132 27.15 14.27 2.92
C TYR F 132 26.52 14.21 1.53
N LEU F 133 26.76 15.27 0.75
CA LEU F 133 26.27 15.33 -0.63
C LEU F 133 27.17 14.39 -1.43
N VAL F 134 26.76 14.02 -2.64
CA VAL F 134 27.59 13.11 -3.46
C VAL F 134 28.92 13.75 -3.90
N THR F 135 28.95 15.09 -3.95
CA THR F 135 30.13 15.84 -4.35
C THR F 135 31.16 16.00 -3.21
N GLN F 136 30.73 15.68 -1.97
CA GLN F 136 31.59 15.73 -0.79
C GLN F 136 32.19 14.37 -0.52
N ALA F 137 31.40 13.31 -0.79
CA ALA F 137 31.81 11.93 -0.58
C ALA F 137 31.06 10.97 -1.53
N ASP F 138 31.81 10.16 -2.27
CA ASP F 138 31.24 9.20 -3.22
C ASP F 138 30.65 8.03 -2.45
N GLU F 139 31.26 7.73 -1.30
CA GLU F 139 30.78 6.64 -0.43
C GLU F 139 31.06 7.07 1.01
N VAL F 140 30.16 6.71 1.92
CA VAL F 140 30.30 7.08 3.32
C VAL F 140 30.64 5.87 4.18
N LEU F 141 31.64 6.03 5.06
CA LEU F 141 32.10 4.94 5.93
C LEU F 141 31.50 5.03 7.33
N LEU F 142 31.32 3.86 7.97
CA LEU F 142 30.79 3.82 9.33
C LEU F 142 31.70 3.07 10.32
N ALA F 143 31.81 3.64 11.50
CA ALA F 143 32.59 3.06 12.58
C ALA F 143 31.57 2.56 13.57
N ASN F 144 31.99 1.65 14.45
CA ASN F 144 31.08 1.12 15.45
C ASN F 144 31.24 1.90 16.77
N GLU F 145 30.57 1.45 17.84
CA GLU F 145 30.65 2.17 19.12
C GLU F 145 32.07 2.25 19.69
N ARG F 146 32.93 1.30 19.31
CA ARG F 146 34.34 1.27 19.77
C ARG F 146 35.30 2.09 18.88
N GLY F 147 34.76 2.80 17.90
CA GLY F 147 35.59 3.62 17.00
C GLY F 147 36.34 2.80 15.93
N GLU F 148 35.87 1.59 15.67
CA GLU F 148 36.51 0.70 14.69
C GLU F 148 35.79 0.84 13.37
N ILE F 149 36.53 1.06 12.29
CA ILE F 149 35.90 1.18 10.98
C ILE F 149 35.23 -0.17 10.62
N CYS F 150 34.02 -0.10 10.12
CA CYS F 150 33.28 -1.29 9.78
C CYS F 150 33.12 -1.51 8.28
N GLU F 151 32.54 -0.53 7.60
CA GLU F 151 32.24 -0.65 6.17
C GLU F 151 31.68 0.63 5.57
N GLY F 152 31.36 0.56 4.28
CA GLY F 152 30.74 1.65 3.58
C GLY F 152 29.25 1.36 3.60
N THR F 153 28.44 2.32 3.17
CA THR F 153 26.98 2.13 3.17
C THR F 153 26.58 1.06 2.16
N ILE F 154 27.38 0.89 1.10
CA ILE F 154 27.10 -0.13 0.08
C ILE F 154 28.37 -0.92 -0.34
N THR F 155 29.39 -0.89 0.51
CA THR F 155 30.64 -1.56 0.22
C THR F 155 31.38 -1.98 1.45
N ASN F 156 32.40 -2.80 1.28
CA ASN F 156 33.30 -3.23 2.34
C ASN F 156 34.59 -2.44 2.12
N VAL F 157 35.36 -2.22 3.20
CA VAL F 157 36.60 -1.44 3.09
CA VAL F 157 36.60 -1.44 3.13
C VAL F 157 37.84 -2.33 3.08
N PHE F 158 38.83 -1.93 2.27
CA PHE F 158 40.08 -2.68 2.10
C PHE F 158 41.23 -1.70 2.11
N ALA F 159 42.13 -1.88 3.07
CA ALA F 159 43.25 -1.00 3.27
C ALA F 159 44.57 -1.74 3.18
N ASP F 160 45.53 -1.13 2.47
CA ASP F 160 46.87 -1.69 2.30
C ASP F 160 47.80 -0.87 3.17
N PHE F 161 48.36 -1.50 4.21
CA PHE F 161 49.26 -0.78 5.13
C PHE F 161 50.73 -0.83 4.68
N GLY F 162 50.95 -1.36 3.48
CA GLY F 162 52.29 -1.39 2.93
C GLY F 162 52.79 -2.69 2.36
N ASP F 163 52.24 -3.81 2.84
CA ASP F 163 52.66 -5.13 2.39
C ASP F 163 51.86 -5.69 1.20
N GLY F 164 50.85 -4.95 0.76
CA GLY F 164 50.02 -5.39 -0.37
C GLY F 164 48.84 -6.25 0.03
N VAL F 165 48.68 -6.45 1.32
CA VAL F 165 47.58 -7.24 1.84
C VAL F 165 46.39 -6.31 2.03
N LEU F 166 45.21 -6.73 1.59
CA LEU F 166 44.00 -5.90 1.73
C LEU F 166 43.34 -6.16 3.09
N ALA F 167 43.71 -5.36 4.07
CA ALA F 167 43.20 -5.48 5.41
C ALA F 167 41.79 -4.96 5.43
N THR F 168 40.84 -5.81 5.80
CA THR F 168 39.43 -5.44 5.87
C THR F 168 38.90 -5.68 7.29
N PRO F 169 37.94 -4.86 7.76
CA PRO F 169 37.47 -5.04 9.15
C PRO F 169 36.93 -6.41 9.46
N ARG F 170 37.27 -6.92 10.64
CA ARG F 170 36.83 -8.23 11.08
C ARG F 170 35.30 -8.21 11.22
N LEU F 171 34.65 -9.30 10.85
CA LEU F 171 33.18 -9.39 10.85
C LEU F 171 32.51 -8.99 12.18
N ASP F 172 33.11 -9.33 13.32
CA ASP F 172 32.48 -8.97 14.60
C ASP F 172 32.48 -7.44 14.90
N CYS F 173 33.14 -6.64 14.05
CA CYS F 173 33.09 -5.20 14.23
C CYS F 173 31.65 -4.70 13.95
N GLY F 174 30.90 -5.53 13.23
CA GLY F 174 29.52 -5.22 12.87
C GLY F 174 29.52 -4.74 11.46
N LEU F 175 29.23 -5.64 10.52
CA LEU F 175 29.24 -5.30 9.10
C LEU F 175 28.72 -6.46 8.25
N LEU F 176 28.34 -6.19 7.00
CA LEU F 176 27.84 -7.21 6.10
C LEU F 176 29.00 -8.03 5.56
N PRO F 177 28.86 -9.37 5.55
CA PRO F 177 29.93 -10.17 4.97
C PRO F 177 29.77 -10.19 3.46
N GLY F 178 30.22 -9.12 2.81
CA GLY F 178 30.07 -8.98 1.36
C GLY F 178 30.59 -10.15 0.55
N VAL F 179 29.97 -10.37 -0.61
CA VAL F 179 30.36 -11.44 -1.49
C VAL F 179 31.73 -11.19 -2.12
N LEU F 180 32.06 -9.93 -2.41
CA LEU F 180 33.39 -9.61 -2.96
C LEU F 180 34.37 -9.84 -1.84
N ARG F 181 34.05 -9.27 -0.69
CA ARG F 181 34.86 -9.41 0.52
C ARG F 181 35.21 -10.85 0.77
N ALA F 182 34.20 -11.73 0.67
CA ALA F 182 34.39 -13.16 0.88
C ALA F 182 35.34 -13.73 -0.16
N GLU F 183 35.18 -13.36 -1.41
CA GLU F 183 36.05 -13.86 -2.46
C GLU F 183 37.54 -13.45 -2.22
N LEU F 184 37.77 -12.19 -1.85
CA LEU F 184 39.12 -11.71 -1.60
C LEU F 184 39.77 -12.41 -0.40
N LEU F 185 38.97 -12.69 0.64
CA LEU F 185 39.49 -13.43 1.81
C LEU F 185 39.82 -14.87 1.42
N ASP F 186 38.93 -15.53 0.68
CA ASP F 186 39.19 -16.92 0.27
C ASP F 186 40.44 -17.03 -0.58
N GLU F 187 40.68 -16.03 -1.44
CA GLU F 187 41.86 -15.96 -2.31
C GLU F 187 43.15 -15.63 -1.57
N GLY F 188 43.04 -15.21 -0.32
CA GLY F 188 44.22 -14.86 0.47
C GLY F 188 44.74 -13.45 0.22
N ARG F 189 44.03 -12.64 -0.57
CA ARG F 189 44.47 -11.26 -0.87
C ARG F 189 43.99 -10.29 0.23
N ALA F 190 42.89 -10.65 0.88
CA ALA F 190 42.38 -9.88 1.99
C ALA F 190 42.62 -10.66 3.28
N GLU F 191 42.68 -9.92 4.39
CA GLU F 191 42.82 -10.50 5.73
C GLU F 191 41.97 -9.67 6.67
N GLU F 192 41.38 -10.32 7.66
CA GLU F 192 40.57 -9.61 8.63
C GLU F 192 41.51 -8.85 9.56
N ALA F 193 41.12 -7.63 9.90
CA ALA F 193 41.90 -6.78 10.79
C ALA F 193 40.97 -5.86 11.59
N ILE F 194 41.57 -5.01 12.42
CA ILE F 194 40.82 -4.05 13.22
C ILE F 194 41.53 -2.72 13.13
N TYR F 195 40.82 -1.70 12.64
CA TYR F 195 41.40 -0.36 12.55
C TYR F 195 40.38 0.76 12.71
N SER F 196 40.92 1.93 13.07
CA SER F 196 40.19 3.13 13.28
C SER F 196 40.38 4.07 12.13
N TYR F 197 39.70 5.21 12.18
CA TYR F 197 39.82 6.24 11.15
C TYR F 197 41.26 6.72 11.05
N ASP F 198 41.86 7.07 12.19
CA ASP F 198 43.25 7.56 12.24
C ASP F 198 44.21 6.55 11.59
N ASP F 199 44.05 5.28 11.94
CA ASP F 199 44.89 4.23 11.35
C ASP F 199 44.75 4.21 9.84
N LEU F 200 43.52 4.33 9.35
CA LEU F 200 43.23 4.27 7.93
C LEU F 200 43.91 5.39 7.12
N LYS F 201 44.14 6.54 7.76
CA LYS F 201 44.79 7.69 7.11
C LYS F 201 46.26 7.43 6.77
N SER F 202 46.89 6.47 7.46
CA SER F 202 48.30 6.11 7.19
C SER F 202 48.44 5.03 6.08
N ALA F 203 47.30 4.50 5.61
CA ALA F 203 47.32 3.45 4.56
C ALA F 203 48.00 3.93 3.27
N LYS F 204 48.76 3.05 2.65
CA LYS F 204 49.45 3.35 1.42
C LYS F 204 48.44 3.39 0.28
N ALA F 205 47.50 2.46 0.33
CA ALA F 205 46.48 2.35 -0.68
C ALA F 205 45.19 2.00 0.03
N LEU F 206 44.08 2.47 -0.52
CA LEU F 206 42.77 2.24 0.08
C LEU F 206 41.72 1.96 -0.99
N PHE F 207 40.83 1.01 -0.71
CA PHE F 207 39.77 0.71 -1.63
C PHE F 207 38.49 0.39 -0.90
N VAL F 208 37.39 0.59 -1.59
CA VAL F 208 36.10 0.13 -1.11
C VAL F 208 35.64 -0.80 -2.26
N GLY F 209 34.85 -1.83 -1.95
CA GLY F 209 34.35 -2.71 -3.00
C GLY F 209 33.06 -3.43 -2.67
N ASN F 210 32.41 -3.92 -3.74
CA ASN F 210 31.21 -4.74 -3.61
C ASN F 210 31.18 -5.67 -4.79
N SER F 211 30.28 -6.63 -4.78
CA SER F 211 30.22 -7.62 -5.85
C SER F 211 29.89 -7.03 -7.21
N LEU F 212 29.10 -5.96 -7.23
CA LEU F 212 28.69 -5.35 -8.47
C LEU F 212 29.84 -4.64 -9.18
N ARG F 213 30.55 -3.80 -8.45
CA ARG F 213 31.60 -2.99 -9.04
C ARG F 213 33.04 -3.49 -8.93
N GLY F 214 33.29 -4.47 -8.06
CA GLY F 214 34.65 -4.93 -7.81
C GLY F 214 35.32 -3.89 -6.92
N LEU F 215 36.65 -3.89 -6.85
CA LEU F 215 37.39 -2.93 -6.02
C LEU F 215 37.38 -1.55 -6.66
N ILE F 216 37.27 -0.53 -5.81
CA ILE F 216 37.25 0.85 -6.27
C ILE F 216 38.34 1.62 -5.52
N PRO F 217 39.32 2.15 -6.27
CA PRO F 217 40.36 2.93 -5.65
C PRO F 217 39.74 4.09 -4.89
N ALA F 218 40.24 4.38 -3.69
CA ALA F 218 39.66 5.45 -2.88
C ALA F 218 40.67 6.22 -2.02
N LYS F 219 40.30 7.44 -1.64
CA LYS F 219 41.09 8.29 -0.76
C LYS F 219 40.15 8.74 0.35
N LEU F 220 40.60 8.59 1.59
CA LEU F 220 39.80 8.98 2.75
C LEU F 220 40.11 10.43 3.06
N VAL F 221 39.07 11.27 3.05
CA VAL F 221 39.20 12.70 3.28
C VAL F 221 38.99 13.10 4.73
N PRO G 7 -4.33 -36.97 33.56
CA PRO G 7 -2.93 -37.08 33.11
C PRO G 7 -2.27 -35.73 33.00
N LEU G 8 -2.96 -34.76 32.39
CA LEU G 8 -2.47 -33.39 32.32
C LEU G 8 -2.43 -32.80 33.74
N ARG G 9 -3.30 -33.31 34.62
CA ARG G 9 -3.38 -32.86 36.01
C ARG G 9 -2.49 -33.67 36.98
N ASP G 10 -1.91 -34.78 36.49
CA ASP G 10 -1.04 -35.65 37.29
C ASP G 10 0.37 -35.73 36.66
N GLY G 11 0.86 -34.59 36.17
CA GLY G 11 2.18 -34.50 35.53
C GLY G 11 3.37 -34.34 36.48
N ASP G 12 3.09 -34.16 37.76
CA ASP G 12 4.18 -34.01 38.72
C ASP G 12 4.61 -35.37 39.27
N THR G 13 3.68 -36.32 39.30
CA THR G 13 3.97 -37.67 39.78
C THR G 13 4.22 -38.64 38.60
N ALA G 14 3.32 -38.62 37.63
CA ALA G 14 3.43 -39.50 36.45
C ALA G 14 4.30 -38.83 35.37
N ASP G 15 4.42 -39.46 34.20
CA ASP G 15 5.19 -38.89 33.10
C ASP G 15 4.46 -37.59 32.71
N PHE G 16 5.19 -36.64 32.14
CA PHE G 16 4.59 -35.35 31.77
C PHE G 16 4.25 -35.28 30.29
N GLU G 17 3.38 -34.33 29.93
CA GLU G 17 2.99 -34.10 28.54
C GLU G 17 3.47 -32.71 28.06
N LEU G 18 3.80 -32.61 26.78
CA LEU G 18 4.19 -31.34 26.16
C LEU G 18 2.91 -30.64 25.78
N ILE G 19 2.85 -29.34 26.08
CA ILE G 19 1.68 -28.53 25.80
C ILE G 19 1.97 -27.24 25.02
N GLU G 20 0.96 -26.80 24.26
CA GLU G 20 0.96 -25.56 23.49
C GLU G 20 -0.43 -24.94 23.59
N THR G 21 -0.52 -23.74 24.16
CA THR G 21 -1.79 -23.01 24.27
C THR G 21 -1.72 -21.86 23.30
N ARG G 23 -3.94 -19.05 20.35
CA ARG G 23 -5.18 -18.35 20.02
C ARG G 23 -5.48 -18.56 18.54
N TRP G 24 -6.66 -19.11 18.25
CA TRP G 24 -7.11 -19.31 16.87
C TRP G 24 -8.06 -18.16 16.51
N GLN G 25 -7.80 -17.53 15.37
CA GLN G 25 -8.65 -16.44 14.91
C GLN G 25 -9.18 -16.78 13.53
N PRO G 26 -10.46 -16.49 13.27
CA PRO G 26 -11.00 -16.80 11.94
C PRO G 26 -10.10 -16.28 10.80
N GLY G 27 -9.94 -17.09 9.77
CA GLY G 27 -9.15 -16.72 8.60
C GLY G 27 -7.64 -16.88 8.66
N THR G 28 -7.02 -16.27 9.66
CA THR G 28 -5.55 -16.32 9.82
C THR G 28 -5.06 -17.48 10.71
N SER G 29 -6.00 -18.26 11.20
CA SER G 29 -5.69 -19.45 12.02
C SER G 29 -5.01 -19.15 13.36
N PHE G 30 -4.04 -19.98 13.73
CA PHE G 30 -3.35 -19.83 14.99
C PHE G 30 -2.29 -18.72 14.97
N LEU G 31 -2.42 -17.81 15.91
CA LEU G 31 -1.52 -16.71 16.03
C LEU G 31 -0.15 -17.31 16.44
N ARG G 32 0.89 -16.97 15.67
CA ARG G 32 2.26 -17.45 15.91
C ARG G 32 2.37 -18.98 15.83
N PHE G 33 1.53 -19.55 14.97
CA PHE G 33 1.45 -21.00 14.78
C PHE G 33 2.79 -21.67 14.56
N ASP G 34 3.57 -21.17 13.60
CA ASP G 34 4.88 -21.76 13.30
C ASP G 34 5.79 -21.78 14.52
N ARG G 35 5.79 -20.70 15.30
CA ARG G 35 6.63 -20.68 16.51
C ARG G 35 6.19 -21.75 17.53
N HIS G 36 4.88 -21.98 17.61
CA HIS G 36 4.34 -23.00 18.50
C HIS G 36 4.75 -24.38 18.05
N LEU G 37 4.68 -24.63 16.74
CA LEU G 37 5.06 -25.95 16.19
C LEU G 37 6.57 -26.19 16.30
N ALA G 38 7.35 -25.15 16.04
CA ALA G 38 8.79 -25.22 16.14
C ALA G 38 9.19 -25.58 17.54
N ARG G 39 8.51 -24.99 18.52
CA ARG G 39 8.85 -25.29 19.92
C ARG G 39 8.44 -26.72 20.27
N LEU G 40 7.22 -27.09 19.90
CA LEU G 40 6.72 -28.43 20.15
C LEU G 40 7.63 -29.47 19.48
N TYR G 41 7.92 -29.31 18.20
CA TYR G 41 8.76 -30.30 17.52
C TYR G 41 10.16 -30.35 18.08
N GLY G 42 10.65 -29.21 18.56
CA GLY G 42 12.01 -29.14 19.12
C GLY G 42 12.10 -29.87 20.45
N SER G 43 11.11 -29.65 21.31
CA SER G 43 11.07 -30.30 22.62
C SER G 43 10.86 -31.82 22.49
N ALA G 44 9.99 -32.23 21.57
CA ALA G 44 9.74 -33.67 21.39
C ALA G 44 10.99 -34.39 20.94
N ALA G 45 11.75 -33.78 20.04
CA ALA G 45 12.99 -34.40 19.56
C ALA G 45 14.01 -34.39 20.70
N GLU G 46 14.06 -33.29 21.44
CA GLU G 46 15.02 -33.18 22.52
C GLU G 46 14.70 -34.10 23.72
N LEU G 47 13.40 -34.33 23.97
CA LEU G 47 12.96 -35.13 25.12
C LEU G 47 12.57 -36.59 24.81
N GLY G 48 12.69 -37.00 23.56
CA GLY G 48 12.35 -38.35 23.15
C GLY G 48 10.85 -38.61 22.93
N PHE G 49 10.08 -37.57 22.64
CA PHE G 49 8.64 -37.72 22.38
C PHE G 49 8.33 -38.04 20.93
N ALA G 50 7.58 -39.11 20.67
CA ALA G 50 7.17 -39.44 19.32
C ALA G 50 6.30 -38.26 18.91
N CYS G 51 6.40 -37.83 17.66
CA CYS G 51 5.64 -36.69 17.20
C CYS G 51 5.47 -36.78 15.70
N ASP G 52 4.23 -36.96 15.26
CA ASP G 52 3.86 -37.06 13.84
C ASP G 52 3.13 -35.76 13.47
N PRO G 53 3.76 -34.89 12.67
CA PRO G 53 3.11 -33.64 12.28
C PRO G 53 1.76 -33.82 11.61
N GLN G 54 1.60 -34.87 10.81
CA GLN G 54 0.32 -35.10 10.13
C GLN G 54 -0.77 -35.34 11.17
N ARG G 55 -0.44 -36.06 12.24
CA ARG G 55 -1.42 -36.32 13.31
CA ARG G 55 -1.38 -36.35 13.31
C ARG G 55 -1.74 -35.05 14.05
N ILE G 56 -0.73 -34.20 14.25
CA ILE G 56 -0.90 -32.93 14.93
C ILE G 56 -1.84 -32.02 14.13
N ALA G 57 -1.75 -32.10 12.80
CA ALA G 57 -2.59 -31.29 11.92
C ALA G 57 -4.04 -31.72 11.96
N GLU G 58 -4.29 -33.03 12.08
CA GLU G 58 -5.65 -33.57 12.07
C GLU G 58 -6.43 -33.25 13.34
N VAL G 59 -5.84 -33.46 14.50
CA VAL G 59 -6.53 -33.16 15.74
C VAL G 59 -6.83 -31.65 15.84
N LEU G 60 -5.90 -30.80 15.42
CA LEU G 60 -6.14 -29.34 15.44
C LEU G 60 -7.22 -28.99 14.41
N SER G 61 -7.15 -29.63 13.25
CA SER G 61 -8.12 -29.38 12.20
C SER G 61 -9.54 -29.73 12.64
N ASP G 62 -9.67 -30.87 13.31
CA ASP G 62 -10.95 -31.31 13.79
C ASP G 62 -11.46 -30.47 14.95
N ALA G 63 -10.54 -30.02 15.82
CA ALA G 63 -10.90 -29.22 16.98
C ALA G 63 -11.47 -27.86 16.59
N LEU G 64 -10.96 -27.28 15.50
CA LEU G 64 -11.39 -25.98 15.03
C LEU G 64 -12.38 -26.06 13.88
N ASP G 65 -12.80 -27.26 13.51
CA ASP G 65 -13.77 -27.41 12.42
C ASP G 65 -15.10 -26.70 12.77
N GLY G 66 -15.48 -25.72 11.96
CA GLY G 66 -16.73 -24.98 12.21
C GLY G 66 -16.61 -23.77 13.14
N ALA G 67 -15.41 -23.55 13.72
CA ALA G 67 -15.17 -22.40 14.62
C ALA G 67 -15.57 -21.11 13.95
N ARG G 68 -16.34 -20.28 14.67
CA ARG G 68 -16.82 -19.00 14.12
C ARG G 68 -16.14 -17.76 14.71
N THR G 69 -15.56 -17.88 15.92
CA THR G 69 -14.90 -16.76 16.57
C THR G 69 -13.55 -17.22 17.15
N ALA G 70 -12.83 -16.27 17.75
CA ALA G 70 -11.56 -16.56 18.39
C ALA G 70 -11.73 -17.73 19.35
N ARG G 72 -9.59 -20.33 22.20
CA ARG G 72 -8.41 -20.72 22.95
C ARG G 72 -8.22 -22.19 22.56
N THR G 73 -7.00 -22.56 22.17
CA THR G 73 -6.74 -23.94 21.78
C THR G 73 -5.63 -24.53 22.56
N ARG G 74 -5.86 -25.71 23.15
CA ARG G 74 -4.83 -26.42 23.90
C ARG G 74 -4.44 -27.70 23.17
N LEU G 75 -3.18 -27.77 22.77
CA LEU G 75 -2.63 -28.93 22.10
C LEU G 75 -1.77 -29.64 23.12
N ALA G 76 -1.87 -30.95 23.18
CA ALA G 76 -1.09 -31.73 24.16
C ALA G 76 -0.55 -33.03 23.54
N LEU G 77 0.69 -33.34 23.87
CA LEU G 77 1.35 -34.51 23.34
C LEU G 77 1.94 -35.37 24.45
N ALA G 78 1.71 -36.68 24.35
CA ALA G 78 2.26 -37.64 25.32
C ALA G 78 3.53 -38.23 24.70
N ARG G 79 4.35 -38.88 25.53
CA ARG G 79 5.62 -39.46 25.07
C ARG G 79 5.44 -40.45 23.94
N ASN G 80 4.36 -41.23 24.00
CA ASN G 80 4.07 -42.25 22.97
C ASN G 80 3.51 -41.68 21.63
N GLY G 81 3.37 -40.37 21.54
CA GLY G 81 2.85 -39.76 20.32
C GLY G 81 1.35 -39.42 20.38
N ASP G 82 0.66 -39.90 21.40
CA ASP G 82 -0.75 -39.64 21.52
C ASP G 82 -0.94 -38.13 21.67
N ALA G 83 -1.94 -37.58 20.97
CA ALA G 83 -2.19 -36.13 20.98
C ALA G 83 -3.65 -35.74 21.21
N THR G 84 -3.84 -34.61 21.87
CA THR G 84 -5.18 -34.09 22.08
C THR G 84 -5.25 -32.59 21.70
N ALA G 85 -6.45 -32.14 21.39
CA ALA G 85 -6.69 -30.73 21.04
C ALA G 85 -8.09 -30.36 21.48
N SER G 86 -8.18 -29.35 22.33
CA SER G 86 -9.42 -28.82 22.87
C SER G 86 -9.48 -27.37 22.48
N ALA G 87 -10.64 -26.94 22.02
CA ALA G 87 -10.85 -25.56 21.60
C ALA G 87 -12.14 -25.06 22.18
N GLN G 88 -12.08 -23.89 22.82
CA GLN G 88 -13.25 -23.23 23.42
C GLN G 88 -13.17 -21.72 23.17
N PRO G 89 -14.29 -21.02 23.32
CA PRO G 89 -14.22 -19.59 23.02
C PRO G 89 -13.16 -18.80 23.79
N TYR G 90 -12.44 -17.98 23.05
CA TYR G 90 -11.45 -17.12 23.65
C TYR G 90 -12.18 -15.95 24.33
N GLU G 91 -11.78 -15.64 25.55
CA GLU G 91 -12.37 -14.54 26.31
C GLU G 91 -11.29 -13.53 26.56
N PRO G 92 -11.16 -12.53 25.66
CA PRO G 92 -10.09 -11.52 25.82
C PRO G 92 -10.29 -10.66 27.02
N LEU G 93 -9.20 -10.08 27.51
CA LEU G 93 -9.29 -9.13 28.62
C LEU G 93 -9.78 -7.81 28.02
N ALA G 94 -10.22 -6.90 28.88
CA ALA G 94 -10.62 -5.59 28.42
C ALA G 94 -9.32 -4.84 28.08
N ALA G 95 -9.35 -3.96 27.08
CA ALA G 95 -8.16 -3.19 26.67
C ALA G 95 -7.53 -2.43 27.84
N ASP G 96 -8.38 -1.92 28.74
CA ASP G 96 -7.93 -1.17 29.91
C ASP G 96 -7.54 -2.02 31.14
N LYS G 97 -7.68 -3.34 31.07
CA LYS G 97 -7.39 -4.18 32.24
C LYS G 97 -5.91 -4.16 32.58
N VAL G 98 -5.62 -3.80 33.82
CA VAL G 98 -4.25 -3.78 34.31
C VAL G 98 -4.15 -4.89 35.32
N TRP G 99 -3.17 -5.78 35.13
CA TRP G 99 -2.95 -6.92 36.05
C TRP G 99 -2.01 -6.60 37.22
N ILE G 100 -2.37 -7.10 38.41
CA ILE G 100 -1.53 -6.92 39.60
C ILE G 100 -0.64 -8.18 39.75
N LEU G 101 0.64 -7.94 39.95
CA LEU G 101 1.63 -9.00 40.12
C LEU G 101 2.19 -8.99 41.53
N ARG G 102 2.47 -10.17 42.06
CA ARG G 102 3.10 -10.31 43.37
C ARG G 102 4.24 -11.27 43.16
N LEU G 103 5.32 -11.08 43.90
CA LEU G 103 6.47 -11.96 43.81
C LEU G 103 6.25 -13.09 44.77
N ALA G 104 6.35 -14.33 44.29
CA ALA G 104 6.18 -15.49 45.16
C ALA G 104 7.45 -15.76 45.99
N ARG G 105 7.27 -16.52 47.07
CA ARG G 105 8.39 -16.93 47.92
C ARG G 105 9.06 -18.14 47.27
N THR G 106 8.25 -18.93 46.56
CA THR G 106 8.70 -20.11 45.84
C THR G 106 9.68 -19.75 44.74
N ARG G 107 10.93 -20.14 44.94
CA ARG G 107 11.98 -19.85 43.96
CA ARG G 107 12.02 -19.88 43.98
C ARG G 107 12.13 -20.99 42.95
N LEU G 108 12.61 -20.66 41.75
CA LEU G 108 12.86 -21.62 40.68
C LEU G 108 14.35 -21.95 40.73
N ASP G 109 14.73 -23.06 40.12
CA ASP G 109 16.13 -23.50 40.06
C ASP G 109 16.66 -23.29 38.63
N SER G 110 17.52 -22.28 38.45
CA SER G 110 18.05 -21.96 37.11
C SER G 110 18.67 -23.14 36.38
N GLN G 111 19.10 -24.16 37.13
CA GLN G 111 19.74 -25.34 36.55
C GLN G 111 18.76 -26.48 36.19
N ASN G 112 17.45 -26.24 36.36
CA ASN G 112 16.41 -27.22 36.01
C ASN G 112 16.11 -27.06 34.51
N THR G 113 16.74 -27.91 33.69
CA THR G 113 16.61 -27.84 32.23
C THR G 113 15.20 -28.04 31.72
N LEU G 114 14.32 -28.57 32.56
CA LEU G 114 12.97 -28.80 32.13
C LEU G 114 12.17 -27.51 32.02
N LEU G 115 12.70 -26.42 32.60
CA LEU G 115 12.01 -25.13 32.54
C LEU G 115 11.95 -24.61 31.11
N ARG G 116 12.92 -25.01 30.26
CA ARG G 116 12.97 -24.60 28.84
C ARG G 116 11.84 -25.22 28.00
N HIS G 117 11.01 -26.08 28.59
CA HIS G 117 9.94 -26.78 27.85
C HIS G 117 8.61 -26.58 28.49
N THR G 119 5.52 -28.05 29.70
CA THR G 119 4.99 -29.36 30.04
C THR G 119 3.98 -29.30 31.15
N SER G 120 3.37 -30.45 31.45
CA SER G 120 2.39 -30.56 32.52
C SER G 120 3.01 -30.71 33.93
N ARG G 121 4.33 -30.73 34.02
CA ARG G 121 5.00 -30.86 35.32
C ARG G 121 5.17 -29.46 35.86
N ARG G 122 4.10 -28.96 36.48
CA ARG G 122 4.07 -27.58 36.98
C ARG G 122 4.04 -27.41 38.49
N GLN G 123 4.60 -28.36 39.21
CA GLN G 123 4.63 -28.34 40.68
C GLN G 123 4.98 -26.98 41.29
N LEU G 124 6.07 -26.36 40.82
CA LEU G 124 6.47 -25.06 41.39
C LEU G 124 5.57 -23.90 40.96
N TYR G 125 4.97 -23.99 39.76
CA TYR G 125 4.09 -22.93 39.31
C TYR G 125 2.77 -22.99 40.08
N THR G 126 2.31 -24.20 40.37
CA THR G 126 1.05 -24.35 41.11
C THR G 126 1.23 -23.86 42.55
N HIS G 127 2.39 -24.17 43.17
CA HIS G 127 2.64 -23.72 44.53
CA HIS G 127 2.67 -23.71 44.53
C HIS G 127 2.70 -22.19 44.53
N ALA G 128 3.55 -21.62 43.67
CA ALA G 128 3.66 -20.16 43.61
C ALA G 128 2.28 -19.52 43.49
N ARG G 129 1.46 -20.07 42.62
CA ARG G 129 0.09 -19.59 42.40
C ARG G 129 -0.72 -19.64 43.70
N SER G 130 -0.61 -20.75 44.43
CA SER G 130 -1.40 -20.93 45.66
C SER G 130 -1.01 -19.98 46.81
N GLU G 131 0.10 -19.24 46.69
CA GLU G 131 0.53 -18.30 47.74
C GLU G 131 -0.35 -17.05 47.83
N TYR G 132 -1.05 -16.74 46.74
CA TYR G 132 -1.92 -15.58 46.70
C TYR G 132 -3.30 -15.81 46.06
N LEU G 133 -4.29 -15.07 46.54
CA LEU G 133 -5.62 -15.14 45.97
C LEU G 133 -5.60 -14.34 44.67
N VAL G 134 -6.60 -14.53 43.83
CA VAL G 134 -6.66 -13.81 42.55
C VAL G 134 -6.84 -12.31 42.82
N THR G 135 -7.58 -12.00 43.88
CA THR G 135 -7.84 -10.62 44.28
C THR G 135 -6.61 -9.92 44.90
N GLN G 136 -5.56 -10.70 45.18
CA GLN G 136 -4.30 -10.19 45.71
C GLN G 136 -3.31 -10.05 44.55
N ALA G 137 -3.41 -10.99 43.59
CA ALA G 137 -2.55 -11.01 42.40
C ALA G 137 -3.19 -11.74 41.24
N ASP G 138 -3.27 -11.07 40.09
CA ASP G 138 -3.83 -11.66 38.87
C ASP G 138 -2.79 -12.61 38.28
N GLU G 139 -1.52 -12.34 38.56
CA GLU G 139 -0.42 -13.19 38.13
C GLU G 139 0.68 -13.12 39.18
N VAL G 140 1.43 -14.19 39.32
CA VAL G 140 2.47 -14.27 40.32
C VAL G 140 3.81 -14.52 39.67
N LEU G 141 4.80 -13.72 40.07
CA LEU G 141 6.13 -13.89 39.52
C LEU G 141 6.97 -14.79 40.39
N LEU G 142 7.99 -15.37 39.77
CA LEU G 142 8.93 -16.24 40.44
C LEU G 142 10.36 -15.81 40.11
N ALA G 143 11.24 -15.83 41.11
CA ALA G 143 12.65 -15.48 40.93
C ALA G 143 13.45 -16.77 41.06
N ASN G 144 14.75 -16.74 40.73
CA ASN G 144 15.60 -17.95 40.83
C ASN G 144 16.44 -17.93 42.11
N GLU G 145 17.39 -18.85 42.27
CA GLU G 145 18.20 -18.92 43.49
C GLU G 145 19.16 -17.72 43.66
N ARG G 146 19.29 -16.91 42.60
CA ARG G 146 20.16 -15.72 42.61
C ARG G 146 19.35 -14.42 42.80
N GLY G 147 18.04 -14.55 43.00
CA GLY G 147 17.15 -13.38 43.18
C GLY G 147 16.85 -12.64 41.86
N GLU G 148 17.13 -13.31 40.75
CA GLU G 148 16.88 -12.77 39.44
C GLU G 148 15.47 -13.14 39.05
N ILE G 149 14.65 -12.12 38.71
CA ILE G 149 13.26 -12.36 38.27
C ILE G 149 13.32 -13.22 37.03
N CYS G 150 12.48 -14.23 36.96
CA CYS G 150 12.48 -15.11 35.82
C CYS G 150 11.26 -14.94 34.95
N GLU G 151 10.08 -15.14 35.55
CA GLU G 151 8.82 -15.14 34.81
C GLU G 151 7.58 -15.28 35.70
N GLY G 152 6.42 -15.29 35.04
CA GLY G 152 5.16 -15.47 35.71
C GLY G 152 4.77 -16.95 35.66
N THR G 153 3.75 -17.34 36.40
CA THR G 153 3.32 -18.73 36.39
C THR G 153 2.86 -19.16 35.00
N ILE G 154 2.15 -18.28 34.27
CA ILE G 154 1.66 -18.62 32.91
C ILE G 154 2.06 -17.57 31.88
N THR G 155 3.04 -16.72 32.24
CA THR G 155 3.49 -15.63 31.33
C THR G 155 4.96 -15.30 31.49
N ASN G 156 5.50 -14.53 30.54
CA ASN G 156 6.89 -14.02 30.57
C ASN G 156 6.79 -12.55 30.99
N VAL G 157 7.85 -12.02 31.62
CA VAL G 157 7.81 -10.65 32.12
CA VAL G 157 7.85 -10.65 32.13
C VAL G 157 8.53 -9.67 31.20
N PHE G 158 7.95 -8.48 31.07
CA PHE G 158 8.52 -7.44 30.21
C PHE G 158 8.51 -6.10 30.94
N ALA G 159 9.69 -5.51 31.10
CA ALA G 159 9.84 -4.24 31.79
C ALA G 159 10.45 -3.19 30.91
N ASP G 160 9.86 -2.00 30.95
CA ASP G 160 10.35 -0.86 30.22
C ASP G 160 10.96 0.07 31.23
N PHE G 161 12.28 0.23 31.17
CA PHE G 161 12.98 1.11 32.11
C PHE G 161 13.10 2.57 31.63
N GLY G 162 12.32 2.93 30.61
CA GLY G 162 12.32 4.31 30.09
C GLY G 162 12.51 4.52 28.59
N ASP G 163 13.32 3.66 27.97
CA ASP G 163 13.65 3.79 26.55
C ASP G 163 12.64 3.11 25.59
N GLY G 164 11.61 2.46 26.12
CA GLY G 164 10.61 1.79 25.27
C GLY G 164 10.95 0.36 24.92
N VAL G 165 12.14 -0.08 25.32
CA VAL G 165 12.58 -1.44 25.07
C VAL G 165 11.97 -2.34 26.13
N LEU G 166 11.48 -3.50 25.72
CA LEU G 166 10.87 -4.41 26.68
C LEU G 166 11.92 -5.41 27.16
N ALA G 167 12.57 -5.09 28.27
CA ALA G 167 13.60 -5.93 28.84
C ALA G 167 12.96 -7.19 29.44
N THR G 168 13.38 -8.36 29.01
CA THR G 168 12.80 -9.60 29.52
C THR G 168 13.95 -10.48 30.02
N PRO G 169 13.72 -11.22 31.13
CA PRO G 169 14.79 -12.06 31.68
C PRO G 169 15.46 -13.01 30.70
N ARG G 170 16.78 -13.01 30.72
CA ARG G 170 17.58 -13.87 29.85
C ARG G 170 17.23 -15.32 30.16
N LEU G 171 17.17 -16.13 29.09
CA LEU G 171 16.77 -17.55 29.19
C LEU G 171 17.48 -18.33 30.30
N ASP G 172 18.80 -18.16 30.43
CA ASP G 172 19.55 -18.92 31.46
C ASP G 172 19.18 -18.56 32.93
N CYS G 173 18.31 -17.55 33.14
CA CYS G 173 17.85 -17.24 34.51
C CYS G 173 16.98 -18.41 35.02
N GLY G 174 16.34 -19.11 34.08
CA GLY G 174 15.48 -20.27 34.39
C GLY G 174 14.05 -19.86 34.13
N LEU G 175 13.55 -20.16 32.93
CA LEU G 175 12.19 -19.77 32.51
C LEU G 175 11.81 -20.36 31.16
N LEU G 176 10.52 -20.32 30.84
CA LEU G 176 10.05 -20.85 29.56
C LEU G 176 10.32 -19.84 28.43
N PRO G 177 10.92 -20.32 27.32
CA PRO G 177 11.11 -19.44 26.18
C PRO G 177 9.76 -19.36 25.50
N GLY G 178 8.94 -18.45 25.98
CA GLY G 178 7.59 -18.31 25.43
C GLY G 178 7.54 -17.92 23.96
N VAL G 179 6.42 -18.25 23.32
CA VAL G 179 6.23 -17.91 21.91
C VAL G 179 5.99 -16.38 21.71
N LEU G 180 5.31 -15.73 22.63
CA LEU G 180 5.13 -14.29 22.51
C LEU G 180 6.51 -13.64 22.70
N ARG G 181 7.23 -14.11 23.73
CA ARG G 181 8.58 -13.62 24.04
C ARG G 181 9.49 -13.69 22.84
N ALA G 182 9.47 -14.85 22.19
CA ALA G 182 10.32 -15.09 21.04
C ALA G 182 10.11 -14.06 19.93
N GLU G 183 8.84 -13.79 19.63
CA GLU G 183 8.49 -12.84 18.59
C GLU G 183 8.93 -11.41 18.94
N LEU G 184 8.73 -11.00 20.20
CA LEU G 184 9.14 -9.65 20.61
C LEU G 184 10.65 -9.52 20.50
N LEU G 185 11.38 -10.61 20.83
CA LEU G 185 12.84 -10.60 20.71
C LEU G 185 13.25 -10.56 19.24
N ASP G 186 12.63 -11.40 18.41
CA ASP G 186 13.00 -11.40 16.98
C ASP G 186 12.67 -10.07 16.31
N GLU G 187 11.57 -9.44 16.73
CA GLU G 187 11.16 -8.14 16.21
C GLU G 187 12.07 -7.04 16.73
N GLY G 188 12.88 -7.34 17.73
CA GLY G 188 13.78 -6.33 18.28
C GLY G 188 13.11 -5.43 19.31
N ARG G 189 11.82 -5.66 19.58
CA ARG G 189 11.05 -4.85 20.55
C ARG G 189 11.34 -5.21 21.98
N ALA G 190 11.87 -6.41 22.20
CA ALA G 190 12.25 -6.87 23.53
C ALA G 190 13.74 -7.22 23.52
N GLU G 191 14.37 -7.20 24.69
CA GLU G 191 15.79 -7.57 24.81
C GLU G 191 16.01 -8.38 26.06
N GLU G 192 17.00 -9.27 26.02
CA GLU G 192 17.32 -10.09 27.18
C GLU G 192 18.01 -9.27 28.24
N ALA G 193 17.68 -9.55 29.50
CA ALA G 193 18.27 -8.83 30.62
C ALA G 193 18.23 -9.64 31.90
N ILE G 194 18.80 -9.04 32.95
CA ILE G 194 18.86 -9.61 34.28
C ILE G 194 18.48 -8.50 35.26
N TYR G 195 17.42 -8.74 36.03
CA TYR G 195 17.00 -7.79 37.04
C TYR G 195 16.27 -8.48 38.18
N SER G 196 16.37 -7.85 39.35
CA SER G 196 15.79 -8.32 40.58
C SER G 196 14.46 -7.65 40.83
N TYR G 197 13.81 -8.02 41.93
CA TYR G 197 12.55 -7.42 42.32
C TYR G 197 12.74 -5.90 42.48
N ASP G 198 13.76 -5.51 43.24
CA ASP G 198 14.02 -4.06 43.45
C ASP G 198 14.28 -3.31 42.15
N ASP G 199 14.97 -3.95 41.20
CA ASP G 199 15.26 -3.32 39.92
C ASP G 199 13.94 -3.09 39.17
N LEU G 200 13.07 -4.09 39.23
CA LEU G 200 11.79 -4.06 38.52
C LEU G 200 10.84 -2.99 39.09
N LYS G 201 10.91 -2.74 40.40
CA LYS G 201 10.05 -1.72 41.02
C LYS G 201 10.31 -0.30 40.47
N SER G 202 11.47 -0.09 39.82
CA SER G 202 11.80 1.24 39.25
C SER G 202 11.44 1.32 37.76
N ALA G 203 10.75 0.31 37.24
CA ALA G 203 10.38 0.31 35.84
C ALA G 203 9.28 1.34 35.62
N LYS G 204 9.30 1.98 34.46
CA LYS G 204 8.29 2.99 34.10
C LYS G 204 6.98 2.32 33.70
N ALA G 205 7.10 1.23 32.98
CA ALA G 205 5.96 0.47 32.51
C ALA G 205 6.32 -0.99 32.62
N LEU G 206 5.32 -1.80 32.87
CA LEU G 206 5.55 -3.22 33.03
C LEU G 206 4.40 -4.01 32.40
N PHE G 207 4.75 -5.19 31.91
CA PHE G 207 3.81 -6.09 31.27
C PHE G 207 4.17 -7.54 31.50
N VAL G 208 3.16 -8.38 31.46
CA VAL G 208 3.36 -9.82 31.47
C VAL G 208 2.63 -10.25 30.19
N GLY G 209 3.00 -11.36 29.58
CA GLY G 209 2.32 -11.78 28.35
C GLY G 209 2.55 -13.20 27.94
N ASN G 210 1.68 -13.69 27.07
CA ASN G 210 1.79 -15.02 26.50
C ASN G 210 1.19 -15.02 25.10
N SER G 211 1.40 -16.08 24.33
CA SER G 211 0.93 -16.12 22.93
C SER G 211 -0.60 -16.02 22.84
N LEU G 212 -1.30 -16.59 23.81
CA LEU G 212 -2.74 -16.53 23.83
C LEU G 212 -3.31 -15.10 23.97
N ARG G 213 -2.80 -14.34 24.95
CA ARG G 213 -3.33 -13.00 25.25
C ARG G 213 -2.55 -11.79 24.75
N GLY G 214 -1.30 -11.99 24.31
CA GLY G 214 -0.47 -10.86 23.88
C GLY G 214 0.06 -10.22 25.15
N LEU G 215 0.44 -8.94 25.09
CA LEU G 215 0.92 -8.26 26.27
C LEU G 215 -0.21 -7.76 27.16
N ILE G 216 -0.01 -7.87 28.47
CA ILE G 216 -0.98 -7.40 29.45
C ILE G 216 -0.30 -6.37 30.34
N PRO G 217 -0.85 -5.15 30.41
CA PRO G 217 -0.23 -4.15 31.28
C PRO G 217 -0.30 -4.64 32.73
N ALA G 218 0.71 -4.30 33.51
CA ALA G 218 0.76 -4.74 34.90
C ALA G 218 1.49 -3.81 35.84
N LYS G 219 1.17 -3.95 37.12
CA LYS G 219 1.80 -3.20 38.20
C LYS G 219 2.26 -4.20 39.28
N LEU G 220 3.52 -4.08 39.68
CA LEU G 220 4.10 -4.97 40.67
C LEU G 220 4.02 -4.39 42.08
N VAL G 221 3.42 -5.14 42.98
CA VAL G 221 3.30 -4.68 44.36
C VAL G 221 4.64 -4.85 45.07
N ASP H 15 -3.36 -46.16 4.64
CA ASP H 15 -4.07 -46.92 5.73
C ASP H 15 -5.08 -45.99 6.39
N PHE H 16 -5.93 -46.54 7.26
CA PHE H 16 -6.97 -45.75 7.91
C PHE H 16 -7.04 -45.90 9.42
N GLU H 17 -7.76 -44.96 10.02
CA GLU H 17 -7.99 -44.90 11.43
C GLU H 17 -9.43 -45.26 11.74
N LEU H 18 -9.66 -45.79 12.94
CA LEU H 18 -10.99 -46.08 13.43
C LEU H 18 -11.40 -44.83 14.12
N ILE H 19 -12.65 -44.41 13.92
CA ILE H 19 -13.18 -43.17 14.48
C ILE H 19 -14.47 -43.33 15.29
N GLU H 20 -14.62 -42.52 16.33
CA GLU H 20 -15.83 -42.48 17.14
C GLU H 20 -16.14 -41.02 17.40
N THR H 21 -17.38 -40.58 17.16
CA THR H 21 -17.77 -39.18 17.44
C THR H 21 -18.83 -39.23 18.52
N ARG H 23 -20.91 -37.17 22.08
CA ARG H 23 -21.29 -35.97 22.77
C ARG H 23 -20.90 -36.15 24.24
N TRP H 24 -20.10 -35.25 24.78
CA TRP H 24 -19.75 -35.27 26.20
C TRP H 24 -20.66 -34.26 26.88
N GLN H 25 -21.30 -34.67 27.98
CA GLN H 25 -22.23 -33.80 28.76
C GLN H 25 -21.75 -33.70 30.19
N PRO H 26 -21.59 -32.48 30.71
CA PRO H 26 -21.10 -32.39 32.09
C PRO H 26 -21.94 -33.21 33.06
N GLY H 27 -21.28 -33.96 33.94
CA GLY H 27 -21.96 -34.75 34.96
C GLY H 27 -22.25 -36.19 34.59
N THR H 28 -22.62 -36.43 33.32
CA THR H 28 -22.95 -37.79 32.84
C THR H 28 -21.93 -38.34 31.86
N SER H 29 -20.92 -37.55 31.55
CA SER H 29 -19.87 -37.96 30.62
C SER H 29 -20.44 -38.26 29.19
N PHE H 30 -19.81 -39.18 28.48
CA PHE H 30 -20.19 -39.48 27.08
C PHE H 30 -21.51 -40.21 26.92
N LEU H 31 -22.40 -39.58 26.15
CA LEU H 31 -23.68 -40.15 25.86
C LEU H 31 -23.48 -41.45 25.06
N ARG H 32 -24.09 -42.52 25.54
CA ARG H 32 -24.01 -43.81 24.88
C ARG H 32 -22.56 -44.36 24.82
N PHE H 33 -21.77 -44.00 25.83
CA PHE H 33 -20.36 -44.37 25.92
C PHE H 33 -20.12 -45.88 25.74
N ASP H 34 -20.88 -46.73 26.45
CA ASP H 34 -20.72 -48.18 26.32
C ASP H 34 -20.82 -48.62 24.87
N ARG H 35 -21.84 -48.11 24.17
CA ARG H 35 -22.02 -48.49 22.78
C ARG H 35 -20.84 -48.05 21.90
N HIS H 36 -20.33 -46.83 22.09
CA HIS H 36 -19.18 -46.35 21.29
C HIS H 36 -17.95 -47.22 21.51
N LEU H 37 -17.69 -47.53 22.76
CA LEU H 37 -16.57 -48.36 23.09
C LEU H 37 -16.76 -49.77 22.52
N ALA H 38 -17.98 -50.31 22.62
CA ALA H 38 -18.25 -51.64 22.10
C ALA H 38 -17.95 -51.70 20.61
N ARG H 39 -18.36 -50.70 19.83
CA ARG H 39 -18.06 -50.70 18.39
C ARG H 39 -16.56 -50.53 18.12
N LEU H 40 -15.94 -49.56 18.79
CA LEU H 40 -14.48 -49.30 18.61
C LEU H 40 -13.64 -50.54 18.93
N TYR H 41 -13.87 -51.10 20.11
CA TYR H 41 -13.13 -52.30 20.52
C TYR H 41 -13.40 -53.47 19.60
N GLY H 42 -14.66 -53.69 19.29
CA GLY H 42 -15.07 -54.77 18.41
C GLY H 42 -14.43 -54.62 17.03
N SER H 43 -14.47 -53.40 16.49
CA SER H 43 -13.85 -53.11 15.18
C SER H 43 -12.33 -53.28 15.25
N ALA H 44 -11.69 -52.80 16.32
CA ALA H 44 -10.24 -52.94 16.45
C ALA H 44 -9.88 -54.43 16.41
N ALA H 45 -10.64 -55.23 17.15
CA ALA H 45 -10.41 -56.66 17.20
C ALA H 45 -10.55 -57.30 15.82
N GLU H 46 -11.60 -56.96 15.08
CA GLU H 46 -11.83 -57.56 13.75
C GLU H 46 -10.80 -57.15 12.68
N LEU H 47 -10.39 -55.89 12.71
CA LEU H 47 -9.46 -55.36 11.70
C LEU H 47 -7.99 -55.53 12.05
N GLY H 48 -7.70 -56.03 13.24
CA GLY H 48 -6.33 -56.24 13.64
C GLY H 48 -5.61 -55.04 14.22
N PHE H 49 -6.34 -54.03 14.69
CA PHE H 49 -5.73 -52.87 15.30
C PHE H 49 -5.30 -53.14 16.73
N ALA H 50 -4.13 -52.63 17.12
CA ALA H 50 -3.67 -52.74 18.50
C ALA H 50 -4.61 -51.81 19.25
N CYS H 51 -5.03 -52.22 20.44
CA CYS H 51 -6.00 -51.44 21.19
C CYS H 51 -5.85 -51.59 22.70
N ASP H 52 -5.38 -50.52 23.33
CA ASP H 52 -5.15 -50.45 24.76
C ASP H 52 -6.17 -49.45 25.37
N PRO H 53 -7.16 -49.96 26.14
CA PRO H 53 -8.19 -49.11 26.76
C PRO H 53 -7.64 -47.98 27.64
N GLN H 54 -6.55 -48.23 28.38
CA GLN H 54 -5.96 -47.18 29.22
C GLN H 54 -5.48 -46.03 28.36
N ARG H 55 -5.06 -46.38 27.16
CA ARG H 55 -4.55 -45.40 26.25
C ARG H 55 -5.73 -44.59 25.66
N ILE H 56 -6.86 -45.23 25.39
CA ILE H 56 -8.02 -44.50 24.89
C ILE H 56 -8.53 -43.63 26.03
N ALA H 57 -8.61 -44.19 27.23
CA ALA H 57 -9.08 -43.42 28.38
C ALA H 57 -8.22 -42.16 28.62
N GLU H 58 -6.91 -42.28 28.47
CA GLU H 58 -6.00 -41.15 28.70
C GLU H 58 -6.27 -39.99 27.74
N VAL H 59 -6.47 -40.28 26.45
CA VAL H 59 -6.74 -39.21 25.49
C VAL H 59 -8.12 -38.62 25.69
N LEU H 60 -9.11 -39.43 26.01
CA LEU H 60 -10.44 -38.88 26.21
C LEU H 60 -10.42 -37.90 27.36
N SER H 61 -9.80 -38.32 28.45
CA SER H 61 -9.69 -37.55 29.67
C SER H 61 -8.94 -36.23 29.43
N ASP H 62 -7.79 -36.32 28.74
CA ASP H 62 -7.00 -35.15 28.42
C ASP H 62 -7.77 -34.24 27.49
N ALA H 63 -8.42 -34.81 26.48
CA ALA H 63 -9.20 -34.02 25.53
C ALA H 63 -10.30 -33.21 26.24
N LEU H 64 -10.94 -33.79 27.26
CA LEU H 64 -12.05 -33.10 27.92
C LEU H 64 -11.66 -32.25 29.12
N ASP H 65 -10.39 -32.24 29.50
CA ASP H 65 -9.94 -31.43 30.62
C ASP H 65 -10.28 -29.96 30.37
N GLY H 66 -11.00 -29.35 31.30
CA GLY H 66 -11.38 -27.93 31.20
C GLY H 66 -12.61 -27.62 30.38
N ALA H 67 -13.36 -28.66 29.98
CA ALA H 67 -14.60 -28.46 29.21
C ALA H 67 -15.63 -27.68 30.06
N ARG H 68 -16.16 -26.60 29.50
CA ARG H 68 -17.10 -25.74 30.21
C ARG H 68 -18.55 -26.05 29.87
N THR H 69 -18.75 -26.80 28.79
CA THR H 69 -20.08 -27.13 28.33
C THR H 69 -20.05 -28.48 27.68
N ALA H 70 -21.20 -28.89 27.15
CA ALA H 70 -21.29 -30.11 26.40
C ALA H 70 -20.25 -29.99 25.26
N ARG H 72 -18.35 -31.76 21.60
CA ARG H 72 -18.35 -32.70 20.50
C ARG H 72 -16.96 -33.27 20.55
N THR H 73 -16.87 -34.57 20.76
CA THR H 73 -15.57 -35.26 20.88
C THR H 73 -15.31 -36.26 19.76
N ARG H 74 -14.14 -36.17 19.13
CA ARG H 74 -13.73 -37.08 18.06
CA ARG H 74 -13.77 -37.10 18.09
C ARG H 74 -12.58 -37.93 18.56
N LEU H 75 -12.71 -39.25 18.47
CA LEU H 75 -11.66 -40.17 18.90
C LEU H 75 -11.18 -40.98 17.70
N ALA H 76 -9.85 -41.04 17.51
CA ALA H 76 -9.23 -41.80 16.42
C ALA H 76 -8.22 -42.81 16.97
N LEU H 77 -8.18 -44.00 16.36
CA LEU H 77 -7.24 -45.06 16.78
C LEU H 77 -6.55 -45.58 15.57
N ALA H 78 -5.21 -45.58 15.56
CA ALA H 78 -4.45 -46.10 14.43
C ALA H 78 -4.20 -47.61 14.61
N ARG H 79 -3.76 -48.27 13.55
CA ARG H 79 -3.51 -49.69 13.57
C ARG H 79 -2.48 -50.11 14.64
N ASN H 80 -1.46 -49.28 14.86
CA ASN H 80 -0.43 -49.60 15.83
C ASN H 80 -0.83 -49.22 17.26
N GLY H 81 -2.04 -48.72 17.45
CA GLY H 81 -2.53 -48.33 18.78
C GLY H 81 -2.47 -46.84 19.11
N ASP H 82 -1.80 -46.06 18.26
CA ASP H 82 -1.71 -44.62 18.50
C ASP H 82 -3.11 -44.01 18.56
N ALA H 83 -3.35 -43.17 19.56
CA ALA H 83 -4.67 -42.58 19.77
C ALA H 83 -4.66 -41.05 19.88
N THR H 84 -5.73 -40.43 19.37
CA THR H 84 -5.88 -38.98 19.42
C THR H 84 -7.30 -38.64 19.69
N ALA H 85 -7.49 -37.45 20.25
CA ALA H 85 -8.83 -36.97 20.55
C ALA H 85 -8.92 -35.43 20.50
N SER H 86 -10.05 -34.95 20.00
CA SER H 86 -10.30 -33.53 19.90
C SER H 86 -11.64 -33.24 20.53
N ALA H 87 -11.81 -32.02 21.01
CA ALA H 87 -13.05 -31.61 21.65
C ALA H 87 -13.36 -30.14 21.34
N GLN H 88 -14.64 -29.82 21.14
CA GLN H 88 -15.07 -28.47 20.87
C GLN H 88 -16.50 -28.35 21.40
N PRO H 89 -17.00 -27.12 21.64
CA PRO H 89 -18.35 -27.01 22.15
C PRO H 89 -19.41 -27.67 21.25
N TYR H 90 -20.37 -28.34 21.89
CA TYR H 90 -21.45 -28.98 21.21
C TYR H 90 -22.59 -28.01 21.17
N GLU H 91 -23.08 -27.69 19.97
CA GLU H 91 -24.18 -26.74 19.77
C GLU H 91 -25.45 -27.47 19.34
N PRO H 92 -26.34 -27.74 20.27
CA PRO H 92 -27.51 -28.48 19.82
C PRO H 92 -28.39 -27.74 18.84
N LEU H 93 -29.01 -28.48 17.92
CA LEU H 93 -29.94 -27.90 16.99
C LEU H 93 -31.20 -27.49 17.76
N ALA H 94 -31.95 -26.51 17.26
CA ALA H 94 -33.22 -26.12 17.89
C ALA H 94 -34.21 -27.31 17.72
N ALA H 95 -35.14 -27.48 18.65
CA ALA H 95 -36.14 -28.60 18.57
C ALA H 95 -37.00 -28.50 17.30
N ASP H 96 -37.13 -27.25 16.80
CA ASP H 96 -37.90 -26.90 15.60
C ASP H 96 -37.15 -27.11 14.27
N LYS H 97 -35.86 -27.41 14.35
CA LYS H 97 -35.06 -27.59 13.15
C LYS H 97 -35.42 -28.86 12.39
N VAL H 98 -35.68 -28.70 11.10
CA VAL H 98 -35.98 -29.83 10.24
C VAL H 98 -34.92 -29.82 9.15
N TRP H 99 -34.17 -30.92 9.06
CA TRP H 99 -33.12 -31.06 8.04
C TRP H 99 -33.67 -31.47 6.67
N ILE H 100 -33.17 -30.81 5.63
CA ILE H 100 -33.54 -31.10 4.26
C ILE H 100 -32.55 -32.17 3.80
N LEU H 101 -33.07 -33.22 3.18
CA LEU H 101 -32.27 -34.31 2.70
C LEU H 101 -32.40 -34.36 1.19
N ARG H 102 -31.29 -34.69 0.52
CA ARG H 102 -31.26 -34.88 -0.93
C ARG H 102 -30.48 -36.17 -1.16
N LEU H 103 -30.76 -36.85 -2.27
CA LEU H 103 -30.10 -38.08 -2.60
C LEU H 103 -28.95 -37.84 -3.53
N ALA H 104 -27.77 -38.36 -3.18
CA ALA H 104 -26.59 -38.21 -4.03
C ALA H 104 -26.64 -39.15 -5.23
N ARG H 105 -25.90 -38.81 -6.29
CA ARG H 105 -25.75 -39.68 -7.45
C ARG H 105 -24.72 -40.76 -7.06
N THR H 106 -23.77 -40.39 -6.20
CA THR H 106 -22.74 -41.31 -5.74
C THR H 106 -23.36 -42.49 -4.98
N ARG H 107 -23.11 -43.70 -5.47
CA ARG H 107 -23.65 -44.90 -4.88
C ARG H 107 -22.61 -45.66 -4.06
N LEU H 108 -23.10 -46.36 -3.04
CA LEU H 108 -22.27 -47.23 -2.21
C LEU H 108 -22.29 -48.65 -2.81
N ASP H 109 -21.32 -49.46 -2.42
CA ASP H 109 -21.21 -50.85 -2.87
C ASP H 109 -21.58 -51.72 -1.66
N SER H 110 -22.72 -52.42 -1.75
CA SER H 110 -23.20 -53.27 -0.65
C SER H 110 -22.23 -54.38 -0.26
N GLN H 111 -21.33 -54.73 -1.19
CA GLN H 111 -20.35 -55.76 -0.95
C GLN H 111 -19.11 -55.26 -0.23
N ASN H 112 -19.00 -53.96 -0.01
CA ASN H 112 -17.86 -53.38 0.69
C ASN H 112 -17.98 -53.63 2.19
N THR H 113 -17.16 -54.52 2.69
CA THR H 113 -17.22 -54.91 4.08
C THR H 113 -16.74 -53.82 5.04
N LEU H 114 -16.00 -52.84 4.54
CA LEU H 114 -15.48 -51.79 5.42
C LEU H 114 -16.58 -50.77 5.81
N LEU H 115 -17.68 -50.76 5.08
CA LEU H 115 -18.76 -49.85 5.41
C LEU H 115 -19.28 -50.05 6.84
N ARG H 116 -19.20 -51.27 7.37
CA ARG H 116 -19.70 -51.50 8.71
C ARG H 116 -18.72 -51.14 9.82
N HIS H 117 -17.67 -50.41 9.47
CA HIS H 117 -16.68 -49.93 10.43
C HIS H 117 -16.56 -48.44 10.20
N THR H 119 -14.46 -45.56 9.80
CA THR H 119 -13.06 -45.21 9.58
C THR H 119 -12.83 -43.89 8.84
N SER H 120 -11.56 -43.50 8.72
CA SER H 120 -11.18 -42.28 8.04
C SER H 120 -11.26 -42.45 6.52
N ARG H 121 -11.40 -43.68 6.04
CA ARG H 121 -11.51 -43.94 4.61
C ARG H 121 -12.93 -43.56 4.19
N ARG H 122 -13.14 -42.26 3.91
CA ARG H 122 -14.45 -41.70 3.60
C ARG H 122 -14.69 -41.14 2.18
N GLN H 123 -13.78 -41.42 1.26
CA GLN H 123 -13.86 -40.94 -0.11
C GLN H 123 -15.27 -40.76 -0.69
N LEU H 124 -16.03 -41.84 -0.82
CA LEU H 124 -17.38 -41.75 -1.41
C LEU H 124 -18.34 -40.87 -0.58
N TYR H 125 -18.16 -40.83 0.72
CA TYR H 125 -19.00 -39.99 1.56
C TYR H 125 -18.65 -38.55 1.30
N THR H 126 -17.37 -38.26 1.20
CA THR H 126 -16.94 -36.90 0.90
C THR H 126 -17.46 -36.44 -0.46
N HIS H 127 -17.44 -37.33 -1.44
CA HIS H 127 -17.89 -37.00 -2.77
C HIS H 127 -19.39 -36.75 -2.69
N ALA H 128 -20.10 -37.61 -1.96
CA ALA H 128 -21.54 -37.45 -1.80
C ALA H 128 -21.88 -36.08 -1.19
N ARG H 129 -21.19 -35.72 -0.10
CA ARG H 129 -21.39 -34.44 0.58
C ARG H 129 -21.17 -33.25 -0.36
N SER H 130 -20.14 -33.33 -1.20
CA SER H 130 -19.80 -32.26 -2.14
C SER H 130 -20.80 -32.07 -3.27
N GLU H 131 -21.73 -33.01 -3.46
CA GLU H 131 -22.74 -32.86 -4.54
C GLU H 131 -23.77 -31.76 -4.24
N TYR H 132 -23.90 -31.38 -2.97
CA TYR H 132 -24.86 -30.35 -2.59
C TYR H 132 -24.28 -29.37 -1.63
N LEU H 133 -24.72 -28.14 -1.73
CA LEU H 133 -24.35 -27.10 -0.79
C LEU H 133 -25.20 -27.29 0.45
N VAL H 134 -24.69 -26.90 1.60
CA VAL H 134 -25.46 -27.06 2.85
C VAL H 134 -26.85 -26.43 2.75
N THR H 135 -26.97 -25.28 2.07
CA THR H 135 -28.27 -24.61 1.93
C THR H 135 -29.24 -25.44 1.05
N GLN H 136 -28.70 -26.39 0.30
CA GLN H 136 -29.52 -27.29 -0.52
C GLN H 136 -29.86 -28.55 0.26
N ALA H 137 -28.93 -29.00 1.09
CA ALA H 137 -29.09 -30.23 1.83
C ALA H 137 -28.28 -30.27 3.11
N ASP H 138 -28.99 -30.29 4.22
CA ASP H 138 -28.37 -30.37 5.53
C ASP H 138 -27.63 -31.70 5.67
N GLU H 139 -28.16 -32.72 5.01
CA GLU H 139 -27.55 -34.05 4.99
C GLU H 139 -27.83 -34.64 3.64
N VAL H 140 -26.91 -35.48 3.17
CA VAL H 140 -27.02 -36.11 1.88
C VAL H 140 -27.06 -37.61 2.10
N LEU H 141 -28.03 -38.23 1.47
CA LEU H 141 -28.25 -39.65 1.59
C LEU H 141 -27.60 -40.40 0.45
N LEU H 142 -27.17 -41.62 0.72
CA LEU H 142 -26.60 -42.48 -0.30
C LEU H 142 -27.40 -43.74 -0.46
N ALA H 143 -27.45 -44.21 -1.72
CA ALA H 143 -28.10 -45.44 -2.05
C ALA H 143 -27.01 -46.44 -2.50
N ASN H 144 -27.36 -47.72 -2.64
CA ASN H 144 -26.40 -48.72 -3.08
C ASN H 144 -26.63 -49.09 -4.56
N GLU H 145 -25.90 -50.08 -5.07
CA GLU H 145 -26.02 -50.45 -6.48
C GLU H 145 -27.39 -51.01 -6.85
N ARG H 146 -28.18 -51.37 -5.84
CA ARG H 146 -29.53 -51.90 -6.05
C ARG H 146 -30.61 -50.82 -5.86
N GLY H 147 -30.22 -49.55 -5.69
CA GLY H 147 -31.20 -48.47 -5.53
C GLY H 147 -31.83 -48.41 -4.14
N GLU H 148 -31.33 -49.24 -3.23
CA GLU H 148 -31.83 -49.27 -1.86
C GLU H 148 -31.20 -48.13 -1.09
N ILE H 149 -32.01 -47.38 -0.33
CA ILE H 149 -31.48 -46.32 0.49
C ILE H 149 -30.62 -46.91 1.58
N CYS H 150 -29.47 -46.32 1.84
CA CYS H 150 -28.58 -46.85 2.87
C CYS H 150 -28.46 -46.01 4.11
N GLU H 151 -27.91 -44.81 3.98
CA GLU H 151 -27.65 -43.95 5.13
C GLU H 151 -27.33 -42.56 4.70
N GLY H 152 -27.01 -41.71 5.67
CA GLY H 152 -26.56 -40.35 5.37
C GLY H 152 -25.05 -40.36 5.46
N THR H 153 -24.40 -39.28 5.03
CA THR H 153 -22.94 -39.22 5.09
C THR H 153 -22.41 -39.33 6.52
N ILE H 154 -23.21 -38.91 7.49
CA ILE H 154 -22.82 -38.94 8.89
C ILE H 154 -24.00 -39.31 9.81
N THR H 155 -25.03 -39.91 9.24
CA THR H 155 -26.19 -40.29 9.99
C THR H 155 -26.80 -41.54 9.42
N ASN H 156 -27.67 -42.16 10.20
CA ASN H 156 -28.45 -43.29 9.76
C ASN H 156 -29.83 -42.70 9.46
N VAL H 157 -30.60 -43.33 8.60
CA VAL H 157 -31.92 -42.82 8.21
C VAL H 157 -33.04 -43.67 8.84
N PHE H 158 -34.15 -43.00 9.19
CA PHE H 158 -35.28 -43.65 9.88
C PHE H 158 -36.56 -43.16 9.28
N ALA H 159 -37.34 -44.08 8.73
CA ALA H 159 -38.60 -43.77 8.05
C ALA H 159 -39.80 -44.38 8.76
N ASP H 160 -40.80 -43.55 8.99
CA ASP H 160 -42.02 -43.95 9.62
C ASP H 160 -43.08 -43.94 8.55
N PHE H 161 -43.54 -45.13 8.16
CA PHE H 161 -44.56 -45.24 7.12
C PHE H 161 -46.00 -45.19 7.63
N GLY H 162 -46.18 -44.73 8.87
CA GLY H 162 -47.52 -44.58 9.44
C GLY H 162 -47.80 -45.29 10.75
N ASP H 163 -47.07 -46.35 11.05
CA ASP H 163 -47.32 -47.12 12.28
C ASP H 163 -46.44 -46.73 13.49
N GLY H 164 -45.66 -45.66 13.38
CA GLY H 164 -44.82 -45.25 14.51
C GLY H 164 -43.49 -45.99 14.59
N VAL H 165 -43.32 -47.03 13.79
CA VAL H 165 -42.08 -47.76 13.78
C VAL H 165 -41.01 -47.01 12.96
N LEU H 166 -39.80 -46.87 13.49
CA LEU H 166 -38.72 -46.21 12.74
C LEU H 166 -38.02 -47.24 11.85
N ALA H 167 -38.47 -47.36 10.61
CA ALA H 167 -37.88 -48.32 9.67
C ALA H 167 -36.52 -47.79 9.19
N THR H 168 -35.47 -48.57 9.42
CA THR H 168 -34.10 -48.19 9.07
C THR H 168 -33.43 -49.26 8.16
N PRO H 169 -32.65 -48.82 7.16
CA PRO H 169 -32.02 -49.76 6.23
C PRO H 169 -31.21 -50.91 6.87
N ARG H 170 -31.51 -52.11 6.40
CA ARG H 170 -30.89 -53.32 6.89
C ARG H 170 -29.39 -53.22 6.69
N LEU H 171 -28.65 -53.77 7.64
CA LEU H 171 -27.20 -53.69 7.61
C LEU H 171 -26.56 -54.20 6.31
N ASP H 172 -27.10 -55.27 5.73
CA ASP H 172 -26.51 -55.81 4.49
C ASP H 172 -26.73 -54.90 3.24
N CYS H 173 -27.46 -53.78 3.38
CA CYS H 173 -27.62 -52.83 2.26
C CYS H 173 -26.30 -52.06 1.99
N GLY H 174 -25.39 -52.06 2.98
CA GLY H 174 -24.11 -51.34 2.88
C GLY H 174 -24.22 -50.03 3.63
N LEU H 175 -23.80 -50.02 4.90
CA LEU H 175 -23.92 -48.84 5.76
C LEU H 175 -23.27 -49.07 7.12
N LEU H 176 -23.06 -47.99 7.89
CA LEU H 176 -22.45 -48.12 9.20
C LEU H 176 -23.51 -48.47 10.26
N PRO H 177 -23.25 -49.50 11.09
CA PRO H 177 -24.19 -49.78 12.18
C PRO H 177 -23.97 -48.72 13.26
N GLY H 178 -24.66 -47.60 13.12
CA GLY H 178 -24.50 -46.49 14.05
C GLY H 178 -24.90 -46.79 15.48
N VAL H 179 -24.35 -46.02 16.41
CA VAL H 179 -24.62 -46.18 17.82
C VAL H 179 -26.07 -45.80 18.16
N LEU H 180 -26.58 -44.65 17.68
CA LEU H 180 -27.99 -44.31 17.93
C LEU H 180 -28.89 -45.38 17.29
N ARG H 181 -28.55 -45.81 16.08
CA ARG H 181 -29.28 -46.81 15.36
C ARG H 181 -29.36 -48.08 16.19
N ALA H 182 -28.24 -48.45 16.80
CA ALA H 182 -28.19 -49.64 17.64
C ALA H 182 -29.12 -49.50 18.82
N GLU H 183 -29.10 -48.34 19.47
CA GLU H 183 -29.96 -48.12 20.61
C GLU H 183 -31.42 -48.23 20.24
N LEU H 184 -31.79 -47.61 19.13
CA LEU H 184 -33.17 -47.62 18.69
C LEU H 184 -33.65 -49.03 18.34
N LEU H 185 -32.79 -49.86 17.74
CA LEU H 185 -33.16 -51.26 17.41
C LEU H 185 -33.35 -52.08 18.68
N ASP H 186 -32.43 -51.89 19.62
CA ASP H 186 -32.49 -52.61 20.89
C ASP H 186 -33.74 -52.23 21.67
N GLU H 187 -34.10 -50.95 21.63
CA GLU H 187 -35.31 -50.46 22.32
C GLU H 187 -36.59 -50.86 21.62
N GLY H 188 -36.48 -51.45 20.42
CA GLY H 188 -37.66 -51.87 19.66
C GLY H 188 -38.39 -50.72 18.97
N ARG H 189 -37.75 -49.54 18.92
CA ARG H 189 -38.34 -48.35 18.28
C ARG H 189 -38.03 -48.36 16.79
N ALA H 190 -36.87 -48.93 16.43
CA ALA H 190 -36.49 -49.05 15.02
C ALA H 190 -36.55 -50.51 14.58
N GLU H 191 -36.69 -50.73 13.28
CA GLU H 191 -36.71 -52.07 12.69
C GLU H 191 -36.02 -52.03 11.36
N GLU H 192 -35.24 -53.06 11.06
CA GLU H 192 -34.54 -53.13 9.81
C GLU H 192 -35.56 -53.31 8.70
N ALA H 193 -35.28 -52.68 7.56
CA ALA H 193 -36.16 -52.74 6.41
C ALA H 193 -35.37 -52.44 5.14
N ILE H 194 -36.06 -52.53 4.01
CA ILE H 194 -35.45 -52.27 2.71
C ILE H 194 -36.39 -51.33 1.96
N TYR H 195 -35.86 -50.22 1.48
CA TYR H 195 -36.67 -49.29 0.72
C TYR H 195 -35.85 -48.39 -0.17
N SER H 196 -36.50 -47.93 -1.23
CA SER H 196 -35.88 -47.04 -2.20
C SER H 196 -36.25 -45.59 -1.93
N TYR H 197 -35.72 -44.69 -2.75
CA TYR H 197 -36.06 -43.27 -2.65
C TYR H 197 -37.55 -43.13 -2.93
N ASP H 198 -38.01 -43.77 -4.00
CA ASP H 198 -39.44 -43.73 -4.37
C ASP H 198 -40.31 -44.18 -3.18
N ASP H 199 -39.91 -45.28 -2.53
CA ASP H 199 -40.63 -45.77 -1.35
C ASP H 199 -40.69 -44.67 -0.29
N LEU H 200 -39.58 -43.97 -0.07
CA LEU H 200 -39.52 -42.88 0.96
C LEU H 200 -40.56 -41.79 0.82
N LYS H 201 -40.96 -41.48 -0.39
CA LYS H 201 -41.96 -40.46 -0.60
C LYS H 201 -43.34 -40.85 -0.03
N SER H 202 -43.49 -42.12 0.37
CA SER H 202 -44.72 -42.61 1.02
C SER H 202 -44.62 -42.49 2.56
N ALA H 203 -43.47 -42.04 3.06
CA ALA H 203 -43.26 -41.91 4.51
C ALA H 203 -44.07 -40.78 5.11
N LYS H 204 -44.66 -41.03 6.27
CA LYS H 204 -45.44 -40.05 7.00
C LYS H 204 -44.54 -39.11 7.82
N ALA H 205 -43.40 -39.64 8.27
CA ALA H 205 -42.42 -38.90 9.05
C ALA H 205 -41.05 -39.47 8.72
N LEU H 206 -40.06 -38.61 8.62
CA LEU H 206 -38.74 -39.03 8.29
C LEU H 206 -37.72 -38.38 9.21
N PHE H 207 -36.63 -39.11 9.48
CA PHE H 207 -35.53 -38.62 10.32
C PHE H 207 -34.18 -39.19 9.92
N VAL H 208 -33.14 -38.47 10.26
CA VAL H 208 -31.79 -39.01 10.13
C VAL H 208 -31.24 -38.78 11.53
N GLY H 209 -30.28 -39.55 11.95
CA GLY H 209 -29.72 -39.33 13.28
C GLY H 209 -28.38 -39.95 13.47
N ASN H 210 -27.67 -39.48 14.49
CA ASN H 210 -26.39 -40.03 14.89
C ASN H 210 -26.32 -39.95 16.42
N SER H 211 -25.30 -40.54 17.00
CA SER H 211 -25.18 -40.53 18.45
C SER H 211 -24.93 -39.12 19.00
N LEU H 212 -24.21 -38.28 18.27
CA LEU H 212 -23.92 -36.94 18.72
C LEU H 212 -25.18 -36.11 18.92
N ARG H 213 -26.07 -36.13 17.95
CA ARG H 213 -27.27 -35.29 17.97
C ARG H 213 -28.59 -35.94 18.28
N GLY H 214 -28.63 -37.27 18.22
CA GLY H 214 -29.88 -37.99 18.42
C GLY H 214 -30.63 -37.87 17.12
N LEU H 215 -31.97 -38.09 17.18
CA LEU H 215 -32.84 -38.00 16.01
C LEU H 215 -33.14 -36.56 15.60
N ILE H 216 -33.13 -36.36 14.29
CA ILE H 216 -33.38 -35.08 13.69
C ILE H 216 -34.51 -35.22 12.69
N PRO H 217 -35.61 -34.47 12.89
CA PRO H 217 -36.68 -34.54 11.92
C PRO H 217 -36.14 -34.07 10.55
N ALA H 218 -36.62 -34.66 9.47
CA ALA H 218 -36.10 -34.33 8.15
C ALA H 218 -37.14 -34.39 7.06
N LYS H 219 -36.85 -33.75 5.94
CA LYS H 219 -37.72 -33.74 4.76
C LYS H 219 -36.85 -34.13 3.57
N LEU H 220 -37.33 -35.06 2.78
CA LEU H 220 -36.61 -35.53 1.60
C LEU H 220 -37.24 -34.91 0.37
N VAL H 221 -36.48 -34.14 -0.39
CA VAL H 221 -37.00 -33.54 -1.60
C VAL H 221 -36.78 -34.53 -2.76
#